data_2OZH
# 
_entry.id   2OZH 
# 
_audit_conform.dict_name       mmcif_pdbx.dic 
_audit_conform.dict_version    5.397 
_audit_conform.dict_location   http://mmcif.pdb.org/dictionaries/ascii/mmcif_pdbx.dic 
# 
loop_
_database_2.database_id 
_database_2.database_code 
_database_2.pdbx_database_accession 
_database_2.pdbx_DOI 
PDB   2OZH         pdb_00002ozh 10.2210/pdb2ozh/pdb 
RCSB  RCSB041777   ?            ?                   
WWPDB D_1000041777 ?            ?                   
# 
loop_
_pdbx_audit_revision_history.ordinal 
_pdbx_audit_revision_history.data_content_type 
_pdbx_audit_revision_history.major_revision 
_pdbx_audit_revision_history.minor_revision 
_pdbx_audit_revision_history.revision_date 
1 'Structure model' 1 0 2007-03-20 
2 'Structure model' 1 1 2008-05-01 
3 'Structure model' 1 2 2011-07-13 
4 'Structure model' 1 3 2017-10-18 
5 'Structure model' 1 4 2023-01-25 
6 'Structure model' 1 5 2024-10-16 
# 
_pdbx_audit_revision_details.ordinal             1 
_pdbx_audit_revision_details.revision_ordinal    1 
_pdbx_audit_revision_details.data_content_type   'Structure model' 
_pdbx_audit_revision_details.provider            repository 
_pdbx_audit_revision_details.type                'Initial release' 
_pdbx_audit_revision_details.description         ? 
_pdbx_audit_revision_details.details             ? 
# 
loop_
_pdbx_audit_revision_group.ordinal 
_pdbx_audit_revision_group.revision_ordinal 
_pdbx_audit_revision_group.data_content_type 
_pdbx_audit_revision_group.group 
1 2 'Structure model' 'Version format compliance' 
2 3 'Structure model' Advisory                    
3 3 'Structure model' 'Derived calculations'      
4 3 'Structure model' 'Version format compliance' 
5 4 'Structure model' 'Refinement description'    
6 5 'Structure model' 'Database references'       
7 5 'Structure model' 'Derived calculations'      
8 6 'Structure model' 'Data collection'           
9 6 'Structure model' 'Structure summary'         
# 
loop_
_pdbx_audit_revision_category.ordinal 
_pdbx_audit_revision_category.revision_ordinal 
_pdbx_audit_revision_category.data_content_type 
_pdbx_audit_revision_category.category 
1  4 'Structure model' software                     
2  5 'Structure model' database_2                   
3  5 'Structure model' pdbx_struct_special_symmetry 
4  5 'Structure model' struct_conn                  
5  5 'Structure model' struct_ref_seq_dif           
6  5 'Structure model' struct_site                  
7  6 'Structure model' chem_comp_atom               
8  6 'Structure model' chem_comp_bond               
9  6 'Structure model' pdbx_entry_details           
10 6 'Structure model' pdbx_modification_feature    
# 
loop_
_pdbx_audit_revision_item.ordinal 
_pdbx_audit_revision_item.revision_ordinal 
_pdbx_audit_revision_item.data_content_type 
_pdbx_audit_revision_item.item 
1 4 'Structure model' '_software.classification'            
2 4 'Structure model' '_software.name'                      
3 5 'Structure model' '_database_2.pdbx_DOI'                
4 5 'Structure model' '_database_2.pdbx_database_accession' 
5 5 'Structure model' '_struct_conn.pdbx_leaving_atom_flag' 
6 5 'Structure model' '_struct_ref_seq_dif.details'         
7 5 'Structure model' '_struct_site.pdbx_auth_asym_id'      
8 5 'Structure model' '_struct_site.pdbx_auth_comp_id'      
9 5 'Structure model' '_struct_site.pdbx_auth_seq_id'       
# 
_pdbx_database_status.SG_entry                        Y 
_pdbx_database_status.entry_id                        2OZH 
_pdbx_database_status.deposit_site                    RCSB 
_pdbx_database_status.process_site                    RCSB 
_pdbx_database_status.recvd_initial_deposition_date   2007-02-26 
_pdbx_database_status.status_code                     REL 
_pdbx_database_status.status_code_sf                  REL 
_pdbx_database_status.status_code_mr                  ? 
_pdbx_database_status.status_code_cs                  ? 
_pdbx_database_status.pdb_format_compatible           Y 
_pdbx_database_status.methods_development_category    ? 
_pdbx_database_status.status_code_nmr_data            ? 
# 
_pdbx_database_related.db_name        TargetDB 
_pdbx_database_related.db_id          371737 
_pdbx_database_related.details        . 
_pdbx_database_related.content_type   unspecified 
# 
_audit_author.name           'Joint Center for Structural Genomics (JCSG)' 
_audit_author.pdbx_ordinal   1 
# 
_citation.id                        primary 
_citation.title                     
'Crystal structure of hypothetical protein (NP_638301.1) from Xanthomonas campestris at 1.40 A resolution' 
_citation.journal_abbrev            'To be published' 
_citation.journal_volume            ? 
_citation.page_first                ? 
_citation.page_last                 ? 
_citation.year                      ? 
_citation.journal_id_ASTM           ? 
_citation.country                   ? 
_citation.journal_id_ISSN           ? 
_citation.journal_id_CSD            0353 
_citation.book_publisher            ? 
_citation.pdbx_database_id_PubMed   ? 
_citation.pdbx_database_id_DOI      ? 
# 
_citation_author.citation_id        primary 
_citation_author.name               'Joint Center for Structural Genomics (JCSG)' 
_citation_author.ordinal            1 
_citation_author.identifier_ORCID   ? 
# 
loop_
_entity.id 
_entity.type 
_entity.src_method 
_entity.pdbx_description 
_entity.formula_weight 
_entity.pdbx_number_of_molecules 
_entity.pdbx_ec 
_entity.pdbx_mutation 
_entity.pdbx_fragment 
_entity.details 
1 polymer     man 'Hypothetical protein XCC2953' 15975.532 1   ? ? ? ? 
2 non-polymer syn 'SULFATE ION'                  96.063    2   ? ? ? ? 
3 non-polymer syn 'UNKNOWN LIGAND'               ?         1   ? ? ? ? 
4 non-polymer syn 1,2-ETHANEDIOL                 62.068    5   ? ? ? ? 
5 water       nat water                          18.015    249 ? ? ? ? 
# 
_entity_poly.entity_id                      1 
_entity_poly.type                           'polypeptide(L)' 
_entity_poly.nstd_linkage                   no 
_entity_poly.nstd_monomer                   yes 
_entity_poly.pdbx_seq_one_letter_code       
;G(MSE)PHVHVSTDNSLLDIGLIHRTLSQDTDWAKDIPLALVQRAIDHSLCFGGFVDGRQVAFARVISDYATFAYLGDVF
VLPEHRGRGYSKAL(MSE)DAV(MSE)AHPDLQGLRRFSLATSDAHGLYARYGFTPPLFPQSL(MSE)ERYVPGLYST
;
_entity_poly.pdbx_seq_one_letter_code_can   
;GMPHVHVSTDNSLLDIGLIHRTLSQDTDWAKDIPLALVQRAIDHSLCFGGFVDGRQVAFARVISDYATFAYLGDVFVLPE
HRGRGYSKALMDAVMAHPDLQGLRRFSLATSDAHGLYARYGFTPPLFPQSLMERYVPGLYST
;
_entity_poly.pdbx_strand_id                 A 
_entity_poly.pdbx_target_identifier         371737 
# 
loop_
_pdbx_entity_nonpoly.entity_id 
_pdbx_entity_nonpoly.name 
_pdbx_entity_nonpoly.comp_id 
2 'SULFATE ION'    SO4 
3 'UNKNOWN LIGAND' UNL 
4 1,2-ETHANEDIOL   EDO 
5 water            HOH 
# 
loop_
_entity_poly_seq.entity_id 
_entity_poly_seq.num 
_entity_poly_seq.mon_id 
_entity_poly_seq.hetero 
1 1   GLY n 
1 2   MSE n 
1 3   PRO n 
1 4   HIS n 
1 5   VAL n 
1 6   HIS n 
1 7   VAL n 
1 8   SER n 
1 9   THR n 
1 10  ASP n 
1 11  ASN n 
1 12  SER n 
1 13  LEU n 
1 14  LEU n 
1 15  ASP n 
1 16  ILE n 
1 17  GLY n 
1 18  LEU n 
1 19  ILE n 
1 20  HIS n 
1 21  ARG n 
1 22  THR n 
1 23  LEU n 
1 24  SER n 
1 25  GLN n 
1 26  ASP n 
1 27  THR n 
1 28  ASP n 
1 29  TRP n 
1 30  ALA n 
1 31  LYS n 
1 32  ASP n 
1 33  ILE n 
1 34  PRO n 
1 35  LEU n 
1 36  ALA n 
1 37  LEU n 
1 38  VAL n 
1 39  GLN n 
1 40  ARG n 
1 41  ALA n 
1 42  ILE n 
1 43  ASP n 
1 44  HIS n 
1 45  SER n 
1 46  LEU n 
1 47  CYS n 
1 48  PHE n 
1 49  GLY n 
1 50  GLY n 
1 51  PHE n 
1 52  VAL n 
1 53  ASP n 
1 54  GLY n 
1 55  ARG n 
1 56  GLN n 
1 57  VAL n 
1 58  ALA n 
1 59  PHE n 
1 60  ALA n 
1 61  ARG n 
1 62  VAL n 
1 63  ILE n 
1 64  SER n 
1 65  ASP n 
1 66  TYR n 
1 67  ALA n 
1 68  THR n 
1 69  PHE n 
1 70  ALA n 
1 71  TYR n 
1 72  LEU n 
1 73  GLY n 
1 74  ASP n 
1 75  VAL n 
1 76  PHE n 
1 77  VAL n 
1 78  LEU n 
1 79  PRO n 
1 80  GLU n 
1 81  HIS n 
1 82  ARG n 
1 83  GLY n 
1 84  ARG n 
1 85  GLY n 
1 86  TYR n 
1 87  SER n 
1 88  LYS n 
1 89  ALA n 
1 90  LEU n 
1 91  MSE n 
1 92  ASP n 
1 93  ALA n 
1 94  VAL n 
1 95  MSE n 
1 96  ALA n 
1 97  HIS n 
1 98  PRO n 
1 99  ASP n 
1 100 LEU n 
1 101 GLN n 
1 102 GLY n 
1 103 LEU n 
1 104 ARG n 
1 105 ARG n 
1 106 PHE n 
1 107 SER n 
1 108 LEU n 
1 109 ALA n 
1 110 THR n 
1 111 SER n 
1 112 ASP n 
1 113 ALA n 
1 114 HIS n 
1 115 GLY n 
1 116 LEU n 
1 117 TYR n 
1 118 ALA n 
1 119 ARG n 
1 120 TYR n 
1 121 GLY n 
1 122 PHE n 
1 123 THR n 
1 124 PRO n 
1 125 PRO n 
1 126 LEU n 
1 127 PHE n 
1 128 PRO n 
1 129 GLN n 
1 130 SER n 
1 131 LEU n 
1 132 MSE n 
1 133 GLU n 
1 134 ARG n 
1 135 TYR n 
1 136 VAL n 
1 137 PRO n 
1 138 GLY n 
1 139 LEU n 
1 140 TYR n 
1 141 SER n 
1 142 THR n 
# 
_entity_src_gen.entity_id                          1 
_entity_src_gen.pdbx_src_id                        1 
_entity_src_gen.pdbx_alt_source_flag               sample 
_entity_src_gen.pdbx_seq_type                      ? 
_entity_src_gen.pdbx_beg_seq_num                   ? 
_entity_src_gen.pdbx_end_seq_num                   ? 
_entity_src_gen.gene_src_common_name               ? 
_entity_src_gen.gene_src_genus                     Xanthomonas 
_entity_src_gen.pdbx_gene_src_gene                 'NP_638301.1, XCC2953' 
_entity_src_gen.gene_src_species                   'Xanthomonas campestris' 
_entity_src_gen.gene_src_strain                    'NCPPB528, LMG568' 
_entity_src_gen.gene_src_tissue                    ? 
_entity_src_gen.gene_src_tissue_fraction           ? 
_entity_src_gen.gene_src_details                   ? 
_entity_src_gen.pdbx_gene_src_fragment             ? 
_entity_src_gen.pdbx_gene_src_scientific_name      'Xanthomonas campestris pv. campestris' 
_entity_src_gen.pdbx_gene_src_ncbi_taxonomy_id     340 
_entity_src_gen.pdbx_gene_src_variant              ? 
_entity_src_gen.pdbx_gene_src_cell_line            ? 
_entity_src_gen.pdbx_gene_src_atcc                 33913 
_entity_src_gen.pdbx_gene_src_organ                ? 
_entity_src_gen.pdbx_gene_src_organelle            ? 
_entity_src_gen.pdbx_gene_src_cell                 ? 
_entity_src_gen.pdbx_gene_src_cellular_location    ? 
_entity_src_gen.host_org_common_name               ? 
_entity_src_gen.pdbx_host_org_scientific_name      'Escherichia coli' 
_entity_src_gen.pdbx_host_org_ncbi_taxonomy_id     562 
_entity_src_gen.host_org_genus                     Escherichia 
_entity_src_gen.pdbx_host_org_gene                 ? 
_entity_src_gen.pdbx_host_org_organ                ? 
_entity_src_gen.host_org_species                   ? 
_entity_src_gen.pdbx_host_org_tissue               ? 
_entity_src_gen.pdbx_host_org_tissue_fraction      ? 
_entity_src_gen.pdbx_host_org_strain               HK100 
_entity_src_gen.pdbx_host_org_variant              ? 
_entity_src_gen.pdbx_host_org_cell_line            ? 
_entity_src_gen.pdbx_host_org_atcc                 ? 
_entity_src_gen.pdbx_host_org_culture_collection   ? 
_entity_src_gen.pdbx_host_org_cell                 ? 
_entity_src_gen.pdbx_host_org_organelle            ? 
_entity_src_gen.pdbx_host_org_cellular_location    ? 
_entity_src_gen.pdbx_host_org_vector_type          Plasmid 
_entity_src_gen.pdbx_host_org_vector               ? 
_entity_src_gen.host_org_details                   ? 
_entity_src_gen.expression_system_id               ? 
_entity_src_gen.plasmid_name                       speedET 
_entity_src_gen.plasmid_details                    ? 
_entity_src_gen.pdbx_description                   ? 
# 
loop_
_chem_comp.id 
_chem_comp.type 
_chem_comp.mon_nstd_flag 
_chem_comp.name 
_chem_comp.pdbx_synonyms 
_chem_comp.formula 
_chem_comp.formula_weight 
ALA 'L-peptide linking' y ALANINE          ?                 'C3 H7 N O2'     89.093  
ARG 'L-peptide linking' y ARGININE         ?                 'C6 H15 N4 O2 1' 175.209 
ASN 'L-peptide linking' y ASPARAGINE       ?                 'C4 H8 N2 O3'    132.118 
ASP 'L-peptide linking' y 'ASPARTIC ACID'  ?                 'C4 H7 N O4'     133.103 
CYS 'L-peptide linking' y CYSTEINE         ?                 'C3 H7 N O2 S'   121.158 
EDO non-polymer         . 1,2-ETHANEDIOL   'ETHYLENE GLYCOL' 'C2 H6 O2'       62.068  
GLN 'L-peptide linking' y GLUTAMINE        ?                 'C5 H10 N2 O3'   146.144 
GLU 'L-peptide linking' y 'GLUTAMIC ACID'  ?                 'C5 H9 N O4'     147.129 
GLY 'peptide linking'   y GLYCINE          ?                 'C2 H5 N O2'     75.067  
HIS 'L-peptide linking' y HISTIDINE        ?                 'C6 H10 N3 O2 1' 156.162 
HOH non-polymer         . WATER            ?                 'H2 O'           18.015  
ILE 'L-peptide linking' y ISOLEUCINE       ?                 'C6 H13 N O2'    131.173 
LEU 'L-peptide linking' y LEUCINE          ?                 'C6 H13 N O2'    131.173 
LYS 'L-peptide linking' y LYSINE           ?                 'C6 H15 N2 O2 1' 147.195 
MET 'L-peptide linking' y METHIONINE       ?                 'C5 H11 N O2 S'  149.211 
MSE 'L-peptide linking' n SELENOMETHIONINE ?                 'C5 H11 N O2 Se' 196.106 
PHE 'L-peptide linking' y PHENYLALANINE    ?                 'C9 H11 N O2'    165.189 
PRO 'L-peptide linking' y PROLINE          ?                 'C5 H9 N O2'     115.130 
SER 'L-peptide linking' y SERINE           ?                 'C3 H7 N O3'     105.093 
SO4 non-polymer         . 'SULFATE ION'    ?                 'O4 S -2'        96.063  
THR 'L-peptide linking' y THREONINE        ?                 'C4 H9 N O3'     119.119 
TRP 'L-peptide linking' y TRYPTOPHAN       ?                 'C11 H12 N2 O2'  204.225 
TYR 'L-peptide linking' y TYROSINE         ?                 'C9 H11 N O3'    181.189 
UNL non-polymer         . 'UNKNOWN LIGAND' ?                 ?                ?       
VAL 'L-peptide linking' y VALINE           ?                 'C5 H11 N O2'    117.146 
# 
loop_
_pdbx_poly_seq_scheme.asym_id 
_pdbx_poly_seq_scheme.entity_id 
_pdbx_poly_seq_scheme.seq_id 
_pdbx_poly_seq_scheme.mon_id 
_pdbx_poly_seq_scheme.ndb_seq_num 
_pdbx_poly_seq_scheme.pdb_seq_num 
_pdbx_poly_seq_scheme.auth_seq_num 
_pdbx_poly_seq_scheme.pdb_mon_id 
_pdbx_poly_seq_scheme.auth_mon_id 
_pdbx_poly_seq_scheme.pdb_strand_id 
_pdbx_poly_seq_scheme.pdb_ins_code 
_pdbx_poly_seq_scheme.hetero 
A 1 1   GLY 1   0   0   GLY GLY A . n 
A 1 2   MSE 2   1   1   MSE MSE A . n 
A 1 3   PRO 3   2   2   PRO PRO A . n 
A 1 4   HIS 4   3   3   HIS HIS A . n 
A 1 5   VAL 5   4   4   VAL VAL A . n 
A 1 6   HIS 6   5   5   HIS HIS A . n 
A 1 7   VAL 7   6   6   VAL VAL A . n 
A 1 8   SER 8   7   7   SER SER A . n 
A 1 9   THR 9   8   8   THR THR A . n 
A 1 10  ASP 10  9   9   ASP ASP A . n 
A 1 11  ASN 11  10  10  ASN ASN A . n 
A 1 12  SER 12  11  11  SER SER A . n 
A 1 13  LEU 13  12  12  LEU LEU A . n 
A 1 14  LEU 14  13  13  LEU LEU A . n 
A 1 15  ASP 15  14  14  ASP ASP A . n 
A 1 16  ILE 16  15  15  ILE ILE A . n 
A 1 17  GLY 17  16  16  GLY GLY A . n 
A 1 18  LEU 18  17  17  LEU LEU A . n 
A 1 19  ILE 19  18  18  ILE ILE A . n 
A 1 20  HIS 20  19  19  HIS HIS A . n 
A 1 21  ARG 21  20  20  ARG ARG A . n 
A 1 22  THR 22  21  21  THR THR A . n 
A 1 23  LEU 23  22  22  LEU LEU A . n 
A 1 24  SER 24  23  23  SER SER A . n 
A 1 25  GLN 25  24  24  GLN GLN A . n 
A 1 26  ASP 26  25  25  ASP ASP A . n 
A 1 27  THR 27  26  26  THR THR A . n 
A 1 28  ASP 28  27  27  ASP ASP A . n 
A 1 29  TRP 29  28  28  TRP TRP A . n 
A 1 30  ALA 30  29  29  ALA ALA A . n 
A 1 31  LYS 31  30  30  LYS LYS A . n 
A 1 32  ASP 32  31  31  ASP ASP A . n 
A 1 33  ILE 33  32  32  ILE ILE A . n 
A 1 34  PRO 34  33  33  PRO PRO A . n 
A 1 35  LEU 35  34  34  LEU LEU A . n 
A 1 36  ALA 36  35  35  ALA ALA A . n 
A 1 37  LEU 37  36  36  LEU LEU A . n 
A 1 38  VAL 38  37  37  VAL VAL A . n 
A 1 39  GLN 39  38  38  GLN GLN A . n 
A 1 40  ARG 40  39  39  ARG ARG A . n 
A 1 41  ALA 41  40  40  ALA ALA A . n 
A 1 42  ILE 42  41  41  ILE ILE A . n 
A 1 43  ASP 43  42  42  ASP ASP A . n 
A 1 44  HIS 44  43  43  HIS HIS A . n 
A 1 45  SER 45  44  44  SER SER A . n 
A 1 46  LEU 46  45  45  LEU LEU A . n 
A 1 47  CYS 47  46  46  CYS CYS A . n 
A 1 48  PHE 48  47  47  PHE PHE A . n 
A 1 49  GLY 49  48  48  GLY GLY A . n 
A 1 50  GLY 50  49  49  GLY GLY A . n 
A 1 51  PHE 51  50  50  PHE PHE A . n 
A 1 52  VAL 52  51  51  VAL VAL A . n 
A 1 53  ASP 53  52  52  ASP ASP A . n 
A 1 54  GLY 54  53  53  GLY GLY A . n 
A 1 55  ARG 55  54  54  ARG ARG A . n 
A 1 56  GLN 56  55  55  GLN GLN A . n 
A 1 57  VAL 57  56  56  VAL VAL A . n 
A 1 58  ALA 58  57  57  ALA ALA A . n 
A 1 59  PHE 59  58  58  PHE PHE A . n 
A 1 60  ALA 60  59  59  ALA ALA A . n 
A 1 61  ARG 61  60  60  ARG ARG A . n 
A 1 62  VAL 62  61  61  VAL VAL A . n 
A 1 63  ILE 63  62  62  ILE ILE A . n 
A 1 64  SER 64  63  63  SER SER A . n 
A 1 65  ASP 65  64  64  ASP ASP A . n 
A 1 66  TYR 66  65  65  TYR TYR A . n 
A 1 67  ALA 67  66  66  ALA ALA A . n 
A 1 68  THR 68  67  67  THR THR A . n 
A 1 69  PHE 69  68  68  PHE PHE A . n 
A 1 70  ALA 70  69  69  ALA ALA A . n 
A 1 71  TYR 71  70  70  TYR TYR A . n 
A 1 72  LEU 72  71  71  LEU LEU A . n 
A 1 73  GLY 73  72  72  GLY GLY A . n 
A 1 74  ASP 74  73  73  ASP ASP A . n 
A 1 75  VAL 75  74  74  VAL VAL A . n 
A 1 76  PHE 76  75  75  PHE PHE A . n 
A 1 77  VAL 77  76  76  VAL VAL A . n 
A 1 78  LEU 78  77  77  LEU LEU A . n 
A 1 79  PRO 79  78  78  PRO PRO A . n 
A 1 80  GLU 80  79  79  GLU GLU A . n 
A 1 81  HIS 81  80  80  HIS HIS A . n 
A 1 82  ARG 82  81  81  ARG ARG A . n 
A 1 83  GLY 83  82  82  GLY GLY A . n 
A 1 84  ARG 84  83  83  ARG ARG A . n 
A 1 85  GLY 85  84  84  GLY GLY A . n 
A 1 86  TYR 86  85  85  TYR TYR A . n 
A 1 87  SER 87  86  86  SER SER A . n 
A 1 88  LYS 88  87  87  LYS LYS A . n 
A 1 89  ALA 89  88  88  ALA ALA A . n 
A 1 90  LEU 90  89  89  LEU LEU A . n 
A 1 91  MSE 91  90  90  MSE MSE A . n 
A 1 92  ASP 92  91  91  ASP ASP A . n 
A 1 93  ALA 93  92  92  ALA ALA A . n 
A 1 94  VAL 94  93  93  VAL VAL A . n 
A 1 95  MSE 95  94  94  MSE MSE A . n 
A 1 96  ALA 96  95  95  ALA ALA A . n 
A 1 97  HIS 97  96  96  HIS HIS A . n 
A 1 98  PRO 98  97  97  PRO PRO A . n 
A 1 99  ASP 99  98  98  ASP ASP A . n 
A 1 100 LEU 100 99  99  LEU LEU A . n 
A 1 101 GLN 101 100 100 GLN GLN A . n 
A 1 102 GLY 102 101 101 GLY GLY A . n 
A 1 103 LEU 103 102 102 LEU LEU A . n 
A 1 104 ARG 104 103 103 ARG ARG A . n 
A 1 105 ARG 105 104 104 ARG ARG A . n 
A 1 106 PHE 106 105 105 PHE PHE A . n 
A 1 107 SER 107 106 106 SER SER A . n 
A 1 108 LEU 108 107 107 LEU LEU A . n 
A 1 109 ALA 109 108 108 ALA ALA A . n 
A 1 110 THR 110 109 109 THR THR A . n 
A 1 111 SER 111 110 110 SER SER A . n 
A 1 112 ASP 112 111 111 ASP ASP A . n 
A 1 113 ALA 113 112 112 ALA ALA A . n 
A 1 114 HIS 114 113 113 HIS HIS A . n 
A 1 115 GLY 115 114 114 GLY GLY A . n 
A 1 116 LEU 116 115 115 LEU LEU A . n 
A 1 117 TYR 117 116 116 TYR TYR A . n 
A 1 118 ALA 118 117 117 ALA ALA A . n 
A 1 119 ARG 119 118 118 ARG ARG A . n 
A 1 120 TYR 120 119 119 TYR TYR A . n 
A 1 121 GLY 121 120 120 GLY GLY A . n 
A 1 122 PHE 122 121 121 PHE PHE A . n 
A 1 123 THR 123 122 122 THR THR A . n 
A 1 124 PRO 124 123 123 PRO PRO A . n 
A 1 125 PRO 125 124 124 PRO PRO A . n 
A 1 126 LEU 126 125 125 LEU LEU A . n 
A 1 127 PHE 127 126 126 PHE PHE A . n 
A 1 128 PRO 128 127 127 PRO PRO A . n 
A 1 129 GLN 129 128 128 GLN GLN A . n 
A 1 130 SER 130 129 129 SER SER A . n 
A 1 131 LEU 131 130 130 LEU LEU A . n 
A 1 132 MSE 132 131 131 MSE MSE A . n 
A 1 133 GLU 133 132 132 GLU GLU A . n 
A 1 134 ARG 134 133 133 ARG ARG A . n 
A 1 135 TYR 135 134 134 TYR TYR A . n 
A 1 136 VAL 136 135 135 VAL VAL A . n 
A 1 137 PRO 137 136 136 PRO PRO A . n 
A 1 138 GLY 138 137 137 GLY GLY A . n 
A 1 139 LEU 139 138 138 LEU LEU A . n 
A 1 140 TYR 140 139 139 TYR TYR A . n 
A 1 141 SER 141 140 140 SER SER A . n 
A 1 142 THR 142 141 141 THR THR A . n 
# 
loop_
_pdbx_nonpoly_scheme.asym_id 
_pdbx_nonpoly_scheme.entity_id 
_pdbx_nonpoly_scheme.mon_id 
_pdbx_nonpoly_scheme.ndb_seq_num 
_pdbx_nonpoly_scheme.pdb_seq_num 
_pdbx_nonpoly_scheme.auth_seq_num 
_pdbx_nonpoly_scheme.pdb_mon_id 
_pdbx_nonpoly_scheme.auth_mon_id 
_pdbx_nonpoly_scheme.pdb_strand_id 
_pdbx_nonpoly_scheme.pdb_ins_code 
B 2 SO4 1   142 1   SO4 SO4 A . 
C 2 SO4 1   143 2   SO4 SO4 A . 
D 3 UNL 1   300 300 UNL UNL A . 
E 4 EDO 1   301 3   EDO EDO A . 
F 4 EDO 1   302 4   EDO EDO A . 
G 4 EDO 1   303 5   EDO EDO A . 
H 4 EDO 1   304 6   EDO EDO A . 
I 4 EDO 1   305 7   EDO EDO A . 
J 5 HOH 1   306 8   HOH HOH A . 
J 5 HOH 2   307 9   HOH HOH A . 
J 5 HOH 3   308 10  HOH HOH A . 
J 5 HOH 4   309 11  HOH HOH A . 
J 5 HOH 5   310 12  HOH HOH A . 
J 5 HOH 6   311 13  HOH HOH A . 
J 5 HOH 7   312 14  HOH HOH A . 
J 5 HOH 8   313 15  HOH HOH A . 
J 5 HOH 9   314 16  HOH HOH A . 
J 5 HOH 10  315 17  HOH HOH A . 
J 5 HOH 11  316 18  HOH HOH A . 
J 5 HOH 12  317 19  HOH HOH A . 
J 5 HOH 13  318 20  HOH HOH A . 
J 5 HOH 14  319 21  HOH HOH A . 
J 5 HOH 15  320 22  HOH HOH A . 
J 5 HOH 16  321 23  HOH HOH A . 
J 5 HOH 17  322 24  HOH HOH A . 
J 5 HOH 18  323 25  HOH HOH A . 
J 5 HOH 19  324 26  HOH HOH A . 
J 5 HOH 20  325 27  HOH HOH A . 
J 5 HOH 21  326 28  HOH HOH A . 
J 5 HOH 22  327 29  HOH HOH A . 
J 5 HOH 23  328 30  HOH HOH A . 
J 5 HOH 24  329 31  HOH HOH A . 
J 5 HOH 25  330 32  HOH HOH A . 
J 5 HOH 26  331 33  HOH HOH A . 
J 5 HOH 27  332 34  HOH HOH A . 
J 5 HOH 28  333 35  HOH HOH A . 
J 5 HOH 29  334 36  HOH HOH A . 
J 5 HOH 30  335 37  HOH HOH A . 
J 5 HOH 31  336 38  HOH HOH A . 
J 5 HOH 32  337 39  HOH HOH A . 
J 5 HOH 33  338 40  HOH HOH A . 
J 5 HOH 34  339 41  HOH HOH A . 
J 5 HOH 35  340 42  HOH HOH A . 
J 5 HOH 36  341 43  HOH HOH A . 
J 5 HOH 37  342 44  HOH HOH A . 
J 5 HOH 38  343 45  HOH HOH A . 
J 5 HOH 39  344 46  HOH HOH A . 
J 5 HOH 40  345 47  HOH HOH A . 
J 5 HOH 41  346 48  HOH HOH A . 
J 5 HOH 42  347 49  HOH HOH A . 
J 5 HOH 43  348 50  HOH HOH A . 
J 5 HOH 44  349 51  HOH HOH A . 
J 5 HOH 45  350 52  HOH HOH A . 
J 5 HOH 46  351 53  HOH HOH A . 
J 5 HOH 47  352 54  HOH HOH A . 
J 5 HOH 48  353 55  HOH HOH A . 
J 5 HOH 49  354 56  HOH HOH A . 
J 5 HOH 50  355 57  HOH HOH A . 
J 5 HOH 51  356 58  HOH HOH A . 
J 5 HOH 52  357 59  HOH HOH A . 
J 5 HOH 53  358 60  HOH HOH A . 
J 5 HOH 54  359 61  HOH HOH A . 
J 5 HOH 55  360 62  HOH HOH A . 
J 5 HOH 56  361 63  HOH HOH A . 
J 5 HOH 57  362 64  HOH HOH A . 
J 5 HOH 58  363 65  HOH HOH A . 
J 5 HOH 59  364 66  HOH HOH A . 
J 5 HOH 60  365 67  HOH HOH A . 
J 5 HOH 61  366 68  HOH HOH A . 
J 5 HOH 62  367 69  HOH HOH A . 
J 5 HOH 63  368 70  HOH HOH A . 
J 5 HOH 64  369 71  HOH HOH A . 
J 5 HOH 65  370 72  HOH HOH A . 
J 5 HOH 66  371 73  HOH HOH A . 
J 5 HOH 67  372 74  HOH HOH A . 
J 5 HOH 68  373 75  HOH HOH A . 
J 5 HOH 69  374 76  HOH HOH A . 
J 5 HOH 70  375 77  HOH HOH A . 
J 5 HOH 71  376 78  HOH HOH A . 
J 5 HOH 72  377 79  HOH HOH A . 
J 5 HOH 73  378 80  HOH HOH A . 
J 5 HOH 74  379 81  HOH HOH A . 
J 5 HOH 75  380 82  HOH HOH A . 
J 5 HOH 76  381 83  HOH HOH A . 
J 5 HOH 77  382 84  HOH HOH A . 
J 5 HOH 78  383 85  HOH HOH A . 
J 5 HOH 79  384 86  HOH HOH A . 
J 5 HOH 80  385 87  HOH HOH A . 
J 5 HOH 81  386 88  HOH HOH A . 
J 5 HOH 82  387 89  HOH HOH A . 
J 5 HOH 83  388 90  HOH HOH A . 
J 5 HOH 84  389 91  HOH HOH A . 
J 5 HOH 85  390 92  HOH HOH A . 
J 5 HOH 86  391 93  HOH HOH A . 
J 5 HOH 87  392 94  HOH HOH A . 
J 5 HOH 88  393 95  HOH HOH A . 
J 5 HOH 89  394 96  HOH HOH A . 
J 5 HOH 90  395 97  HOH HOH A . 
J 5 HOH 91  396 98  HOH HOH A . 
J 5 HOH 92  397 99  HOH HOH A . 
J 5 HOH 93  398 100 HOH HOH A . 
J 5 HOH 94  399 101 HOH HOH A . 
J 5 HOH 95  400 102 HOH HOH A . 
J 5 HOH 96  401 103 HOH HOH A . 
J 5 HOH 97  402 104 HOH HOH A . 
J 5 HOH 98  403 105 HOH HOH A . 
J 5 HOH 99  404 106 HOH HOH A . 
J 5 HOH 100 405 107 HOH HOH A . 
J 5 HOH 101 406 108 HOH HOH A . 
J 5 HOH 102 407 109 HOH HOH A . 
J 5 HOH 103 408 110 HOH HOH A . 
J 5 HOH 104 409 111 HOH HOH A . 
J 5 HOH 105 410 112 HOH HOH A . 
J 5 HOH 106 411 113 HOH HOH A . 
J 5 HOH 107 412 114 HOH HOH A . 
J 5 HOH 108 413 115 HOH HOH A . 
J 5 HOH 109 414 116 HOH HOH A . 
J 5 HOH 110 415 117 HOH HOH A . 
J 5 HOH 111 416 118 HOH HOH A . 
J 5 HOH 112 417 119 HOH HOH A . 
J 5 HOH 113 418 120 HOH HOH A . 
J 5 HOH 114 419 121 HOH HOH A . 
J 5 HOH 115 420 122 HOH HOH A . 
J 5 HOH 116 421 123 HOH HOH A . 
J 5 HOH 117 422 124 HOH HOH A . 
J 5 HOH 118 423 125 HOH HOH A . 
J 5 HOH 119 424 126 HOH HOH A . 
J 5 HOH 120 425 127 HOH HOH A . 
J 5 HOH 121 426 128 HOH HOH A . 
J 5 HOH 122 427 129 HOH HOH A . 
J 5 HOH 123 428 130 HOH HOH A . 
J 5 HOH 124 429 131 HOH HOH A . 
J 5 HOH 125 430 132 HOH HOH A . 
J 5 HOH 126 431 133 HOH HOH A . 
J 5 HOH 127 432 134 HOH HOH A . 
J 5 HOH 128 433 135 HOH HOH A . 
J 5 HOH 129 434 136 HOH HOH A . 
J 5 HOH 130 435 137 HOH HOH A . 
J 5 HOH 131 436 138 HOH HOH A . 
J 5 HOH 132 437 139 HOH HOH A . 
J 5 HOH 133 438 140 HOH HOH A . 
J 5 HOH 134 439 141 HOH HOH A . 
J 5 HOH 135 440 142 HOH HOH A . 
J 5 HOH 136 441 143 HOH HOH A . 
J 5 HOH 137 442 144 HOH HOH A . 
J 5 HOH 138 443 145 HOH HOH A . 
J 5 HOH 139 444 146 HOH HOH A . 
J 5 HOH 140 445 147 HOH HOH A . 
J 5 HOH 141 446 148 HOH HOH A . 
J 5 HOH 142 447 149 HOH HOH A . 
J 5 HOH 143 448 150 HOH HOH A . 
J 5 HOH 144 449 151 HOH HOH A . 
J 5 HOH 145 450 152 HOH HOH A . 
J 5 HOH 146 451 153 HOH HOH A . 
J 5 HOH 147 452 154 HOH HOH A . 
J 5 HOH 148 453 155 HOH HOH A . 
J 5 HOH 149 454 156 HOH HOH A . 
J 5 HOH 150 455 157 HOH HOH A . 
J 5 HOH 151 456 158 HOH HOH A . 
J 5 HOH 152 457 159 HOH HOH A . 
J 5 HOH 153 458 160 HOH HOH A . 
J 5 HOH 154 459 161 HOH HOH A . 
J 5 HOH 155 460 162 HOH HOH A . 
J 5 HOH 156 461 163 HOH HOH A . 
J 5 HOH 157 462 164 HOH HOH A . 
J 5 HOH 158 463 165 HOH HOH A . 
J 5 HOH 159 464 166 HOH HOH A . 
J 5 HOH 160 465 167 HOH HOH A . 
J 5 HOH 161 466 168 HOH HOH A . 
J 5 HOH 162 467 169 HOH HOH A . 
J 5 HOH 163 468 170 HOH HOH A . 
J 5 HOH 164 469 171 HOH HOH A . 
J 5 HOH 165 470 172 HOH HOH A . 
J 5 HOH 166 471 173 HOH HOH A . 
J 5 HOH 167 472 174 HOH HOH A . 
J 5 HOH 168 473 175 HOH HOH A . 
J 5 HOH 169 474 176 HOH HOH A . 
J 5 HOH 170 475 177 HOH HOH A . 
J 5 HOH 171 476 178 HOH HOH A . 
J 5 HOH 172 477 179 HOH HOH A . 
J 5 HOH 173 478 180 HOH HOH A . 
J 5 HOH 174 479 181 HOH HOH A . 
J 5 HOH 175 480 182 HOH HOH A . 
J 5 HOH 176 481 183 HOH HOH A . 
J 5 HOH 177 482 184 HOH HOH A . 
J 5 HOH 178 483 185 HOH HOH A . 
J 5 HOH 179 484 186 HOH HOH A . 
J 5 HOH 180 485 187 HOH HOH A . 
J 5 HOH 181 486 188 HOH HOH A . 
J 5 HOH 182 487 189 HOH HOH A . 
J 5 HOH 183 488 190 HOH HOH A . 
J 5 HOH 184 489 191 HOH HOH A . 
J 5 HOH 185 490 192 HOH HOH A . 
J 5 HOH 186 491 193 HOH HOH A . 
J 5 HOH 187 492 194 HOH HOH A . 
J 5 HOH 188 493 195 HOH HOH A . 
J 5 HOH 189 494 196 HOH HOH A . 
J 5 HOH 190 495 197 HOH HOH A . 
J 5 HOH 191 496 198 HOH HOH A . 
J 5 HOH 192 497 199 HOH HOH A . 
J 5 HOH 193 498 200 HOH HOH A . 
J 5 HOH 194 499 201 HOH HOH A . 
J 5 HOH 195 500 202 HOH HOH A . 
J 5 HOH 196 501 203 HOH HOH A . 
J 5 HOH 197 502 204 HOH HOH A . 
J 5 HOH 198 503 205 HOH HOH A . 
J 5 HOH 199 504 206 HOH HOH A . 
J 5 HOH 200 505 207 HOH HOH A . 
J 5 HOH 201 506 208 HOH HOH A . 
J 5 HOH 202 507 209 HOH HOH A . 
J 5 HOH 203 508 210 HOH HOH A . 
J 5 HOH 204 509 211 HOH HOH A . 
J 5 HOH 205 510 212 HOH HOH A . 
J 5 HOH 206 511 213 HOH HOH A . 
J 5 HOH 207 512 214 HOH HOH A . 
J 5 HOH 208 513 215 HOH HOH A . 
J 5 HOH 209 514 216 HOH HOH A . 
J 5 HOH 210 515 217 HOH HOH A . 
J 5 HOH 211 516 218 HOH HOH A . 
J 5 HOH 212 517 219 HOH HOH A . 
J 5 HOH 213 518 220 HOH HOH A . 
J 5 HOH 214 519 221 HOH HOH A . 
J 5 HOH 215 520 222 HOH HOH A . 
J 5 HOH 216 521 223 HOH HOH A . 
J 5 HOH 217 522 224 HOH HOH A . 
J 5 HOH 218 523 225 HOH HOH A . 
J 5 HOH 219 524 226 HOH HOH A . 
J 5 HOH 220 525 227 HOH HOH A . 
J 5 HOH 221 526 228 HOH HOH A . 
J 5 HOH 222 527 229 HOH HOH A . 
J 5 HOH 223 528 230 HOH HOH A . 
J 5 HOH 224 529 231 HOH HOH A . 
J 5 HOH 225 530 232 HOH HOH A . 
J 5 HOH 226 531 233 HOH HOH A . 
J 5 HOH 227 532 234 HOH HOH A . 
J 5 HOH 228 533 235 HOH HOH A . 
J 5 HOH 229 534 236 HOH HOH A . 
J 5 HOH 230 535 237 HOH HOH A . 
J 5 HOH 231 536 238 HOH HOH A . 
J 5 HOH 232 537 239 HOH HOH A . 
J 5 HOH 233 538 240 HOH HOH A . 
J 5 HOH 234 539 241 HOH HOH A . 
J 5 HOH 235 540 242 HOH HOH A . 
J 5 HOH 236 541 243 HOH HOH A . 
J 5 HOH 237 542 244 HOH HOH A . 
J 5 HOH 238 543 245 HOH HOH A . 
J 5 HOH 239 544 246 HOH HOH A . 
J 5 HOH 240 545 247 HOH HOH A . 
J 5 HOH 241 546 248 HOH HOH A . 
J 5 HOH 242 547 249 HOH HOH A . 
J 5 HOH 243 548 250 HOH HOH A . 
J 5 HOH 244 549 251 HOH HOH A . 
J 5 HOH 245 550 252 HOH HOH A . 
J 5 HOH 246 551 253 HOH HOH A . 
J 5 HOH 247 552 254 HOH HOH A . 
J 5 HOH 248 553 255 HOH HOH A . 
J 5 HOH 249 554 256 HOH HOH A . 
# 
loop_
_pdbx_unobs_or_zero_occ_atoms.id 
_pdbx_unobs_or_zero_occ_atoms.PDB_model_num 
_pdbx_unobs_or_zero_occ_atoms.polymer_flag 
_pdbx_unobs_or_zero_occ_atoms.occupancy_flag 
_pdbx_unobs_or_zero_occ_atoms.auth_asym_id 
_pdbx_unobs_or_zero_occ_atoms.auth_comp_id 
_pdbx_unobs_or_zero_occ_atoms.auth_seq_id 
_pdbx_unobs_or_zero_occ_atoms.PDB_ins_code 
_pdbx_unobs_or_zero_occ_atoms.auth_atom_id 
_pdbx_unobs_or_zero_occ_atoms.label_alt_id 
_pdbx_unobs_or_zero_occ_atoms.label_asym_id 
_pdbx_unobs_or_zero_occ_atoms.label_comp_id 
_pdbx_unobs_or_zero_occ_atoms.label_seq_id 
_pdbx_unobs_or_zero_occ_atoms.label_atom_id 
1 1 Y 1 A THR 141 ? CB  ? A THR 142 CB  
2 1 Y 1 A THR 141 ? OG1 ? A THR 142 OG1 
3 1 Y 1 A THR 141 ? CG2 ? A THR 142 CG2 
# 
loop_
_software.name 
_software.version 
_software.date 
_software.type 
_software.contact_author 
_software.contact_author_email 
_software.classification 
_software.location 
_software.language 
_software.citation_id 
_software.pdbx_ordinal 
MolProbity  3beta29   ?                package 'D.C. & J.S. Richardson lab' molprobity@kinemage.biochem.duke.edu 'model building'  
http://kinemage.biochem.duke.edu/molprobity/ ?          ? 1 
SOLVE       .         ?                package 'Tom Terwilliger'            terwilliger@LANL.gov                 phasing           
http://www.solve.lanl.gov/                   ?          ? 2 
REFMAC      5.2.0005  ?                program 'Murshudov, G.N.'            ccp4@dl.ac.uk                        refinement        
http://www.ccp4.ac.uk/main.html              Fortran_77 ? 3 
SCALA       .         ?                other   'Phil Evans'                 pre@mrc-lmb.cam.ac.uk                'data scaling'    
http://www.ccp4.ac.uk/dist/html/INDEX.html   Fortran_77 ? 4 
PDB_EXTRACT 2.000     'April. 3, 2006' package PDB                          sw-help@rcsb.rutgers.edu             'data extraction' 
http://pdb.rutgers.edu/software/             C++        ? 5 
MAR345      CCD       ?                ?       ?                            ?                                    'data collection' 
?                                            ?          ? 6 
MOSFLM      .         ?                ?       ?                            ?                                    'data reduction'  
?                                            ?          ? 7 
CCP4        '(SCALA)' ?                ?       ?                            ?                                    'data scaling'    
?                                            ?          ? 8 
# 
_cell.entry_id           2OZH 
_cell.length_a           101.957 
_cell.length_b           101.957 
_cell.length_c           101.957 
_cell.angle_alpha        90.000 
_cell.angle_beta         90.000 
_cell.angle_gamma        90.000 
_cell.pdbx_unique_axis   ? 
_cell.Z_PDB              24 
_cell.length_a_esd       ? 
_cell.length_b_esd       ? 
_cell.length_c_esd       ? 
_cell.angle_alpha_esd    ? 
_cell.angle_beta_esd     ? 
_cell.angle_gamma_esd    ? 
# 
_symmetry.entry_id                         2OZH 
_symmetry.Int_Tables_number                199 
_symmetry.space_group_name_H-M             'I 21 3' 
_symmetry.pdbx_full_space_group_name_H-M   ? 
_symmetry.cell_setting                     ? 
_symmetry.space_group_name_Hall            ? 
# 
_exptl.crystals_number   1 
_exptl.method            'X-RAY DIFFRACTION' 
_exptl.entry_id          2OZH 
# 
_exptl_crystal.id                    1 
_exptl_crystal.density_Matthews      2.76 
_exptl_crystal.density_meas          ? 
_exptl_crystal.density_percent_sol   55.48 
_exptl_crystal.description           ? 
_exptl_crystal.F_000                 ? 
_exptl_crystal.preparation           ? 
# 
_exptl_crystal_grow.crystal_id      1 
_exptl_crystal_grow.method          'VAPOR DIFFUSION, SITTING DROP' 
_exptl_crystal_grow.pH              9.0 
_exptl_crystal_grow.temp            277 
_exptl_crystal_grow.pdbx_details    'NANODROP, 1.6M (NH4)2SO4, 0.1M Bicine pH 9.0, VAPOR DIFFUSION, SITTING DROP, temperature 277K' 
_exptl_crystal_grow.temp_details    ? 
_exptl_crystal_grow.pdbx_pH_range   . 
# 
_diffrn.id                     1 
_diffrn.ambient_temp           100 
_diffrn.ambient_temp_details   ? 
_diffrn.crystal_id             1 
# 
_diffrn_detector.diffrn_id              1 
_diffrn_detector.detector               CCD 
_diffrn_detector.type                   'MARMOSAIC 325 mm CCD' 
_diffrn_detector.details                'Flat mirror (vertical focusing)' 
_diffrn_detector.pdbx_collection_date   2007-02-11 
# 
_diffrn_radiation.diffrn_id                        1 
_diffrn_radiation.pdbx_monochromatic_or_laue_m_l   M 
_diffrn_radiation.monochromator                    'Single crystal Si(111) bent (horizontal focusing)' 
_diffrn_radiation.pdbx_diffrn_protocol             MAD 
_diffrn_radiation.wavelength_id                    1 
_diffrn_radiation.pdbx_scattering_type             x-ray 
# 
loop_
_diffrn_radiation_wavelength.id 
_diffrn_radiation_wavelength.wavelength 
_diffrn_radiation_wavelength.wt 
1 0.91837 1.0 
2 0.97898 1.0 
3 0.97920 1.0 
# 
_diffrn_source.diffrn_id                   1 
_diffrn_source.source                      SYNCHROTRON 
_diffrn_source.pdbx_synchrotron_beamline   BL11-1 
_diffrn_source.type                        'SSRL BEAMLINE BL11-1' 
_diffrn_source.pdbx_wavelength_list        '0.91837, 0.97898, 0.97920' 
_diffrn_source.pdbx_wavelength             ? 
_diffrn_source.pdbx_synchrotron_site       SSRL 
# 
_reflns.entry_id                     2OZH 
_reflns.d_resolution_high            1.400 
_reflns.d_resolution_low             29.437 
_reflns.number_obs                   34768 
_reflns.pdbx_Rmerge_I_obs            0.081 
_reflns.pdbx_netI_over_sigmaI        5.400 
_reflns.pdbx_Rsym_value              0.081 
_reflns.pdbx_redundancy              7.400 
_reflns.percent_possible_obs         100.000 
_reflns.observed_criterion_sigma_F   ? 
_reflns.observed_criterion_sigma_I   ? 
_reflns.number_all                   ? 
_reflns.B_iso_Wilson_estimate        ? 
_reflns.R_free_details               ? 
_reflns.limit_h_max                  ? 
_reflns.limit_h_min                  ? 
_reflns.limit_k_max                  ? 
_reflns.limit_k_min                  ? 
_reflns.limit_l_max                  ? 
_reflns.limit_l_min                  ? 
_reflns.observed_criterion_F_max     ? 
_reflns.observed_criterion_F_min     ? 
_reflns.pdbx_chi_squared             ? 
_reflns.pdbx_scaling_rejects         ? 
_reflns.pdbx_ordinal                 1 
_reflns.pdbx_diffrn_id               1 
# 
loop_
_reflns_shell.d_res_high 
_reflns_shell.d_res_low 
_reflns_shell.number_measured_obs 
_reflns_shell.number_measured_all 
_reflns_shell.number_unique_obs 
_reflns_shell.Rmerge_I_obs 
_reflns_shell.meanI_over_sigI_obs 
_reflns_shell.pdbx_Rsym_value 
_reflns_shell.pdbx_chi_squared 
_reflns_shell.pdbx_redundancy 
_reflns_shell.percent_possible_obs 
_reflns_shell.number_unique_all 
_reflns_shell.percent_possible_all 
_reflns_shell.pdbx_ordinal 
_reflns_shell.pdbx_diffrn_id 
1.40 1.44  ? 18538 ? 0.592 1.3  0.592 ? 7.30 ? 2534 100.00 1  1 
1.44 1.48  ? 18128 ? 0.458 1.7  0.458 ? 7.30 ? 2471 100.00 2  1 
1.48 1.52  ? 18013 ? 0.394 1.9  0.394 ? 7.40 ? 2446 100.00 3  1 
1.52 1.57  ? 17290 ? 0.321 2.3  0.321 ? 7.40 ? 2346 100.00 4  1 
1.57 1.62  ? 16745 ? 0.262 2.9  0.262 ? 7.40 ? 2265 100.00 5  1 
1.62 1.67  ? 16577 ? 0.219 3.4  0.219 ? 7.40 ? 2237 100.00 6  1 
1.67 1.74  ? 15669 ? 0.185 4.1  0.185 ? 7.40 ? 2109 100.00 7  1 
1.74 1.81  ? 15298 ? 0.154 4.8  0.154 ? 7.40 ? 2057 100.00 8  1 
1.81 1.89  ? 14669 ? 0.127 5.6  0.127 ? 7.40 ? 1975 100.00 9  1 
1.89 1.98  ? 13974 ? 0.103 6.6  0.103 ? 7.50 ? 1873 100.00 10 1 
1.98 2.09  ? 13402 ? 0.094 6.9  0.094 ? 7.40 ? 1801 100.00 11 1 
2.09 2.21  ? 12639 ? 0.088 7.4  0.088 ? 7.40 ? 1701 100.00 12 1 
2.21 2.37  ? 11823 ? 0.087 7.4  0.087 ? 7.40 ? 1596 100.00 13 1 
2.37 2.56  ? 11088 ? 0.082 7.7  0.082 ? 7.40 ? 1501 100.00 14 1 
2.56 2.80  ? 10097 ? 0.07  8.8  0.07  ? 7.40 ? 1361 100.00 15 1 
2.80 3.13  ? 9518  ? 0.061 10.1 0.061 ? 7.50 ? 1276 100.00 16 1 
3.13 3.61  ? 8113  ? 0.053 11.2 0.053 ? 7.40 ? 1097 100.00 17 1 
3.61 4.43  ? 7001  ? 0.052 11.4 0.052 ? 7.40 ? 949  100.00 18 1 
4.43 6.26  ? 5455  ? 0.054 10.4 0.054 ? 7.30 ? 751  100.00 19 1 
6.26 29.44 ? 2833  ? 0.056 10.6 0.056 ? 6.70 ? 422  99.00  20 1 
# 
_refine.entry_id                                 2OZH 
_refine.ls_d_res_high                            1.400 
_refine.ls_d_res_low                             29.437 
_refine.pdbx_ls_sigma_F                          0.00 
_refine.ls_percent_reflns_obs                    99.740 
_refine.ls_number_reflns_obs                     34667 
_refine.pdbx_ls_cross_valid_method               THROUGHOUT 
_refine.pdbx_R_Free_selection_details            RANDOM 
_refine.details                                  
;1. HYDROGENS HAVE BEEN ADDED IN THE RIDING POSITIONS. 
2. ATOM RECORD CONTAINS RESIDUAL B FACTORS ONLY. 
3. A MET-INHIBITION PROTOCOL WAS USED FOR SELENOMETHIONINE 
INCORPORATION DURING PROTEIN EXPRESSION. THE OCCUPANCY 
OF THE SE ATOMS IN THE MSE RESIDUES WAS REDUCED TO 0.75 
FOR THE REDUCED SCATTERING POWER DUE TO PARTIAL S-MET INCORPORATION. 
4. SO4 AND EDO WERE MODELED BASED ON CRYSTALLIZATION AND CRYO 
CONDITIONS. 
5. THE N-TERMINAL GLYCINE (0) IS PARTIALLY COVALENTLY MODIFIED. 
THE MODIFICATION IS MODELED AS UNKNOWN LIGAND, UNL. 
THE IDENTITY OF THE MODIFIED AMINO ACID IS LIKELY ACETYL-GLYCINE.
;
_refine.ls_R_factor_all                          0.143 
_refine.ls_R_factor_R_work                       0.143 
_refine.ls_R_factor_R_free                       0.155 
_refine.ls_percent_reflns_R_free                 5.000 
_refine.ls_number_reflns_R_free                  1744 
_refine.B_iso_mean                               14.021 
_refine.correlation_coeff_Fo_to_Fc               0.975 
_refine.correlation_coeff_Fo_to_Fc_free          0.974 
_refine.pdbx_overall_ESU_R                       0.048 
_refine.pdbx_overall_ESU_R_Free                  0.047 
_refine.overall_SU_ML                            0.028 
_refine.overall_SU_B                             1.398 
_refine.solvent_model_details                    MASK 
_refine.pdbx_solvent_vdw_probe_radii             1.200 
_refine.pdbx_solvent_ion_probe_radii             0.800 
_refine.pdbx_solvent_shrinkage_radii             0.800 
_refine.pdbx_method_to_determine_struct          MAD 
_refine.pdbx_stereochemistry_target_values       'MAXIMUM LIKELIHOOD WITH PHASES' 
_refine.pdbx_ls_sigma_I                          ? 
_refine.ls_number_reflns_all                     ? 
_refine.ls_R_factor_obs                          0.143 
_refine.ls_redundancy_reflns_obs                 ? 
_refine.pdbx_data_cutoff_high_absF               ? 
_refine.pdbx_data_cutoff_low_absF                ? 
_refine.ls_number_parameters                     ? 
_refine.ls_number_restraints                     ? 
_refine.ls_R_factor_R_free_error                 ? 
_refine.ls_R_factor_R_free_error_details         ? 
_refine.pdbx_starting_model                      ? 
_refine.pdbx_stereochem_target_val_spec_case     ? 
_refine.solvent_model_param_bsol                 ? 
_refine.solvent_model_param_ksol                 ? 
_refine.occupancy_max                            ? 
_refine.occupancy_min                            ? 
_refine.pdbx_isotropic_thermal_model             ? 
_refine.aniso_B[1][1]                            ? 
_refine.aniso_B[1][2]                            ? 
_refine.aniso_B[1][3]                            ? 
_refine.aniso_B[2][2]                            ? 
_refine.aniso_B[2][3]                            ? 
_refine.aniso_B[3][3]                            ? 
_refine.B_iso_min                                ? 
_refine.B_iso_max                                ? 
_refine.overall_SU_R_Cruickshank_DPI             ? 
_refine.overall_SU_R_free                        ? 
_refine.pdbx_data_cutoff_high_rms_absF           ? 
_refine.ls_wR_factor_R_free                      ? 
_refine.ls_wR_factor_R_work                      ? 
_refine.overall_FOM_free_R_set                   ? 
_refine.overall_FOM_work_R_set                   ? 
_refine.pdbx_refine_id                           'X-RAY DIFFRACTION' 
_refine.pdbx_TLS_residual_ADP_flag               'LIKELY RESIDUAL' 
_refine.pdbx_diffrn_id                           1 
_refine.pdbx_overall_phase_error                 ? 
_refine.pdbx_overall_SU_R_free_Cruickshank_DPI   ? 
_refine.pdbx_overall_SU_R_Blow_DPI               ? 
_refine.pdbx_overall_SU_R_free_Blow_DPI          ? 
# 
_refine_hist.pdbx_refine_id                   'X-RAY DIFFRACTION' 
_refine_hist.cycle_id                         LAST 
_refine_hist.pdbx_number_atoms_protein        1110 
_refine_hist.pdbx_number_atoms_nucleic_acid   0 
_refine_hist.pdbx_number_atoms_ligand         33 
_refine_hist.number_atoms_solvent             249 
_refine_hist.number_atoms_total               1392 
_refine_hist.d_res_high                       1.400 
_refine_hist.d_res_low                        29.437 
# 
loop_
_refine_ls_restr.type 
_refine_ls_restr.number 
_refine_ls_restr.dev_ideal 
_refine_ls_restr.dev_ideal_target 
_refine_ls_restr.weight 
_refine_ls_restr.pdbx_refine_id 
_refine_ls_restr.pdbx_restraint_function 
r_bond_refined_d         1272 0.016  0.022  ? 'X-RAY DIFFRACTION' ? 
r_bond_other_d           1164 0.001  0.020  ? 'X-RAY DIFFRACTION' ? 
r_angle_refined_deg      1743 1.589  1.976  ? 'X-RAY DIFFRACTION' ? 
r_angle_other_deg        2703 0.870  3.000  ? 'X-RAY DIFFRACTION' ? 
r_dihedral_angle_1_deg   171  6.133  5.000  ? 'X-RAY DIFFRACTION' ? 
r_dihedral_angle_2_deg   58   28.478 21.552 ? 'X-RAY DIFFRACTION' ? 
r_dihedral_angle_3_deg   197  10.993 15.000 ? 'X-RAY DIFFRACTION' ? 
r_dihedral_angle_4_deg   12   15.945 15.000 ? 'X-RAY DIFFRACTION' ? 
r_chiral_restr           186  0.090  0.200  ? 'X-RAY DIFFRACTION' ? 
r_gen_planes_refined     1456 0.008  0.020  ? 'X-RAY DIFFRACTION' ? 
r_gen_planes_other       296  0.002  0.020  ? 'X-RAY DIFFRACTION' ? 
r_nbd_refined            221  0.226  0.200  ? 'X-RAY DIFFRACTION' ? 
r_nbd_other              1158 0.189  0.200  ? 'X-RAY DIFFRACTION' ? 
r_nbtor_refined          628  0.184  0.200  ? 'X-RAY DIFFRACTION' ? 
r_nbtor_other            758  0.092  0.200  ? 'X-RAY DIFFRACTION' ? 
r_xyhbond_nbd_refined    165  0.165  0.200  ? 'X-RAY DIFFRACTION' ? 
r_symmetry_vdw_refined   21   0.232  0.200  ? 'X-RAY DIFFRACTION' ? 
r_symmetry_vdw_other     115  0.276  0.200  ? 'X-RAY DIFFRACTION' ? 
r_symmetry_hbond_refined 29   0.174  0.200  ? 'X-RAY DIFFRACTION' ? 
r_mcbond_it              784  1.574  3.000  ? 'X-RAY DIFFRACTION' ? 
r_mcbond_other           310  0.336  3.000  ? 'X-RAY DIFFRACTION' ? 
r_mcangle_it             1246 2.267  5.000  ? 'X-RAY DIFFRACTION' ? 
r_scbond_it              543  3.534  8.000  ? 'X-RAY DIFFRACTION' ? 
r_scangle_it             484  4.692  11.000 ? 'X-RAY DIFFRACTION' ? 
# 
_refine_ls_shell.d_res_high                       1.400 
_refine_ls_shell.d_res_low                        1.437 
_refine_ls_shell.pdbx_total_number_of_bins_used   20 
_refine_ls_shell.percent_reflns_obs               96.720 
_refine_ls_shell.number_reflns_R_work             2336 
_refine_ls_shell.R_factor_all                     ? 
_refine_ls_shell.R_factor_R_work                  0.228 
_refine_ls_shell.R_factor_R_free                  0.265 
_refine_ls_shell.percent_reflns_R_free            ? 
_refine_ls_shell.number_reflns_R_free             115 
_refine_ls_shell.R_factor_R_free_error            ? 
_refine_ls_shell.number_reflns_all                ? 
_refine_ls_shell.number_reflns_obs                2451 
_refine_ls_shell.redundancy_reflns_obs            ? 
_refine_ls_shell.pdbx_refine_id                   'X-RAY DIFFRACTION' 
# 
_struct.entry_id                  2OZH 
_struct.title                     
;Crystal structure of a putative acetyltransferase belonging to the gnat family (xcc2953) from xanthomonas campestris pv. campestris at 1.40 A resolution
;
_struct.pdbx_model_details        ? 
_struct.pdbx_CASP_flag            ? 
_struct.pdbx_model_type_details   ? 
# 
_struct_keywords.text            
'Structural genomics, Joint Center for Structural Genomics, JCSG, Protein Structure Initiative, PSI-2, transferase' 
_struct_keywords.pdbx_keywords   TRANSFERASE 
_struct_keywords.entry_id        2OZH 
# 
loop_
_struct_asym.id 
_struct_asym.pdbx_blank_PDB_chainid_flag 
_struct_asym.pdbx_modified 
_struct_asym.entity_id 
_struct_asym.details 
A N N 1 ? 
B N N 2 ? 
C N N 2 ? 
D N N 3 ? 
E N N 4 ? 
F N N 4 ? 
G N N 4 ? 
H N N 4 ? 
I N N 4 ? 
J N N 5 ? 
# 
_struct_ref.id                         1 
_struct_ref.db_name                    UNP 
_struct_ref.db_code                    Q8P6L4_XANCP 
_struct_ref.pdbx_db_accession          Q8P6L4 
_struct_ref.entity_id                  1 
_struct_ref.pdbx_seq_one_letter_code   
;MPHVHVSTDNSLLDIGLIHRTLSQDTDWAKDIPLALVQRAIDHSLCFGGFVDGRQVAFARVISDYATFAYLGDVFVLPEH
RGRGYSKALMDAVMAHPDLQGLRRFSLATSDAHGLYARYGFTPPLFPQSLMERYVPGLYST
;
_struct_ref.pdbx_align_begin           1 
_struct_ref.pdbx_db_isoform            ? 
# 
_struct_ref_seq.align_id                      1 
_struct_ref_seq.ref_id                        1 
_struct_ref_seq.pdbx_PDB_id_code              2OZH 
_struct_ref_seq.pdbx_strand_id                A 
_struct_ref_seq.seq_align_beg                 2 
_struct_ref_seq.pdbx_seq_align_beg_ins_code   ? 
_struct_ref_seq.seq_align_end                 142 
_struct_ref_seq.pdbx_seq_align_end_ins_code   ? 
_struct_ref_seq.pdbx_db_accession             Q8P6L4 
_struct_ref_seq.db_align_beg                  1 
_struct_ref_seq.pdbx_db_align_beg_ins_code    ? 
_struct_ref_seq.db_align_end                  141 
_struct_ref_seq.pdbx_db_align_end_ins_code    ? 
_struct_ref_seq.pdbx_auth_seq_align_beg       1 
_struct_ref_seq.pdbx_auth_seq_align_end       141 
# 
loop_
_struct_ref_seq_dif.align_id 
_struct_ref_seq_dif.pdbx_pdb_id_code 
_struct_ref_seq_dif.mon_id 
_struct_ref_seq_dif.pdbx_pdb_strand_id 
_struct_ref_seq_dif.seq_num 
_struct_ref_seq_dif.pdbx_pdb_ins_code 
_struct_ref_seq_dif.pdbx_seq_db_name 
_struct_ref_seq_dif.pdbx_seq_db_accession_code 
_struct_ref_seq_dif.db_mon_id 
_struct_ref_seq_dif.pdbx_seq_db_seq_num 
_struct_ref_seq_dif.details 
_struct_ref_seq_dif.pdbx_auth_seq_num 
_struct_ref_seq_dif.pdbx_ordinal 
1 2OZH GLY A 1   ? UNP Q8P6L4 ?   ?   'expression tag'   0   1 
1 2OZH MSE A 2   ? UNP Q8P6L4 MET 1   'modified residue' 1   2 
1 2OZH MSE A 91  ? UNP Q8P6L4 MET 90  'modified residue' 90  3 
1 2OZH MSE A 95  ? UNP Q8P6L4 MET 94  'modified residue' 94  4 
1 2OZH MSE A 132 ? UNP Q8P6L4 MET 131 'modified residue' 131 5 
# 
_pdbx_struct_assembly.id                   1 
_pdbx_struct_assembly.details              author_and_software_defined_assembly 
_pdbx_struct_assembly.method_details       PISA,PQS 
_pdbx_struct_assembly.oligomeric_details   dimeric 
_pdbx_struct_assembly.oligomeric_count     2 
# 
loop_
_pdbx_struct_assembly_prop.biol_id 
_pdbx_struct_assembly_prop.type 
_pdbx_struct_assembly_prop.value 
_pdbx_struct_assembly_prop.details 
1 'ABSA (A^2)' 7030  ? 
1 MORE         -35   ? 
1 'SSA (A^2)'  14790 ? 
# 
_pdbx_struct_assembly_gen.assembly_id       1 
_pdbx_struct_assembly_gen.oper_expression   1,2 
_pdbx_struct_assembly_gen.asym_id_list      A,B,C,D,E,F,G,H,I,J 
# 
loop_
_pdbx_struct_oper_list.id 
_pdbx_struct_oper_list.type 
_pdbx_struct_oper_list.name 
_pdbx_struct_oper_list.symmetry_operation 
_pdbx_struct_oper_list.matrix[1][1] 
_pdbx_struct_oper_list.matrix[1][2] 
_pdbx_struct_oper_list.matrix[1][3] 
_pdbx_struct_oper_list.vector[1] 
_pdbx_struct_oper_list.matrix[2][1] 
_pdbx_struct_oper_list.matrix[2][2] 
_pdbx_struct_oper_list.matrix[2][3] 
_pdbx_struct_oper_list.vector[2] 
_pdbx_struct_oper_list.matrix[3][1] 
_pdbx_struct_oper_list.matrix[3][2] 
_pdbx_struct_oper_list.matrix[3][3] 
_pdbx_struct_oper_list.vector[3] 
1 'identity operation'         1_555  x,y,z       1.0000000000  0.0000000000 0.0000000000 0.0000000000 0.0000000000 1.0000000000  0.0000000000 0.0000000000  0.0000000000 0.0000000000 1.0000000000  0.0000000000   
2 'crystal symmetry operation' 14_565 -x,-y+3/2,z -0.8801336536 0.3322446791 0.3390843922 6.8684343873 0.3322446791 -0.0790865818 0.9398716858 15.6088723350 0.3390843922 0.9398716858 -0.0407797646 -17.7220156827 
# 
_struct_biol.id   1 
# 
loop_
_struct_conf.conf_type_id 
_struct_conf.id 
_struct_conf.pdbx_PDB_helix_id 
_struct_conf.beg_label_comp_id 
_struct_conf.beg_label_asym_id 
_struct_conf.beg_label_seq_id 
_struct_conf.pdbx_beg_PDB_ins_code 
_struct_conf.end_label_comp_id 
_struct_conf.end_label_asym_id 
_struct_conf.end_label_seq_id 
_struct_conf.pdbx_end_PDB_ins_code 
_struct_conf.beg_auth_comp_id 
_struct_conf.beg_auth_asym_id 
_struct_conf.beg_auth_seq_id 
_struct_conf.end_auth_comp_id 
_struct_conf.end_auth_asym_id 
_struct_conf.end_auth_seq_id 
_struct_conf.pdbx_PDB_helix_class 
_struct_conf.details 
_struct_conf.pdbx_PDB_helix_length 
HELX_P HELX_P1 1 ASP A 10  ? LEU A 14  ? ASP A 9   LEU A 13  5 ? 5  
HELX_P HELX_P2 2 ASP A 15  ? THR A 27  ? ASP A 14  THR A 26  1 ? 13 
HELX_P HELX_P3 3 PRO A 34  ? HIS A 44  ? PRO A 33  HIS A 43  1 ? 11 
HELX_P HELX_P4 4 PRO A 79  ? ARG A 82  ? PRO A 78  ARG A 81  5 ? 4  
HELX_P HELX_P5 5 GLY A 85  ? HIS A 97  ? GLY A 84  HIS A 96  1 ? 13 
HELX_P HELX_P6 6 PRO A 98  ? GLN A 101 ? PRO A 97  GLN A 100 5 ? 4  
HELX_P HELX_P7 7 ALA A 113 ? ARG A 119 ? ALA A 112 ARG A 118 1 ? 7  
HELX_P HELX_P8 8 PHE A 127 ? LEU A 131 ? PHE A 126 LEU A 130 5 ? 5  
# 
_struct_conf_type.id          HELX_P 
_struct_conf_type.criteria    ? 
_struct_conf_type.reference   ? 
# 
loop_
_struct_conn.id 
_struct_conn.conn_type_id 
_struct_conn.pdbx_leaving_atom_flag 
_struct_conn.pdbx_PDB_id 
_struct_conn.ptnr1_label_asym_id 
_struct_conn.ptnr1_label_comp_id 
_struct_conn.ptnr1_label_seq_id 
_struct_conn.ptnr1_label_atom_id 
_struct_conn.pdbx_ptnr1_label_alt_id 
_struct_conn.pdbx_ptnr1_PDB_ins_code 
_struct_conn.pdbx_ptnr1_standard_comp_id 
_struct_conn.ptnr1_symmetry 
_struct_conn.ptnr2_label_asym_id 
_struct_conn.ptnr2_label_comp_id 
_struct_conn.ptnr2_label_seq_id 
_struct_conn.ptnr2_label_atom_id 
_struct_conn.pdbx_ptnr2_label_alt_id 
_struct_conn.pdbx_ptnr2_PDB_ins_code 
_struct_conn.ptnr1_auth_asym_id 
_struct_conn.ptnr1_auth_comp_id 
_struct_conn.ptnr1_auth_seq_id 
_struct_conn.ptnr2_auth_asym_id 
_struct_conn.ptnr2_auth_comp_id 
_struct_conn.ptnr2_auth_seq_id 
_struct_conn.ptnr2_symmetry 
_struct_conn.pdbx_ptnr3_label_atom_id 
_struct_conn.pdbx_ptnr3_label_seq_id 
_struct_conn.pdbx_ptnr3_label_comp_id 
_struct_conn.pdbx_ptnr3_label_asym_id 
_struct_conn.pdbx_ptnr3_label_alt_id 
_struct_conn.pdbx_ptnr3_PDB_ins_code 
_struct_conn.details 
_struct_conn.pdbx_dist_value 
_struct_conn.pdbx_value_order 
_struct_conn.pdbx_role 
covale1 covale both ? A GLY 1   C ? ? ? 1_555 A MSE 2   N ? ? A GLY 0   A MSE 1   1_555 ? ? ? ? ? ? ? 1.337 ? ? 
covale2 covale both ? A MSE 2   C ? ? ? 1_555 A PRO 3   N ? ? A MSE 1   A PRO 2   1_555 ? ? ? ? ? ? ? 1.343 ? ? 
covale3 covale both ? A LEU 90  C ? ? ? 1_555 A MSE 91  N ? ? A LEU 89  A MSE 90  1_555 ? ? ? ? ? ? ? 1.333 ? ? 
covale4 covale both ? A MSE 91  C ? ? ? 1_555 A ASP 92  N ? ? A MSE 90  A ASP 91  1_555 ? ? ? ? ? ? ? 1.322 ? ? 
covale5 covale both ? A VAL 94  C ? ? ? 1_555 A MSE 95  N ? ? A VAL 93  A MSE 94  1_555 ? ? ? ? ? ? ? 1.328 ? ? 
covale6 covale both ? A MSE 95  C ? ? ? 1_555 A ALA 96  N ? ? A MSE 94  A ALA 95  1_555 ? ? ? ? ? ? ? 1.330 ? ? 
covale7 covale both ? A LEU 131 C ? ? ? 1_555 A MSE 132 N ? ? A LEU 130 A MSE 131 1_555 ? ? ? ? ? ? ? 1.331 ? ? 
covale8 covale both ? A MSE 132 C ? ? ? 1_555 A GLU 133 N ? ? A MSE 131 A GLU 132 1_555 ? ? ? ? ? ? ? 1.321 ? ? 
# 
_struct_conn_type.id          covale 
_struct_conn_type.criteria    ? 
_struct_conn_type.reference   ? 
# 
loop_
_pdbx_modification_feature.ordinal 
_pdbx_modification_feature.label_comp_id 
_pdbx_modification_feature.label_asym_id 
_pdbx_modification_feature.label_seq_id 
_pdbx_modification_feature.label_alt_id 
_pdbx_modification_feature.modified_residue_label_comp_id 
_pdbx_modification_feature.modified_residue_label_asym_id 
_pdbx_modification_feature.modified_residue_label_seq_id 
_pdbx_modification_feature.modified_residue_label_alt_id 
_pdbx_modification_feature.auth_comp_id 
_pdbx_modification_feature.auth_asym_id 
_pdbx_modification_feature.auth_seq_id 
_pdbx_modification_feature.PDB_ins_code 
_pdbx_modification_feature.symmetry 
_pdbx_modification_feature.modified_residue_auth_comp_id 
_pdbx_modification_feature.modified_residue_auth_asym_id 
_pdbx_modification_feature.modified_residue_auth_seq_id 
_pdbx_modification_feature.modified_residue_PDB_ins_code 
_pdbx_modification_feature.modified_residue_symmetry 
_pdbx_modification_feature.comp_id_linking_atom 
_pdbx_modification_feature.modified_residue_id_linking_atom 
_pdbx_modification_feature.modified_residue_id 
_pdbx_modification_feature.ref_pcm_id 
_pdbx_modification_feature.ref_comp_id 
_pdbx_modification_feature.type 
_pdbx_modification_feature.category 
1 MSE A 2   ? . . . . MSE A 1   ? 1_555 . . . . . . . MET 1 MSE Selenomethionine 'Named protein modification' 
2 MSE A 91  ? . . . . MSE A 90  ? 1_555 . . . . . . . MET 1 MSE Selenomethionine 'Named protein modification' 
3 MSE A 95  ? . . . . MSE A 94  ? 1_555 . . . . . . . MET 1 MSE Selenomethionine 'Named protein modification' 
4 MSE A 132 ? . . . . MSE A 131 ? 1_555 . . . . . . . MET 1 MSE Selenomethionine 'Named protein modification' 
# 
_struct_sheet.id               A 
_struct_sheet.type             ? 
_struct_sheet.number_strands   5 
_struct_sheet.details          ? 
# 
loop_
_struct_sheet_order.sheet_id 
_struct_sheet_order.range_id_1 
_struct_sheet_order.range_id_2 
_struct_sheet_order.offset 
_struct_sheet_order.sense 
A 1 2 ? anti-parallel 
A 2 3 ? anti-parallel 
A 3 4 ? anti-parallel 
A 4 5 ? parallel      
# 
loop_
_struct_sheet_range.sheet_id 
_struct_sheet_range.id 
_struct_sheet_range.beg_label_comp_id 
_struct_sheet_range.beg_label_asym_id 
_struct_sheet_range.beg_label_seq_id 
_struct_sheet_range.pdbx_beg_PDB_ins_code 
_struct_sheet_range.end_label_comp_id 
_struct_sheet_range.end_label_asym_id 
_struct_sheet_range.end_label_seq_id 
_struct_sheet_range.pdbx_end_PDB_ins_code 
_struct_sheet_range.beg_auth_comp_id 
_struct_sheet_range.beg_auth_asym_id 
_struct_sheet_range.beg_auth_seq_id 
_struct_sheet_range.end_auth_comp_id 
_struct_sheet_range.end_auth_asym_id 
_struct_sheet_range.end_auth_seq_id 
A 1 HIS A 6   ? SER A 8   ? HIS A 5   SER A 7   
A 2 LEU A 46  ? VAL A 52  ? LEU A 45  VAL A 51  
A 3 ARG A 55  ? SER A 64  ? ARG A 54  SER A 63  
A 4 PHE A 69  ? VAL A 77  ? PHE A 68  VAL A 76  
A 5 ARG A 105 ? SER A 107 ? ARG A 104 SER A 106 
# 
loop_
_pdbx_struct_sheet_hbond.sheet_id 
_pdbx_struct_sheet_hbond.range_id_1 
_pdbx_struct_sheet_hbond.range_id_2 
_pdbx_struct_sheet_hbond.range_1_label_atom_id 
_pdbx_struct_sheet_hbond.range_1_label_comp_id 
_pdbx_struct_sheet_hbond.range_1_label_asym_id 
_pdbx_struct_sheet_hbond.range_1_label_seq_id 
_pdbx_struct_sheet_hbond.range_1_PDB_ins_code 
_pdbx_struct_sheet_hbond.range_1_auth_atom_id 
_pdbx_struct_sheet_hbond.range_1_auth_comp_id 
_pdbx_struct_sheet_hbond.range_1_auth_asym_id 
_pdbx_struct_sheet_hbond.range_1_auth_seq_id 
_pdbx_struct_sheet_hbond.range_2_label_atom_id 
_pdbx_struct_sheet_hbond.range_2_label_comp_id 
_pdbx_struct_sheet_hbond.range_2_label_asym_id 
_pdbx_struct_sheet_hbond.range_2_label_seq_id 
_pdbx_struct_sheet_hbond.range_2_PDB_ins_code 
_pdbx_struct_sheet_hbond.range_2_auth_atom_id 
_pdbx_struct_sheet_hbond.range_2_auth_comp_id 
_pdbx_struct_sheet_hbond.range_2_auth_asym_id 
_pdbx_struct_sheet_hbond.range_2_auth_seq_id 
A 1 2 N HIS A 6  ? N HIS A 5  O PHE A 51  ? O PHE A 50  
A 2 3 N PHE A 48 ? N PHE A 47 O ALA A 60  ? O ALA A 59  
A 3 4 N ARG A 61 ? N ARG A 60 O GLY A 73  ? O GLY A 72  
A 4 5 N ALA A 70 ? N ALA A 69 O SER A 107 ? O SER A 106 
# 
loop_
_struct_site.id 
_struct_site.pdbx_evidence_code 
_struct_site.pdbx_auth_asym_id 
_struct_site.pdbx_auth_comp_id 
_struct_site.pdbx_auth_seq_id 
_struct_site.pdbx_auth_ins_code 
_struct_site.pdbx_num_residues 
_struct_site.details 
AC1 Software A SO4 142 ? 8  'BINDING SITE FOR RESIDUE SO4 A 142' 
AC2 Software A SO4 143 ? 12 'BINDING SITE FOR RESIDUE SO4 A 143' 
AC3 Software A UNL 300 ? 9  'BINDING SITE FOR RESIDUE UNL A 300' 
AC4 Software A EDO 301 ? 7  'BINDING SITE FOR RESIDUE EDO A 301' 
AC5 Software A EDO 302 ? 7  'BINDING SITE FOR RESIDUE EDO A 302' 
AC6 Software A EDO 303 ? 3  'BINDING SITE FOR RESIDUE EDO A 303' 
AC7 Software A EDO 304 ? 6  'BINDING SITE FOR RESIDUE EDO A 304' 
AC8 Software A EDO 305 ? 2  'BINDING SITE FOR RESIDUE EDO A 305' 
# 
loop_
_struct_site_gen.id 
_struct_site_gen.site_id 
_struct_site_gen.pdbx_num_res 
_struct_site_gen.label_comp_id 
_struct_site_gen.label_asym_id 
_struct_site_gen.label_seq_id 
_struct_site_gen.pdbx_auth_ins_code 
_struct_site_gen.auth_comp_id 
_struct_site_gen.auth_asym_id 
_struct_site_gen.auth_seq_id 
_struct_site_gen.label_atom_id 
_struct_site_gen.label_alt_id 
_struct_site_gen.symmetry 
_struct_site_gen.details 
1  AC1 8  ARG A 82  ? ARG A 81  . ? 1_555  ? 
2  AC1 8  GLY A 83  ? GLY A 82  . ? 1_555  ? 
3  AC1 8  TYR A 86  ? TYR A 85  . ? 1_555  ? 
4  AC1 8  SER A 87  ? SER A 86  . ? 1_555  ? 
5  AC1 8  HOH J .   ? HOH A 309 . ? 1_555  ? 
6  AC1 8  HOH J .   ? HOH A 342 . ? 1_555  ? 
7  AC1 8  HOH J .   ? HOH A 355 . ? 1_555  ? 
8  AC1 8  HOH J .   ? HOH A 554 . ? 1_555  ? 
9  AC2 12 HOH J .   ? HOH A 316 . ? 7_564  ? 
10 AC2 12 HOH J .   ? HOH A 316 . ? 1_555  ? 
11 AC2 12 HOH J .   ? HOH A 316 . ? 10_655 ? 
12 AC2 12 HOH J .   ? HOH A 338 . ? 1_555  ? 
13 AC2 12 HOH J .   ? HOH A 338 . ? 10_655 ? 
14 AC2 12 HOH J .   ? HOH A 338 . ? 7_564  ? 
15 AC2 12 HOH J .   ? HOH A 348 . ? 10_655 ? 
16 AC2 12 HOH J .   ? HOH A 348 . ? 1_555  ? 
17 AC2 12 HOH J .   ? HOH A 348 . ? 7_564  ? 
18 AC2 12 HOH J .   ? HOH A 524 . ? 7_564  ? 
19 AC2 12 HOH J .   ? HOH A 524 . ? 10_655 ? 
20 AC2 12 HOH J .   ? HOH A 524 . ? 1_555  ? 
21 AC3 9  GLY A 1   ? GLY A 0   . ? 1_555  ? 
22 AC3 9  MSE A 2   ? MSE A 1   . ? 1_555  ? 
23 AC3 9  TRP A 29  ? TRP A 28  . ? 24_655 ? 
24 AC3 9  ARG A 105 ? ARG A 104 . ? 11_455 ? 
25 AC3 9  TYR A 135 ? TYR A 134 . ? 24_655 ? 
26 AC3 9  HOH J .   ? HOH A 327 . ? 11_455 ? 
27 AC3 9  HOH J .   ? HOH A 369 . ? 11_455 ? 
28 AC3 9  HOH J .   ? HOH A 386 . ? 1_555  ? 
29 AC3 9  HOH J .   ? HOH A 503 . ? 24_655 ? 
30 AC4 7  GLY A 73  ? GLY A 72  . ? 1_555  ? 
31 AC4 7  ASP A 74  ? ASP A 73  . ? 1_555  ? 
32 AC4 7  VAL A 75  ? VAL A 74  . ? 1_555  ? 
33 AC4 7  ALA A 109 ? ALA A 108 . ? 1_555  ? 
34 AC4 7  TYR A 117 ? TYR A 116 . ? 1_555  ? 
35 AC4 7  HOH J .   ? HOH A 384 . ? 1_555  ? 
36 AC4 7  HOH J .   ? HOH A 513 . ? 1_555  ? 
37 AC5 7  THR A 22  ? THR A 21  . ? 1_555  ? 
38 AC5 7  ASP A 26  ? ASP A 25  . ? 1_555  ? 
39 AC5 7  VAL A 77  ? VAL A 76  . ? 1_555  ? 
40 AC5 7  PRO A 79  ? PRO A 78  . ? 1_555  ? 
41 AC5 7  ARG A 82  ? ARG A 81  . ? 1_555  ? 
42 AC5 7  HOH J .   ? HOH A 334 . ? 1_555  ? 
43 AC5 7  HOH J .   ? HOH A 409 . ? 7_564  ? 
44 AC6 3  ARG A 40  ? ARG A 39  . ? 1_555  ? 
45 AC6 3  HIS A 44  ? HIS A 43  . ? 1_555  ? 
46 AC6 3  ASP A 99  ? ASP A 98  . ? 14_565 ? 
47 AC7 6  GLN A 101 ? GLN A 100 . ? 14_565 ? 
48 AC7 6  GLY A 102 ? GLY A 101 . ? 14_565 ? 
49 AC7 6  ARG A 134 ? ARG A 133 . ? 1_555  ? 
50 AC7 6  HOH J .   ? HOH A 393 . ? 1_555  ? 
51 AC7 6  HOH J .   ? HOH A 546 . ? 14_565 ? 
52 AC7 6  HOH J .   ? HOH A 553 . ? 1_555  ? 
53 AC8 2  GLY A 121 ? GLY A 120 . ? 14_565 ? 
54 AC8 2  ARG A 134 ? ARG A 133 . ? 1_555  ? 
# 
_pdbx_entry_details.entry_id                   2OZH 
_pdbx_entry_details.compound_details           ? 
_pdbx_entry_details.source_details             ? 
_pdbx_entry_details.nonpolymer_details         ? 
_pdbx_entry_details.sequence_details           ? 
_pdbx_entry_details.has_ligand_of_interest     ? 
_pdbx_entry_details.has_protein_modification   Y 
# 
loop_
_pdbx_validate_close_contact.id 
_pdbx_validate_close_contact.PDB_model_num 
_pdbx_validate_close_contact.auth_atom_id_1 
_pdbx_validate_close_contact.auth_asym_id_1 
_pdbx_validate_close_contact.auth_comp_id_1 
_pdbx_validate_close_contact.auth_seq_id_1 
_pdbx_validate_close_contact.PDB_ins_code_1 
_pdbx_validate_close_contact.label_alt_id_1 
_pdbx_validate_close_contact.auth_atom_id_2 
_pdbx_validate_close_contact.auth_asym_id_2 
_pdbx_validate_close_contact.auth_comp_id_2 
_pdbx_validate_close_contact.auth_seq_id_2 
_pdbx_validate_close_contact.PDB_ins_code_2 
_pdbx_validate_close_contact.label_alt_id_2 
_pdbx_validate_close_contact.dist 
1 1 N A GLY 0   ? ? C2 A UNL 300 ? ? 1.33 
2 1 O A PRO 136 ? B O  A HOH 543 ? ? 2.07 
3 1 O A HOH 375 ? ? O  A HOH 541 ? ? 2.19 
# 
_pdbx_validate_symm_contact.id                1 
_pdbx_validate_symm_contact.PDB_model_num     1 
_pdbx_validate_symm_contact.auth_atom_id_1    OE1 
_pdbx_validate_symm_contact.auth_asym_id_1    A 
_pdbx_validate_symm_contact.auth_comp_id_1    GLN 
_pdbx_validate_symm_contact.auth_seq_id_1     128 
_pdbx_validate_symm_contact.PDB_ins_code_1    ? 
_pdbx_validate_symm_contact.label_alt_id_1    ? 
_pdbx_validate_symm_contact.site_symmetry_1   1_555 
_pdbx_validate_symm_contact.auth_atom_id_2    O 
_pdbx_validate_symm_contact.auth_asym_id_2    A 
_pdbx_validate_symm_contact.auth_comp_id_2    HOH 
_pdbx_validate_symm_contact.auth_seq_id_2     552 
_pdbx_validate_symm_contact.PDB_ins_code_2    ? 
_pdbx_validate_symm_contact.label_alt_id_2    ? 
_pdbx_validate_symm_contact.site_symmetry_2   8_555 
_pdbx_validate_symm_contact.dist              2.09 
# 
loop_
_pdbx_validate_rmsd_angle.id 
_pdbx_validate_rmsd_angle.PDB_model_num 
_pdbx_validate_rmsd_angle.auth_atom_id_1 
_pdbx_validate_rmsd_angle.auth_asym_id_1 
_pdbx_validate_rmsd_angle.auth_comp_id_1 
_pdbx_validate_rmsd_angle.auth_seq_id_1 
_pdbx_validate_rmsd_angle.PDB_ins_code_1 
_pdbx_validate_rmsd_angle.label_alt_id_1 
_pdbx_validate_rmsd_angle.auth_atom_id_2 
_pdbx_validate_rmsd_angle.auth_asym_id_2 
_pdbx_validate_rmsd_angle.auth_comp_id_2 
_pdbx_validate_rmsd_angle.auth_seq_id_2 
_pdbx_validate_rmsd_angle.PDB_ins_code_2 
_pdbx_validate_rmsd_angle.label_alt_id_2 
_pdbx_validate_rmsd_angle.auth_atom_id_3 
_pdbx_validate_rmsd_angle.auth_asym_id_3 
_pdbx_validate_rmsd_angle.auth_comp_id_3 
_pdbx_validate_rmsd_angle.auth_seq_id_3 
_pdbx_validate_rmsd_angle.PDB_ins_code_3 
_pdbx_validate_rmsd_angle.label_alt_id_3 
_pdbx_validate_rmsd_angle.angle_value 
_pdbx_validate_rmsd_angle.angle_target_value 
_pdbx_validate_rmsd_angle.angle_deviation 
_pdbx_validate_rmsd_angle.angle_standard_deviation 
_pdbx_validate_rmsd_angle.linker_flag 
1 1 NE A ARG 104 ? ? CZ A ARG 104 ? ? NH1 A ARG 104 ? ? 124.52 120.30 4.22  0.50 N 
2 1 NE A ARG 104 ? ? CZ A ARG 104 ? ? NH2 A ARG 104 ? ? 116.00 120.30 -4.30 0.50 N 
# 
loop_
_pdbx_validate_torsion.id 
_pdbx_validate_torsion.PDB_model_num 
_pdbx_validate_torsion.auth_comp_id 
_pdbx_validate_torsion.auth_asym_id 
_pdbx_validate_torsion.auth_seq_id 
_pdbx_validate_torsion.PDB_ins_code 
_pdbx_validate_torsion.label_alt_id 
_pdbx_validate_torsion.phi 
_pdbx_validate_torsion.psi 
1 1 ALA A 66  ? ? -149.70 -48.49 
2 1 ASP A 111 ? ? -147.86 19.65  
3 1 ASP A 111 ? ? -146.53 16.91  
# 
_pdbx_SG_project.project_name          'PSI, Protein Structure Initiative' 
_pdbx_SG_project.full_name_of_center   'Joint Center for Structural Genomics' 
_pdbx_SG_project.id                    1 
_pdbx_SG_project.initial_of_center     JCSG 
# 
loop_
_pdbx_struct_mod_residue.id 
_pdbx_struct_mod_residue.label_asym_id 
_pdbx_struct_mod_residue.label_comp_id 
_pdbx_struct_mod_residue.label_seq_id 
_pdbx_struct_mod_residue.auth_asym_id 
_pdbx_struct_mod_residue.auth_comp_id 
_pdbx_struct_mod_residue.auth_seq_id 
_pdbx_struct_mod_residue.PDB_ins_code 
_pdbx_struct_mod_residue.parent_comp_id 
_pdbx_struct_mod_residue.details 
1 A MSE 2   A MSE 1   ? MET SELENOMETHIONINE 
2 A MSE 91  A MSE 90  ? MET SELENOMETHIONINE 
3 A MSE 95  A MSE 94  ? MET SELENOMETHIONINE 
4 A MSE 132 A MSE 131 ? MET SELENOMETHIONINE 
# 
loop_
_pdbx_struct_special_symmetry.id 
_pdbx_struct_special_symmetry.PDB_model_num 
_pdbx_struct_special_symmetry.auth_asym_id 
_pdbx_struct_special_symmetry.auth_comp_id 
_pdbx_struct_special_symmetry.auth_seq_id 
_pdbx_struct_special_symmetry.PDB_ins_code 
_pdbx_struct_special_symmetry.label_asym_id 
_pdbx_struct_special_symmetry.label_comp_id 
_pdbx_struct_special_symmetry.label_seq_id 
1 1 A SO4 143 ? C SO4 . 
2 1 A SO4 143 ? C SO4 . 
3 1 A HOH 523 ? J HOH . 
# 
_pdbx_refine_tls.id               1 
_pdbx_refine_tls.details          ? 
_pdbx_refine_tls.method           refined 
_pdbx_refine_tls.origin_x         0.3254 
_pdbx_refine_tls.origin_y         0.6943 
_pdbx_refine_tls.origin_z         0.4485 
_pdbx_refine_tls.T[1][1]          -0.0156 
_pdbx_refine_tls.T[2][2]          -0.0307 
_pdbx_refine_tls.T[3][3]          -0.0186 
_pdbx_refine_tls.T[1][2]          -0.0050 
_pdbx_refine_tls.T[1][3]          -0.0133 
_pdbx_refine_tls.T[2][3]          0.0082 
_pdbx_refine_tls.L[1][1]          0.2816 
_pdbx_refine_tls.L[2][2]          0.3595 
_pdbx_refine_tls.L[3][3]          0.5642 
_pdbx_refine_tls.L[1][2]          -0.0837 
_pdbx_refine_tls.L[1][3]          0.0326 
_pdbx_refine_tls.L[2][3]          -0.1861 
_pdbx_refine_tls.S[1][1]          0.0207 
_pdbx_refine_tls.S[2][2]          0.0070 
_pdbx_refine_tls.S[3][3]          -0.0277 
_pdbx_refine_tls.S[1][2]          0.0045 
_pdbx_refine_tls.S[1][3]          -0.0241 
_pdbx_refine_tls.S[2][3]          0.0527 
_pdbx_refine_tls.S[2][1]          -0.0234 
_pdbx_refine_tls.S[3][1]          0.0557 
_pdbx_refine_tls.S[3][2]          -0.0505 
_pdbx_refine_tls.pdbx_refine_id   'X-RAY DIFFRACTION' 
# 
_pdbx_refine_tls_group.id                  1 
_pdbx_refine_tls_group.refine_tls_id       1 
_pdbx_refine_tls_group.beg_label_asym_id   A 
_pdbx_refine_tls_group.beg_label_seq_id    1 
_pdbx_refine_tls_group.end_label_asym_id   A 
_pdbx_refine_tls_group.end_label_seq_id    142 
_pdbx_refine_tls_group.selection           ALL 
_pdbx_refine_tls_group.beg_auth_asym_id    A 
_pdbx_refine_tls_group.beg_auth_seq_id     0 
_pdbx_refine_tls_group.end_auth_asym_id    A 
_pdbx_refine_tls_group.end_auth_seq_id     141 
_pdbx_refine_tls_group.pdbx_refine_id      'X-RAY DIFFRACTION' 
_pdbx_refine_tls_group.selection_details   ? 
# 
_phasing.method   MAD 
# 
_pdbx_database_remark.id     999 
_pdbx_database_remark.text   
;
SEQUENCE
THE CONSTRUCT WAS EXPRESSED WITH A PURIFICATION TAG 
MGSDKIHHHHHHENLYFQG. THE TAG WAS REMOVED WITH TEV 
PROTEASE LEAVING ONLY A GLYCINE (0) FOLLOWED BY THE 
TARGET SEQUENCE.
;
# 
loop_
_chem_comp_atom.comp_id 
_chem_comp_atom.atom_id 
_chem_comp_atom.type_symbol 
_chem_comp_atom.pdbx_aromatic_flag 
_chem_comp_atom.pdbx_stereo_config 
_chem_comp_atom.pdbx_ordinal 
ALA N    N  N N 1   
ALA CA   C  N S 2   
ALA C    C  N N 3   
ALA O    O  N N 4   
ALA CB   C  N N 5   
ALA OXT  O  N N 6   
ALA H    H  N N 7   
ALA H2   H  N N 8   
ALA HA   H  N N 9   
ALA HB1  H  N N 10  
ALA HB2  H  N N 11  
ALA HB3  H  N N 12  
ALA HXT  H  N N 13  
ARG N    N  N N 14  
ARG CA   C  N S 15  
ARG C    C  N N 16  
ARG O    O  N N 17  
ARG CB   C  N N 18  
ARG CG   C  N N 19  
ARG CD   C  N N 20  
ARG NE   N  N N 21  
ARG CZ   C  N N 22  
ARG NH1  N  N N 23  
ARG NH2  N  N N 24  
ARG OXT  O  N N 25  
ARG H    H  N N 26  
ARG H2   H  N N 27  
ARG HA   H  N N 28  
ARG HB2  H  N N 29  
ARG HB3  H  N N 30  
ARG HG2  H  N N 31  
ARG HG3  H  N N 32  
ARG HD2  H  N N 33  
ARG HD3  H  N N 34  
ARG HE   H  N N 35  
ARG HH11 H  N N 36  
ARG HH12 H  N N 37  
ARG HH21 H  N N 38  
ARG HH22 H  N N 39  
ARG HXT  H  N N 40  
ASN N    N  N N 41  
ASN CA   C  N S 42  
ASN C    C  N N 43  
ASN O    O  N N 44  
ASN CB   C  N N 45  
ASN CG   C  N N 46  
ASN OD1  O  N N 47  
ASN ND2  N  N N 48  
ASN OXT  O  N N 49  
ASN H    H  N N 50  
ASN H2   H  N N 51  
ASN HA   H  N N 52  
ASN HB2  H  N N 53  
ASN HB3  H  N N 54  
ASN HD21 H  N N 55  
ASN HD22 H  N N 56  
ASN HXT  H  N N 57  
ASP N    N  N N 58  
ASP CA   C  N S 59  
ASP C    C  N N 60  
ASP O    O  N N 61  
ASP CB   C  N N 62  
ASP CG   C  N N 63  
ASP OD1  O  N N 64  
ASP OD2  O  N N 65  
ASP OXT  O  N N 66  
ASP H    H  N N 67  
ASP H2   H  N N 68  
ASP HA   H  N N 69  
ASP HB2  H  N N 70  
ASP HB3  H  N N 71  
ASP HD2  H  N N 72  
ASP HXT  H  N N 73  
CYS N    N  N N 74  
CYS CA   C  N R 75  
CYS C    C  N N 76  
CYS O    O  N N 77  
CYS CB   C  N N 78  
CYS SG   S  N N 79  
CYS OXT  O  N N 80  
CYS H    H  N N 81  
CYS H2   H  N N 82  
CYS HA   H  N N 83  
CYS HB2  H  N N 84  
CYS HB3  H  N N 85  
CYS HG   H  N N 86  
CYS HXT  H  N N 87  
EDO C1   C  N N 88  
EDO O1   O  N N 89  
EDO C2   C  N N 90  
EDO O2   O  N N 91  
EDO H11  H  N N 92  
EDO H12  H  N N 93  
EDO HO1  H  N N 94  
EDO H21  H  N N 95  
EDO H22  H  N N 96  
EDO HO2  H  N N 97  
GLN N    N  N N 98  
GLN CA   C  N S 99  
GLN C    C  N N 100 
GLN O    O  N N 101 
GLN CB   C  N N 102 
GLN CG   C  N N 103 
GLN CD   C  N N 104 
GLN OE1  O  N N 105 
GLN NE2  N  N N 106 
GLN OXT  O  N N 107 
GLN H    H  N N 108 
GLN H2   H  N N 109 
GLN HA   H  N N 110 
GLN HB2  H  N N 111 
GLN HB3  H  N N 112 
GLN HG2  H  N N 113 
GLN HG3  H  N N 114 
GLN HE21 H  N N 115 
GLN HE22 H  N N 116 
GLN HXT  H  N N 117 
GLU N    N  N N 118 
GLU CA   C  N S 119 
GLU C    C  N N 120 
GLU O    O  N N 121 
GLU CB   C  N N 122 
GLU CG   C  N N 123 
GLU CD   C  N N 124 
GLU OE1  O  N N 125 
GLU OE2  O  N N 126 
GLU OXT  O  N N 127 
GLU H    H  N N 128 
GLU H2   H  N N 129 
GLU HA   H  N N 130 
GLU HB2  H  N N 131 
GLU HB3  H  N N 132 
GLU HG2  H  N N 133 
GLU HG3  H  N N 134 
GLU HE2  H  N N 135 
GLU HXT  H  N N 136 
GLY N    N  N N 137 
GLY CA   C  N N 138 
GLY C    C  N N 139 
GLY O    O  N N 140 
GLY OXT  O  N N 141 
GLY H    H  N N 142 
GLY H2   H  N N 143 
GLY HA2  H  N N 144 
GLY HA3  H  N N 145 
GLY HXT  H  N N 146 
HIS N    N  N N 147 
HIS CA   C  N S 148 
HIS C    C  N N 149 
HIS O    O  N N 150 
HIS CB   C  N N 151 
HIS CG   C  Y N 152 
HIS ND1  N  Y N 153 
HIS CD2  C  Y N 154 
HIS CE1  C  Y N 155 
HIS NE2  N  Y N 156 
HIS OXT  O  N N 157 
HIS H    H  N N 158 
HIS H2   H  N N 159 
HIS HA   H  N N 160 
HIS HB2  H  N N 161 
HIS HB3  H  N N 162 
HIS HD1  H  N N 163 
HIS HD2  H  N N 164 
HIS HE1  H  N N 165 
HIS HE2  H  N N 166 
HIS HXT  H  N N 167 
HOH O    O  N N 168 
HOH H1   H  N N 169 
HOH H2   H  N N 170 
ILE N    N  N N 171 
ILE CA   C  N S 172 
ILE C    C  N N 173 
ILE O    O  N N 174 
ILE CB   C  N S 175 
ILE CG1  C  N N 176 
ILE CG2  C  N N 177 
ILE CD1  C  N N 178 
ILE OXT  O  N N 179 
ILE H    H  N N 180 
ILE H2   H  N N 181 
ILE HA   H  N N 182 
ILE HB   H  N N 183 
ILE HG12 H  N N 184 
ILE HG13 H  N N 185 
ILE HG21 H  N N 186 
ILE HG22 H  N N 187 
ILE HG23 H  N N 188 
ILE HD11 H  N N 189 
ILE HD12 H  N N 190 
ILE HD13 H  N N 191 
ILE HXT  H  N N 192 
LEU N    N  N N 193 
LEU CA   C  N S 194 
LEU C    C  N N 195 
LEU O    O  N N 196 
LEU CB   C  N N 197 
LEU CG   C  N N 198 
LEU CD1  C  N N 199 
LEU CD2  C  N N 200 
LEU OXT  O  N N 201 
LEU H    H  N N 202 
LEU H2   H  N N 203 
LEU HA   H  N N 204 
LEU HB2  H  N N 205 
LEU HB3  H  N N 206 
LEU HG   H  N N 207 
LEU HD11 H  N N 208 
LEU HD12 H  N N 209 
LEU HD13 H  N N 210 
LEU HD21 H  N N 211 
LEU HD22 H  N N 212 
LEU HD23 H  N N 213 
LEU HXT  H  N N 214 
LYS N    N  N N 215 
LYS CA   C  N S 216 
LYS C    C  N N 217 
LYS O    O  N N 218 
LYS CB   C  N N 219 
LYS CG   C  N N 220 
LYS CD   C  N N 221 
LYS CE   C  N N 222 
LYS NZ   N  N N 223 
LYS OXT  O  N N 224 
LYS H    H  N N 225 
LYS H2   H  N N 226 
LYS HA   H  N N 227 
LYS HB2  H  N N 228 
LYS HB3  H  N N 229 
LYS HG2  H  N N 230 
LYS HG3  H  N N 231 
LYS HD2  H  N N 232 
LYS HD3  H  N N 233 
LYS HE2  H  N N 234 
LYS HE3  H  N N 235 
LYS HZ1  H  N N 236 
LYS HZ2  H  N N 237 
LYS HZ3  H  N N 238 
LYS HXT  H  N N 239 
MET N    N  N N 240 
MET CA   C  N S 241 
MET C    C  N N 242 
MET O    O  N N 243 
MET CB   C  N N 244 
MET CG   C  N N 245 
MET SD   S  N N 246 
MET CE   C  N N 247 
MET OXT  O  N N 248 
MET H    H  N N 249 
MET H2   H  N N 250 
MET HA   H  N N 251 
MET HB2  H  N N 252 
MET HB3  H  N N 253 
MET HG2  H  N N 254 
MET HG3  H  N N 255 
MET HE1  H  N N 256 
MET HE2  H  N N 257 
MET HE3  H  N N 258 
MET HXT  H  N N 259 
MSE N    N  N N 260 
MSE CA   C  N S 261 
MSE C    C  N N 262 
MSE O    O  N N 263 
MSE OXT  O  N N 264 
MSE CB   C  N N 265 
MSE CG   C  N N 266 
MSE SE   SE N N 267 
MSE CE   C  N N 268 
MSE H    H  N N 269 
MSE H2   H  N N 270 
MSE HA   H  N N 271 
MSE HXT  H  N N 272 
MSE HB2  H  N N 273 
MSE HB3  H  N N 274 
MSE HG2  H  N N 275 
MSE HG3  H  N N 276 
MSE HE1  H  N N 277 
MSE HE2  H  N N 278 
MSE HE3  H  N N 279 
PHE N    N  N N 280 
PHE CA   C  N S 281 
PHE C    C  N N 282 
PHE O    O  N N 283 
PHE CB   C  N N 284 
PHE CG   C  Y N 285 
PHE CD1  C  Y N 286 
PHE CD2  C  Y N 287 
PHE CE1  C  Y N 288 
PHE CE2  C  Y N 289 
PHE CZ   C  Y N 290 
PHE OXT  O  N N 291 
PHE H    H  N N 292 
PHE H2   H  N N 293 
PHE HA   H  N N 294 
PHE HB2  H  N N 295 
PHE HB3  H  N N 296 
PHE HD1  H  N N 297 
PHE HD2  H  N N 298 
PHE HE1  H  N N 299 
PHE HE2  H  N N 300 
PHE HZ   H  N N 301 
PHE HXT  H  N N 302 
PRO N    N  N N 303 
PRO CA   C  N S 304 
PRO C    C  N N 305 
PRO O    O  N N 306 
PRO CB   C  N N 307 
PRO CG   C  N N 308 
PRO CD   C  N N 309 
PRO OXT  O  N N 310 
PRO H    H  N N 311 
PRO HA   H  N N 312 
PRO HB2  H  N N 313 
PRO HB3  H  N N 314 
PRO HG2  H  N N 315 
PRO HG3  H  N N 316 
PRO HD2  H  N N 317 
PRO HD3  H  N N 318 
PRO HXT  H  N N 319 
SER N    N  N N 320 
SER CA   C  N S 321 
SER C    C  N N 322 
SER O    O  N N 323 
SER CB   C  N N 324 
SER OG   O  N N 325 
SER OXT  O  N N 326 
SER H    H  N N 327 
SER H2   H  N N 328 
SER HA   H  N N 329 
SER HB2  H  N N 330 
SER HB3  H  N N 331 
SER HG   H  N N 332 
SER HXT  H  N N 333 
SO4 S    S  N N 334 
SO4 O1   O  N N 335 
SO4 O2   O  N N 336 
SO4 O3   O  N N 337 
SO4 O4   O  N N 338 
THR N    N  N N 339 
THR CA   C  N S 340 
THR C    C  N N 341 
THR O    O  N N 342 
THR CB   C  N R 343 
THR OG1  O  N N 344 
THR CG2  C  N N 345 
THR OXT  O  N N 346 
THR H    H  N N 347 
THR H2   H  N N 348 
THR HA   H  N N 349 
THR HB   H  N N 350 
THR HG1  H  N N 351 
THR HG21 H  N N 352 
THR HG22 H  N N 353 
THR HG23 H  N N 354 
THR HXT  H  N N 355 
TRP N    N  N N 356 
TRP CA   C  N S 357 
TRP C    C  N N 358 
TRP O    O  N N 359 
TRP CB   C  N N 360 
TRP CG   C  Y N 361 
TRP CD1  C  Y N 362 
TRP CD2  C  Y N 363 
TRP NE1  N  Y N 364 
TRP CE2  C  Y N 365 
TRP CE3  C  Y N 366 
TRP CZ2  C  Y N 367 
TRP CZ3  C  Y N 368 
TRP CH2  C  Y N 369 
TRP OXT  O  N N 370 
TRP H    H  N N 371 
TRP H2   H  N N 372 
TRP HA   H  N N 373 
TRP HB2  H  N N 374 
TRP HB3  H  N N 375 
TRP HD1  H  N N 376 
TRP HE1  H  N N 377 
TRP HE3  H  N N 378 
TRP HZ2  H  N N 379 
TRP HZ3  H  N N 380 
TRP HH2  H  N N 381 
TRP HXT  H  N N 382 
TYR N    N  N N 383 
TYR CA   C  N S 384 
TYR C    C  N N 385 
TYR O    O  N N 386 
TYR CB   C  N N 387 
TYR CG   C  Y N 388 
TYR CD1  C  Y N 389 
TYR CD2  C  Y N 390 
TYR CE1  C  Y N 391 
TYR CE2  C  Y N 392 
TYR CZ   C  Y N 393 
TYR OH   O  N N 394 
TYR OXT  O  N N 395 
TYR H    H  N N 396 
TYR H2   H  N N 397 
TYR HA   H  N N 398 
TYR HB2  H  N N 399 
TYR HB3  H  N N 400 
TYR HD1  H  N N 401 
TYR HD2  H  N N 402 
TYR HE1  H  N N 403 
TYR HE2  H  N N 404 
TYR HH   H  N N 405 
TYR HXT  H  N N 406 
VAL N    N  N N 407 
VAL CA   C  N S 408 
VAL C    C  N N 409 
VAL O    O  N N 410 
VAL CB   C  N N 411 
VAL CG1  C  N N 412 
VAL CG2  C  N N 413 
VAL OXT  O  N N 414 
VAL H    H  N N 415 
VAL H2   H  N N 416 
VAL HA   H  N N 417 
VAL HB   H  N N 418 
VAL HG11 H  N N 419 
VAL HG12 H  N N 420 
VAL HG13 H  N N 421 
VAL HG21 H  N N 422 
VAL HG22 H  N N 423 
VAL HG23 H  N N 424 
VAL HXT  H  N N 425 
# 
loop_
_chem_comp_bond.comp_id 
_chem_comp_bond.atom_id_1 
_chem_comp_bond.atom_id_2 
_chem_comp_bond.value_order 
_chem_comp_bond.pdbx_aromatic_flag 
_chem_comp_bond.pdbx_stereo_config 
_chem_comp_bond.pdbx_ordinal 
ALA N   CA   sing N N 1   
ALA N   H    sing N N 2   
ALA N   H2   sing N N 3   
ALA CA  C    sing N N 4   
ALA CA  CB   sing N N 5   
ALA CA  HA   sing N N 6   
ALA C   O    doub N N 7   
ALA C   OXT  sing N N 8   
ALA CB  HB1  sing N N 9   
ALA CB  HB2  sing N N 10  
ALA CB  HB3  sing N N 11  
ALA OXT HXT  sing N N 12  
ARG N   CA   sing N N 13  
ARG N   H    sing N N 14  
ARG N   H2   sing N N 15  
ARG CA  C    sing N N 16  
ARG CA  CB   sing N N 17  
ARG CA  HA   sing N N 18  
ARG C   O    doub N N 19  
ARG C   OXT  sing N N 20  
ARG CB  CG   sing N N 21  
ARG CB  HB2  sing N N 22  
ARG CB  HB3  sing N N 23  
ARG CG  CD   sing N N 24  
ARG CG  HG2  sing N N 25  
ARG CG  HG3  sing N N 26  
ARG CD  NE   sing N N 27  
ARG CD  HD2  sing N N 28  
ARG CD  HD3  sing N N 29  
ARG NE  CZ   sing N N 30  
ARG NE  HE   sing N N 31  
ARG CZ  NH1  sing N N 32  
ARG CZ  NH2  doub N N 33  
ARG NH1 HH11 sing N N 34  
ARG NH1 HH12 sing N N 35  
ARG NH2 HH21 sing N N 36  
ARG NH2 HH22 sing N N 37  
ARG OXT HXT  sing N N 38  
ASN N   CA   sing N N 39  
ASN N   H    sing N N 40  
ASN N   H2   sing N N 41  
ASN CA  C    sing N N 42  
ASN CA  CB   sing N N 43  
ASN CA  HA   sing N N 44  
ASN C   O    doub N N 45  
ASN C   OXT  sing N N 46  
ASN CB  CG   sing N N 47  
ASN CB  HB2  sing N N 48  
ASN CB  HB3  sing N N 49  
ASN CG  OD1  doub N N 50  
ASN CG  ND2  sing N N 51  
ASN ND2 HD21 sing N N 52  
ASN ND2 HD22 sing N N 53  
ASN OXT HXT  sing N N 54  
ASP N   CA   sing N N 55  
ASP N   H    sing N N 56  
ASP N   H2   sing N N 57  
ASP CA  C    sing N N 58  
ASP CA  CB   sing N N 59  
ASP CA  HA   sing N N 60  
ASP C   O    doub N N 61  
ASP C   OXT  sing N N 62  
ASP CB  CG   sing N N 63  
ASP CB  HB2  sing N N 64  
ASP CB  HB3  sing N N 65  
ASP CG  OD1  doub N N 66  
ASP CG  OD2  sing N N 67  
ASP OD2 HD2  sing N N 68  
ASP OXT HXT  sing N N 69  
CYS N   CA   sing N N 70  
CYS N   H    sing N N 71  
CYS N   H2   sing N N 72  
CYS CA  C    sing N N 73  
CYS CA  CB   sing N N 74  
CYS CA  HA   sing N N 75  
CYS C   O    doub N N 76  
CYS C   OXT  sing N N 77  
CYS CB  SG   sing N N 78  
CYS CB  HB2  sing N N 79  
CYS CB  HB3  sing N N 80  
CYS SG  HG   sing N N 81  
CYS OXT HXT  sing N N 82  
EDO C1  O1   sing N N 83  
EDO C1  C2   sing N N 84  
EDO C1  H11  sing N N 85  
EDO C1  H12  sing N N 86  
EDO O1  HO1  sing N N 87  
EDO C2  O2   sing N N 88  
EDO C2  H21  sing N N 89  
EDO C2  H22  sing N N 90  
EDO O2  HO2  sing N N 91  
GLN N   CA   sing N N 92  
GLN N   H    sing N N 93  
GLN N   H2   sing N N 94  
GLN CA  C    sing N N 95  
GLN CA  CB   sing N N 96  
GLN CA  HA   sing N N 97  
GLN C   O    doub N N 98  
GLN C   OXT  sing N N 99  
GLN CB  CG   sing N N 100 
GLN CB  HB2  sing N N 101 
GLN CB  HB3  sing N N 102 
GLN CG  CD   sing N N 103 
GLN CG  HG2  sing N N 104 
GLN CG  HG3  sing N N 105 
GLN CD  OE1  doub N N 106 
GLN CD  NE2  sing N N 107 
GLN NE2 HE21 sing N N 108 
GLN NE2 HE22 sing N N 109 
GLN OXT HXT  sing N N 110 
GLU N   CA   sing N N 111 
GLU N   H    sing N N 112 
GLU N   H2   sing N N 113 
GLU CA  C    sing N N 114 
GLU CA  CB   sing N N 115 
GLU CA  HA   sing N N 116 
GLU C   O    doub N N 117 
GLU C   OXT  sing N N 118 
GLU CB  CG   sing N N 119 
GLU CB  HB2  sing N N 120 
GLU CB  HB3  sing N N 121 
GLU CG  CD   sing N N 122 
GLU CG  HG2  sing N N 123 
GLU CG  HG3  sing N N 124 
GLU CD  OE1  doub N N 125 
GLU CD  OE2  sing N N 126 
GLU OE2 HE2  sing N N 127 
GLU OXT HXT  sing N N 128 
GLY N   CA   sing N N 129 
GLY N   H    sing N N 130 
GLY N   H2   sing N N 131 
GLY CA  C    sing N N 132 
GLY CA  HA2  sing N N 133 
GLY CA  HA3  sing N N 134 
GLY C   O    doub N N 135 
GLY C   OXT  sing N N 136 
GLY OXT HXT  sing N N 137 
HIS N   CA   sing N N 138 
HIS N   H    sing N N 139 
HIS N   H2   sing N N 140 
HIS CA  C    sing N N 141 
HIS CA  CB   sing N N 142 
HIS CA  HA   sing N N 143 
HIS C   O    doub N N 144 
HIS C   OXT  sing N N 145 
HIS CB  CG   sing N N 146 
HIS CB  HB2  sing N N 147 
HIS CB  HB3  sing N N 148 
HIS CG  ND1  sing Y N 149 
HIS CG  CD2  doub Y N 150 
HIS ND1 CE1  doub Y N 151 
HIS ND1 HD1  sing N N 152 
HIS CD2 NE2  sing Y N 153 
HIS CD2 HD2  sing N N 154 
HIS CE1 NE2  sing Y N 155 
HIS CE1 HE1  sing N N 156 
HIS NE2 HE2  sing N N 157 
HIS OXT HXT  sing N N 158 
HOH O   H1   sing N N 159 
HOH O   H2   sing N N 160 
ILE N   CA   sing N N 161 
ILE N   H    sing N N 162 
ILE N   H2   sing N N 163 
ILE CA  C    sing N N 164 
ILE CA  CB   sing N N 165 
ILE CA  HA   sing N N 166 
ILE C   O    doub N N 167 
ILE C   OXT  sing N N 168 
ILE CB  CG1  sing N N 169 
ILE CB  CG2  sing N N 170 
ILE CB  HB   sing N N 171 
ILE CG1 CD1  sing N N 172 
ILE CG1 HG12 sing N N 173 
ILE CG1 HG13 sing N N 174 
ILE CG2 HG21 sing N N 175 
ILE CG2 HG22 sing N N 176 
ILE CG2 HG23 sing N N 177 
ILE CD1 HD11 sing N N 178 
ILE CD1 HD12 sing N N 179 
ILE CD1 HD13 sing N N 180 
ILE OXT HXT  sing N N 181 
LEU N   CA   sing N N 182 
LEU N   H    sing N N 183 
LEU N   H2   sing N N 184 
LEU CA  C    sing N N 185 
LEU CA  CB   sing N N 186 
LEU CA  HA   sing N N 187 
LEU C   O    doub N N 188 
LEU C   OXT  sing N N 189 
LEU CB  CG   sing N N 190 
LEU CB  HB2  sing N N 191 
LEU CB  HB3  sing N N 192 
LEU CG  CD1  sing N N 193 
LEU CG  CD2  sing N N 194 
LEU CG  HG   sing N N 195 
LEU CD1 HD11 sing N N 196 
LEU CD1 HD12 sing N N 197 
LEU CD1 HD13 sing N N 198 
LEU CD2 HD21 sing N N 199 
LEU CD2 HD22 sing N N 200 
LEU CD2 HD23 sing N N 201 
LEU OXT HXT  sing N N 202 
LYS N   CA   sing N N 203 
LYS N   H    sing N N 204 
LYS N   H2   sing N N 205 
LYS CA  C    sing N N 206 
LYS CA  CB   sing N N 207 
LYS CA  HA   sing N N 208 
LYS C   O    doub N N 209 
LYS C   OXT  sing N N 210 
LYS CB  CG   sing N N 211 
LYS CB  HB2  sing N N 212 
LYS CB  HB3  sing N N 213 
LYS CG  CD   sing N N 214 
LYS CG  HG2  sing N N 215 
LYS CG  HG3  sing N N 216 
LYS CD  CE   sing N N 217 
LYS CD  HD2  sing N N 218 
LYS CD  HD3  sing N N 219 
LYS CE  NZ   sing N N 220 
LYS CE  HE2  sing N N 221 
LYS CE  HE3  sing N N 222 
LYS NZ  HZ1  sing N N 223 
LYS NZ  HZ2  sing N N 224 
LYS NZ  HZ3  sing N N 225 
LYS OXT HXT  sing N N 226 
MET N   CA   sing N N 227 
MET N   H    sing N N 228 
MET N   H2   sing N N 229 
MET CA  C    sing N N 230 
MET CA  CB   sing N N 231 
MET CA  HA   sing N N 232 
MET C   O    doub N N 233 
MET C   OXT  sing N N 234 
MET CB  CG   sing N N 235 
MET CB  HB2  sing N N 236 
MET CB  HB3  sing N N 237 
MET CG  SD   sing N N 238 
MET CG  HG2  sing N N 239 
MET CG  HG3  sing N N 240 
MET SD  CE   sing N N 241 
MET CE  HE1  sing N N 242 
MET CE  HE2  sing N N 243 
MET CE  HE3  sing N N 244 
MET OXT HXT  sing N N 245 
MSE N   CA   sing N N 246 
MSE N   H    sing N N 247 
MSE N   H2   sing N N 248 
MSE CA  C    sing N N 249 
MSE CA  CB   sing N N 250 
MSE CA  HA   sing N N 251 
MSE C   O    doub N N 252 
MSE C   OXT  sing N N 253 
MSE OXT HXT  sing N N 254 
MSE CB  CG   sing N N 255 
MSE CB  HB2  sing N N 256 
MSE CB  HB3  sing N N 257 
MSE CG  SE   sing N N 258 
MSE CG  HG2  sing N N 259 
MSE CG  HG3  sing N N 260 
MSE SE  CE   sing N N 261 
MSE CE  HE1  sing N N 262 
MSE CE  HE2  sing N N 263 
MSE CE  HE3  sing N N 264 
PHE N   CA   sing N N 265 
PHE N   H    sing N N 266 
PHE N   H2   sing N N 267 
PHE CA  C    sing N N 268 
PHE CA  CB   sing N N 269 
PHE CA  HA   sing N N 270 
PHE C   O    doub N N 271 
PHE C   OXT  sing N N 272 
PHE CB  CG   sing N N 273 
PHE CB  HB2  sing N N 274 
PHE CB  HB3  sing N N 275 
PHE CG  CD1  doub Y N 276 
PHE CG  CD2  sing Y N 277 
PHE CD1 CE1  sing Y N 278 
PHE CD1 HD1  sing N N 279 
PHE CD2 CE2  doub Y N 280 
PHE CD2 HD2  sing N N 281 
PHE CE1 CZ   doub Y N 282 
PHE CE1 HE1  sing N N 283 
PHE CE2 CZ   sing Y N 284 
PHE CE2 HE2  sing N N 285 
PHE CZ  HZ   sing N N 286 
PHE OXT HXT  sing N N 287 
PRO N   CA   sing N N 288 
PRO N   CD   sing N N 289 
PRO N   H    sing N N 290 
PRO CA  C    sing N N 291 
PRO CA  CB   sing N N 292 
PRO CA  HA   sing N N 293 
PRO C   O    doub N N 294 
PRO C   OXT  sing N N 295 
PRO CB  CG   sing N N 296 
PRO CB  HB2  sing N N 297 
PRO CB  HB3  sing N N 298 
PRO CG  CD   sing N N 299 
PRO CG  HG2  sing N N 300 
PRO CG  HG3  sing N N 301 
PRO CD  HD2  sing N N 302 
PRO CD  HD3  sing N N 303 
PRO OXT HXT  sing N N 304 
SER N   CA   sing N N 305 
SER N   H    sing N N 306 
SER N   H2   sing N N 307 
SER CA  C    sing N N 308 
SER CA  CB   sing N N 309 
SER CA  HA   sing N N 310 
SER C   O    doub N N 311 
SER C   OXT  sing N N 312 
SER CB  OG   sing N N 313 
SER CB  HB2  sing N N 314 
SER CB  HB3  sing N N 315 
SER OG  HG   sing N N 316 
SER OXT HXT  sing N N 317 
SO4 S   O1   doub N N 318 
SO4 S   O2   doub N N 319 
SO4 S   O3   sing N N 320 
SO4 S   O4   sing N N 321 
THR N   CA   sing N N 322 
THR N   H    sing N N 323 
THR N   H2   sing N N 324 
THR CA  C    sing N N 325 
THR CA  CB   sing N N 326 
THR CA  HA   sing N N 327 
THR C   O    doub N N 328 
THR C   OXT  sing N N 329 
THR CB  OG1  sing N N 330 
THR CB  CG2  sing N N 331 
THR CB  HB   sing N N 332 
THR OG1 HG1  sing N N 333 
THR CG2 HG21 sing N N 334 
THR CG2 HG22 sing N N 335 
THR CG2 HG23 sing N N 336 
THR OXT HXT  sing N N 337 
TRP N   CA   sing N N 338 
TRP N   H    sing N N 339 
TRP N   H2   sing N N 340 
TRP CA  C    sing N N 341 
TRP CA  CB   sing N N 342 
TRP CA  HA   sing N N 343 
TRP C   O    doub N N 344 
TRP C   OXT  sing N N 345 
TRP CB  CG   sing N N 346 
TRP CB  HB2  sing N N 347 
TRP CB  HB3  sing N N 348 
TRP CG  CD1  doub Y N 349 
TRP CG  CD2  sing Y N 350 
TRP CD1 NE1  sing Y N 351 
TRP CD1 HD1  sing N N 352 
TRP CD2 CE2  doub Y N 353 
TRP CD2 CE3  sing Y N 354 
TRP NE1 CE2  sing Y N 355 
TRP NE1 HE1  sing N N 356 
TRP CE2 CZ2  sing Y N 357 
TRP CE3 CZ3  doub Y N 358 
TRP CE3 HE3  sing N N 359 
TRP CZ2 CH2  doub Y N 360 
TRP CZ2 HZ2  sing N N 361 
TRP CZ3 CH2  sing Y N 362 
TRP CZ3 HZ3  sing N N 363 
TRP CH2 HH2  sing N N 364 
TRP OXT HXT  sing N N 365 
TYR N   CA   sing N N 366 
TYR N   H    sing N N 367 
TYR N   H2   sing N N 368 
TYR CA  C    sing N N 369 
TYR CA  CB   sing N N 370 
TYR CA  HA   sing N N 371 
TYR C   O    doub N N 372 
TYR C   OXT  sing N N 373 
TYR CB  CG   sing N N 374 
TYR CB  HB2  sing N N 375 
TYR CB  HB3  sing N N 376 
TYR CG  CD1  doub Y N 377 
TYR CG  CD2  sing Y N 378 
TYR CD1 CE1  sing Y N 379 
TYR CD1 HD1  sing N N 380 
TYR CD2 CE2  doub Y N 381 
TYR CD2 HD2  sing N N 382 
TYR CE1 CZ   doub Y N 383 
TYR CE1 HE1  sing N N 384 
TYR CE2 CZ   sing Y N 385 
TYR CE2 HE2  sing N N 386 
TYR CZ  OH   sing N N 387 
TYR OH  HH   sing N N 388 
TYR OXT HXT  sing N N 389 
VAL N   CA   sing N N 390 
VAL N   H    sing N N 391 
VAL N   H2   sing N N 392 
VAL CA  C    sing N N 393 
VAL CA  CB   sing N N 394 
VAL CA  HA   sing N N 395 
VAL C   O    doub N N 396 
VAL C   OXT  sing N N 397 
VAL CB  CG1  sing N N 398 
VAL CB  CG2  sing N N 399 
VAL CB  HB   sing N N 400 
VAL CG1 HG11 sing N N 401 
VAL CG1 HG12 sing N N 402 
VAL CG1 HG13 sing N N 403 
VAL CG2 HG21 sing N N 404 
VAL CG2 HG22 sing N N 405 
VAL CG2 HG23 sing N N 406 
VAL OXT HXT  sing N N 407 
# 
_atom_sites.entry_id                    2OZH 
_atom_sites.fract_transf_matrix[1][1]   0.00115783 
_atom_sites.fract_transf_matrix[1][2]   -0.00715952 
_atom_sites.fract_transf_matrix[1][3]   0.00660581 
_atom_sites.fract_transf_matrix[2][1]   0.00944075 
_atom_sites.fract_transf_matrix[2][2]   -0.00081534 
_atom_sites.fract_transf_matrix[2][3]   -0.00253841 
_atom_sites.fract_transf_matrix[3][1]   0.00240161 
_atom_sites.fract_transf_matrix[3][2]   0.00665677 
_atom_sites.fract_transf_matrix[3][3]   0.00679381 
_atom_sites.fract_transf_vector[1]      0.110434 
_atom_sites.fract_transf_vector[2]      0.701597 
_atom_sites.fract_transf_vector[3]      0.106964 
# 
loop_
_atom_type.symbol 
C  
N  
O  
S  
SE 
# 
loop_
_atom_site.group_PDB 
_atom_site.id 
_atom_site.type_symbol 
_atom_site.label_atom_id 
_atom_site.label_alt_id 
_atom_site.label_comp_id 
_atom_site.label_asym_id 
_atom_site.label_entity_id 
_atom_site.label_seq_id 
_atom_site.pdbx_PDB_ins_code 
_atom_site.Cartn_x 
_atom_site.Cartn_y 
_atom_site.Cartn_z 
_atom_site.occupancy 
_atom_site.B_iso_or_equiv 
_atom_site.pdbx_formal_charge 
_atom_site.auth_seq_id 
_atom_site.auth_comp_id 
_atom_site.auth_asym_id 
_atom_site.auth_atom_id 
_atom_site.pdbx_PDB_model_num 
ATOM   1    N  N   . GLY A 1 1   ? -19.462 -7.852  14.193  1.00 18.04 ? 0   GLY A N   1 
ATOM   2    C  CA  . GLY A 1 1   ? -18.162 -8.274  13.710  1.00 18.14 ? 0   GLY A CA  1 
ATOM   3    C  C   . GLY A 1 1   ? -17.329 -7.168  13.141  1.00 20.17 ? 0   GLY A C   1 
ATOM   4    O  O   . GLY A 1 1   ? -16.311 -7.436  12.473  1.00 20.00 ? 0   GLY A O   1 
HETATM 5    N  N   . MSE A 1 2   ? -17.722 -5.915  13.391  1.00 18.68 ? 1   MSE A N   1 
HETATM 6    C  CA  . MSE A 1 2   ? -16.965 -4.776  12.878  1.00 19.52 ? 1   MSE A CA  1 
HETATM 7    C  C   . MSE A 1 2   ? -15.587 -4.689  13.526  1.00 19.03 ? 1   MSE A C   1 
HETATM 8    O  O   . MSE A 1 2   ? -15.422 -5.030  14.720  1.00 19.96 ? 1   MSE A O   1 
HETATM 9    C  CB  . MSE A 1 2   ? -17.740 -3.476  13.108  1.00 21.62 ? 1   MSE A CB  1 
HETATM 10   C  CG  . MSE A 1 2   ? -19.044 -3.421  12.352  1.00 18.84 ? 1   MSE A CG  1 
HETATM 11   SE SE  . MSE A 1 2   ? -20.149 -1.935  13.035  0.75 29.45 ? 1   MSE A SE  1 
HETATM 12   C  CE  . MSE A 1 2   ? -19.141 -0.450  12.327  1.00 22.23 ? 1   MSE A CE  1 
ATOM   13   N  N   . PRO A 1 3   ? -14.577 -4.279  12.742  1.00 19.52 ? 2   PRO A N   1 
ATOM   14   C  CA  . PRO A 1 3   ? -13.249 -4.179  13.335  1.00 21.25 ? 2   PRO A CA  1 
ATOM   15   C  C   . PRO A 1 3   ? -13.125 -3.021  14.280  1.00 22.40 ? 2   PRO A C   1 
ATOM   16   O  O   . PRO A 1 3   ? -13.707 -1.963  14.057  1.00 26.56 ? 2   PRO A O   1 
ATOM   17   C  CB  . PRO A 1 3   ? -12.340 -3.921  12.120  1.00 23.87 ? 2   PRO A CB  1 
ATOM   18   C  CG  . PRO A 1 3   ? -13.167 -3.269  11.155  1.00 21.14 ? 2   PRO A CG  1 
ATOM   19   C  CD  . PRO A 1 3   ? -14.550 -3.888  11.321  1.00 21.78 ? 2   PRO A CD  1 
ATOM   20   N  N   . HIS A 1 4   ? -12.344 -3.200  15.329  1.00 20.74 ? 3   HIS A N   1 
ATOM   21   C  CA  . HIS A 1 4   ? -11.952 -2.077  16.136  1.00 21.57 ? 3   HIS A CA  1 
ATOM   22   C  C   . HIS A 1 4   ? -10.497 -1.815  15.715  1.00 20.94 ? 3   HIS A C   1 
ATOM   23   O  O   . HIS A 1 4   ? -9.596  -2.453  16.226  1.00 24.67 ? 3   HIS A O   1 
ATOM   24   C  CB  . HIS A 1 4   ? -12.085 -2.439  17.617  1.00 24.96 ? 3   HIS A CB  1 
ATOM   25   C  CG  . HIS A 1 4   ? -13.390 -3.095  17.965  1.00 32.67 ? 3   HIS A CG  1 
ATOM   26   N  ND1 . HIS A 1 4   ? -14.578 -2.795  17.328  1.00 39.35 ? 3   HIS A ND1 1 
ATOM   27   C  CD2 . HIS A 1 4   ? -13.689 -4.036  18.892  1.00 36.64 ? 3   HIS A CD2 1 
ATOM   28   C  CE1 . HIS A 1 4   ? -15.549 -3.527  17.847  1.00 33.46 ? 3   HIS A CE1 1 
ATOM   29   N  NE2 . HIS A 1 4   ? -15.038 -4.283  18.804  1.00 41.24 ? 3   HIS A NE2 1 
ATOM   30   N  N   . VAL A 1 5   ? -10.300 -0.901  14.774  1.00 18.87 ? 4   VAL A N   1 
ATOM   31   C  CA  . VAL A 1 5   ? -8.942  -0.554  14.301  1.00 17.70 ? 4   VAL A CA  1 
ATOM   32   C  C   . VAL A 1 5   ? -8.803  0.933   14.158  1.00 17.12 ? 4   VAL A C   1 
ATOM   33   O  O   . VAL A 1 5   ? -9.683  1.613   13.638  1.00 20.79 ? 4   VAL A O   1 
ATOM   34   C  CB  . VAL A 1 5   ? -8.583  -1.277  12.964  1.00 15.43 ? 4   VAL A CB  1 
ATOM   35   C  CG1 . VAL A 1 5   ? -9.546  -0.854  11.837  1.00 17.85 ? 4   VAL A CG1 1 
ATOM   36   C  CG2 . VAL A 1 5   ? -7.157  -1.084  12.541  1.00 17.00 ? 4   VAL A CG2 1 
ATOM   37   N  N   . HIS A 1 6   ? -7.649  1.459   14.552  1.00 13.67 ? 5   HIS A N   1 
ATOM   38   C  CA  . HIS A 1 6   ? -7.400  2.864   14.384  1.00 12.44 ? 5   HIS A CA  1 
ATOM   39   C  C   . HIS A 1 6   ? -6.631  3.075   13.093  1.00 12.78 ? 5   HIS A C   1 
ATOM   40   O  O   . HIS A 1 6   ? -5.612  2.409   12.864  1.00 13.88 ? 5   HIS A O   1 
ATOM   41   C  CB  . HIS A 1 6   ? -6.499  3.369   15.513  1.00 13.14 ? 5   HIS A CB  1 
ATOM   42   C  CG  . HIS A 1 6   ? -7.070  3.204   16.870  1.00 14.52 ? 5   HIS A CG  1 
ATOM   43   N  ND1 . HIS A 1 6   ? -8.111  3.980   17.334  1.00 15.16 ? 5   HIS A ND1 1 
ATOM   44   C  CD2 . HIS A 1 6   ? -6.739  2.369   17.877  1.00 15.66 ? 5   HIS A CD2 1 
ATOM   45   C  CE1 . HIS A 1 6   ? -8.391  3.616   18.574  1.00 14.60 ? 5   HIS A CE1 1 
ATOM   46   N  NE2 . HIS A 1 6   ? -7.581  2.634   18.924  1.00 15.13 ? 5   HIS A NE2 1 
ATOM   47   N  N   . VAL A 1 7   ? -7.058  4.027   12.247  1.00 11.93 ? 6   VAL A N   1 
ATOM   48   C  CA  . VAL A 1 7   ? -6.378  4.337   11.007  1.00 12.91 ? 6   VAL A CA  1 
ATOM   49   C  C   . VAL A 1 7   ? -5.818  5.735   11.141  1.00 14.52 ? 6   VAL A C   1 
ATOM   50   O  O   . VAL A 1 7   ? -6.543  6.675   11.513  1.00 15.12 ? 6   VAL A O   1 
ATOM   51   C  CB  . VAL A 1 7   ? -7.314  4.251   9.768   1.00 14.90 ? 6   VAL A CB  1 
ATOM   52   C  CG1 . VAL A 1 7   ? -6.535  4.604   8.524   1.00 15.99 ? 6   VAL A CG1 1 
ATOM   53   C  CG2 . VAL A 1 7   ? -7.867  2.808   9.655   1.00 18.92 ? 6   VAL A CG2 1 
ATOM   54   N  N   . SER A 1 8   ? -4.522  5.882   10.899  1.00 12.39 ? 7   SER A N   1 
ATOM   55   C  CA  . SER A 1 8   ? -3.865  7.169   10.977  1.00 11.56 ? 7   SER A CA  1 
ATOM   56   C  C   . SER A 1 8   ? -3.010  7.442   9.769   1.00 11.80 ? 7   SER A C   1 
ATOM   57   O  O   . SER A 1 8   ? -2.476  6.511   9.146   1.00 13.26 ? 7   SER A O   1 
ATOM   58   C  CB  . SER A 1 8   ? -2.967  7.205   12.199  1.00 12.82 ? 7   SER A CB  1 
ATOM   59   O  OG  . SER A 1 8   ? -2.308  8.479   12.347  1.00 15.24 ? 7   SER A OG  1 
ATOM   60   N  N   . THR A 1 9   ? -2.879  8.730   9.438   1.00 11.55 ? 8   THR A N   1 
ATOM   61   C  CA  . THR A 1 9   ? -1.913  9.174   8.460   1.00 11.32 ? 8   THR A CA  1 
ATOM   62   C  C   . THR A 1 9   ? -0.750  9.956   9.079   1.00 12.37 ? 8   THR A C   1 
ATOM   63   O  O   . THR A 1 9   ? 0.041   10.565  8.369   1.00 12.69 ? 8   THR A O   1 
ATOM   64   C  CB  . THR A 1 9   ? -2.546  10.029  7.350   1.00 12.82 ? 8   THR A CB  1 
ATOM   65   O  OG1 . THR A 1 9   ? -3.263  11.110  7.962   1.00 17.61 ? 8   THR A OG1 1 
ATOM   66   C  CG2 . THR A 1 9   ? -3.474  9.188   6.511   1.00 14.54 ? 8   THR A CG2 1 
ATOM   67   N  N   . ASP A 1 10  ? -0.616  9.902   10.406  1.00 11.23 ? 9   ASP A N   1 
ATOM   68   C  CA  . ASP A 1 10  ? 0.487   10.529  11.116  1.00 10.40 ? 9   ASP A CA  1 
ATOM   69   C  C   . ASP A 1 10  ? 1.689   9.588   11.148  1.00 10.69 ? 9   ASP A C   1 
ATOM   70   O  O   . ASP A 1 10  ? 1.666   8.582   11.877  1.00 10.75 ? 9   ASP A O   1 
ATOM   71   C  CB  . ASP A 1 10  ? 0.010   10.881  12.526  1.00 11.12 ? 9   ASP A CB  1 
ATOM   72   C  CG  . ASP A 1 10  ? 1.059   11.608  13.337  1.00 16.47 ? 9   ASP A CG  1 
ATOM   73   O  OD1 . ASP A 1 10  ? 2.257   11.610  13.016  1.00 14.12 ? 9   ASP A OD1 1 
ATOM   74   O  OD2 . ASP A 1 10  ? 0.640   12.177  14.376  1.00 21.81 ? 9   ASP A OD2 1 
ATOM   75   N  N   . ASN A 1 11  ? 2.734   9.910   10.380  1.00 11.15 ? 10  ASN A N   1 
ATOM   76   C  CA  . ASN A 1 11  ? 3.864   9.025   10.281  1.00 10.52 ? 10  ASN A CA  1 
ATOM   77   C  C   . ASN A 1 11  ? 4.552   8.771   11.601  1.00 11.07 ? 10  ASN A C   1 
ATOM   78   O  O   . ASN A 1 11  ? 5.233   7.734   11.743  1.00 10.51 ? 10  ASN A O   1 
ATOM   79   C  CB  . ASN A 1 11  ? 4.894   9.553   9.300   1.00 11.46 ? 10  ASN A CB  1 
ATOM   80   C  CG  . ASN A 1 11  ? 4.473   9.431   7.835   1.00 12.10 ? 10  ASN A CG  1 
ATOM   81   O  OD1 . ASN A 1 11  ? 3.425   8.899   7.504   1.00 11.99 ? 10  ASN A OD1 1 
ATOM   82   N  ND2 . ASN A 1 11  ? 5.350   9.896   6.961   1.00 13.71 ? 10  ASN A ND2 1 
ATOM   83   N  N   . SER A 1 12  ? 4.405   9.687   12.560  1.00 10.17 ? 11  SER A N   1 
ATOM   84   C  CA  . SER A 1 12  ? 5.050   9.477   13.842  1.00 10.80 ? 11  SER A CA  1 
ATOM   85   C  C   . SER A 1 12  ? 4.555   8.245   14.599  1.00 10.91 ? 11  SER A C   1 
ATOM   86   O  O   . SER A 1 12  ? 5.281   7.740   15.464  1.00 12.00 ? 11  SER A O   1 
ATOM   87   C  CB  . SER A 1 12  ? 4.954   10.713  14.737  1.00 11.62 ? 11  SER A CB  1 
ATOM   88   O  OG  . SER A 1 12  ? 3.627   10.920  15.174  1.00 14.05 ? 11  SER A OG  1 
ATOM   89   N  N   . LEU A 1 13  ? 3.343   7.794   14.315  1.00 10.71 ? 12  LEU A N   1 
ATOM   90   C  CA  . LEU A 1 13  ? 2.784   6.591   14.933  1.00 9.17  ? 12  LEU A CA  1 
ATOM   91   C  C   . LEU A 1 13  ? 3.278   5.305   14.274  1.00 10.68 ? 12  LEU A C   1 
ATOM   92   O  O   . LEU A 1 13  ? 3.196   4.243   14.890  1.00 10.52 ? 12  LEU A O   1 
ATOM   93   C  CB  . LEU A 1 13  ? 1.269   6.606   14.846  1.00 10.78 ? 12  LEU A CB  1 
ATOM   94   C  CG  . LEU A 1 13  ? 0.627   7.592   15.811  1.00 11.14 ? 12  LEU A CG  1 
ATOM   95   C  CD1 . LEU A 1 13  ? -0.776  7.979   15.349  1.00 12.70 ? 12  LEU A CD1 1 
ATOM   96   C  CD2 . LEU A 1 13  ? 0.568   7.014   17.200  1.00 11.63 ? 12  LEU A CD2 1 
ATOM   97   N  N   . LEU A 1 14  ? 3.823   5.370   13.061  1.00 10.56 ? 13  LEU A N   1 
ATOM   98   C  CA  . LEU A 1 14  ? 4.223   4.140   12.368  1.00 10.58 ? 13  LEU A CA  1 
ATOM   99   C  C   . LEU A 1 14  ? 5.330   3.410   13.109  1.00 10.68 ? 13  LEU A C   1 
ATOM   100  O  O   . LEU A 1 14  ? 6.239   4.042   13.676  1.00 11.24 ? 13  LEU A O   1 
ATOM   101  C  CB  . LEU A 1 14  ? 4.690   4.463   10.954  1.00 10.60 ? 13  LEU A CB  1 
ATOM   102  C  CG  . LEU A 1 14  ? 3.639   5.047   10.006  1.00 12.18 ? 13  LEU A CG  1 
ATOM   103  C  CD1 . LEU A 1 14  ? 4.320   5.510   8.731   1.00 10.88 ? 13  LEU A CD1 1 
ATOM   104  C  CD2 . LEU A 1 14  ? 2.535   4.048   9.703   1.00 10.90 ? 13  LEU A CD2 1 
ATOM   105  N  N   . ASP A 1 15  ? 5.285   2.090   13.036  1.00 10.22 ? 14  ASP A N   1 
ATOM   106  C  CA  . ASP A 1 15  ? 6.336   1.222   13.565  1.00 9.81  ? 14  ASP A CA  1 
ATOM   107  C  C   . ASP A 1 15  ? 7.246   0.911   12.383  1.00 10.13 ? 14  ASP A C   1 
ATOM   108  O  O   . ASP A 1 15  ? 7.008   -0.013  11.615  1.00 10.37 ? 14  ASP A O   1 
ATOM   109  C  CB  . ASP A 1 15  ? 5.703   -0.023  14.179  1.00 9.75  ? 14  ASP A CB  1 
ATOM   110  C  CG  . ASP A 1 15  ? 6.710   -0.967  14.831  1.00 10.20 ? 14  ASP A CG  1 
ATOM   111  O  OD1 . ASP A 1 15  ? 7.911   -0.879  14.486  1.00 11.15 ? 14  ASP A OD1 1 
ATOM   112  O  OD2 . ASP A 1 15  ? 6.256   -1.812  15.644  1.00 11.32 ? 14  ASP A OD2 1 
ATOM   113  N  N   . ILE A 1 16  ? 8.280   1.728   12.196  1.00 10.51 ? 15  ILE A N   1 
ATOM   114  C  CA  . ILE A 1 16  ? 9.131   1.637   11.025  1.00 10.45 ? 15  ILE A CA  1 
ATOM   115  C  C   . ILE A 1 16  ? 9.833   0.295   10.986  1.00 10.75 ? 15  ILE A C   1 
ATOM   116  O  O   . ILE A 1 16  ? 9.974   -0.288  9.909   1.00 11.29 ? 15  ILE A O   1 
ATOM   117  C  CB  . ILE A 1 16  ? 10.152  2.818   10.977  1.00 12.14 ? 15  ILE A CB  1 
ATOM   118  C  CG1 . ILE A 1 16  ? 9.445   4.181   11.049  1.00 14.07 ? 15  ILE A CG1 1 
ATOM   119  C  CG2 . ILE A 1 16  ? 11.030  2.703   9.754   1.00 14.71 ? 15  ILE A CG2 1 
ATOM   120  C  CD1 . ILE A 1 16  ? 8.545   4.508   9.894   1.00 14.88 ? 15  ILE A CD1 1 
ATOM   121  N  N   . GLY A 1 17  ? 10.281  -0.209  12.130  1.00 11.03 ? 16  GLY A N   1 
ATOM   122  C  CA  . GLY A 1 17  ? 10.964  -1.499  12.137  1.00 10.30 ? 16  GLY A CA  1 
ATOM   123  C  C   . GLY A 1 17  ? 10.056  -2.609  11.692  1.00 11.44 ? 16  GLY A C   1 
ATOM   124  O  O   . GLY A 1 17  ? 10.471  -3.510  10.951  1.00 11.58 ? 16  GLY A O   1 
ATOM   125  N  N   . LEU A 1 18  ? 8.814   -2.609  12.170  1.00 10.42 ? 17  LEU A N   1 
ATOM   126  C  CA  . LEU A 1 18  ? 7.853   -3.612  11.705  1.00 9.70  ? 17  LEU A CA  1 
ATOM   127  C  C   . LEU A 1 18  ? 7.644   -3.530  10.197  1.00 9.61  ? 17  LEU A C   1 
ATOM   128  O  O   . LEU A 1 18  ? 7.562   -4.562  9.510   1.00 10.63 ? 17  LEU A O   1 
ATOM   129  C  CB  . LEU A 1 18  ? 6.504   -3.418  12.417  1.00 10.43 ? 17  LEU A CB  1 
ATOM   130  C  CG  . LEU A 1 18  ? 5.353   -4.287  11.909  1.00 13.19 ? 17  LEU A CG  1 
ATOM   131  C  CD1 . LEU A 1 18  ? 5.481   -5.711  12.312  1.00 14.74 ? 17  LEU A CD1 1 
ATOM   132  C  CD2 . LEU A 1 18  ? 4.010   -3.703  12.322  1.00 17.47 ? 17  LEU A CD2 1 
ATOM   133  N  N   . ILE A 1 19  ? 7.485   -2.319  9.672   1.00 10.08 ? 18  ILE A N   1 
ATOM   134  C  CA  . ILE A 1 19  ? 7.247   -2.150  8.269   1.00 10.31 ? 18  ILE A CA  1 
ATOM   135  C  C   . ILE A 1 19  ? 8.461   -2.638  7.492   1.00 10.13 ? 18  ILE A C   1 
ATOM   136  O  O   . ILE A 1 19  ? 8.333   -3.304  6.474   1.00 10.91 ? 18  ILE A O   1 
ATOM   137  C  CB  . ILE A 1 19  ? 6.923   -0.669  7.948   1.00 10.71 ? 18  ILE A CB  1 
ATOM   138  C  CG1 . ILE A 1 19  ? 5.610   -0.246  8.585   1.00 10.46 ? 18  ILE A CG1 1 
ATOM   139  C  CG2 . ILE A 1 19  ? 6.908   -0.431  6.441   1.00 10.96 ? 18  ILE A CG2 1 
ATOM   140  C  CD1 . ILE A 1 19  ? 5.487   1.265   8.665   1.00 12.07 ? 18  ILE A CD1 1 
ATOM   141  N  N   . HIS A 1 20  ? 9.649   -2.236  7.907   1.00 10.22 ? 19  HIS A N   1 
ATOM   142  C  CA  . HIS A 1 20  ? 10.871  -2.677  7.269   1.00 9.63  ? 19  HIS A CA  1 
ATOM   143  C  C   . HIS A 1 20  ? 10.995  -4.192  7.254   1.00 10.35 ? 19  HIS A C   1 
ATOM   144  O  O   . HIS A 1 20  ? 11.269  -4.794  6.207   1.00 11.07 ? 19  HIS A O   1 
ATOM   145  C  CB  . HIS A 1 20  ? 12.071  -2.053  7.984   1.00 10.06 ? 19  HIS A CB  1 
ATOM   146  C  CG  . HIS A 1 20  ? 13.408  -2.531  7.515   1.00 10.04 ? 19  HIS A CG  1 
ATOM   147  N  ND1 . HIS A 1 20  ? 14.452  -2.701  8.400   1.00 11.32 ? 19  HIS A ND1 1 
ATOM   148  C  CD2 . HIS A 1 20  ? 13.871  -2.870  6.291   1.00 12.13 ? 19  HIS A CD2 1 
ATOM   149  C  CE1 . HIS A 1 20  ? 15.505  -3.151  7.721   1.00 12.28 ? 19  HIS A CE1 1 
ATOM   150  N  NE2 . HIS A 1 20  ? 15.190  -3.228  6.436   1.00 11.75 ? 19  HIS A NE2 1 
ATOM   151  N  N   . ARG A 1 21  ? 10.819  -4.834  8.393   1.00 10.11 ? 20  ARG A N   1 
ATOM   152  C  CA  . ARG A 1 21  ? 10.937  -6.295  8.438   1.00 9.99  ? 20  ARG A CA  1 
ATOM   153  C  C   . ARG A 1 21  ? 9.919   -6.953  7.528   1.00 10.59 ? 20  ARG A C   1 
ATOM   154  O  O   . ARG A 1 21  ? 10.224  -7.893  6.803   1.00 10.67 ? 20  ARG A O   1 
ATOM   155  C  CB  . ARG A 1 21  ? 10.772  -6.788  9.888   1.00 9.96  ? 20  ARG A CB  1 
ATOM   156  C  CG  . ARG A 1 21  ? 11.913  -6.368  10.821  1.00 11.95 ? 20  ARG A CG  1 
ATOM   157  C  CD  . ARG A 1 21  ? 11.516  -6.416  12.381  1.00 13.39 ? 20  ARG A CD  1 
ATOM   158  N  NE  . ARG A 1 21  ? 12.534  -5.661  13.106  1.00 12.02 ? 20  ARG A NE  1 
ATOM   159  C  CZ  . ARG A 1 21  ? 12.361  -4.644  13.899  1.00 11.53 ? 20  ARG A CZ  1 
ATOM   160  N  NH1 . ARG A 1 21  ? 11.139  -4.252  14.304  1.00 12.88 ? 20  ARG A NH1 1 
ATOM   161  N  NH2 . ARG A 1 21  ? 13.425  -3.967  14.283  1.00 13.34 ? 20  ARG A NH2 1 
ATOM   162  N  N   . THR A 1 22  ? 8.684   -6.465  7.584   1.00 10.58 ? 21  THR A N   1 
ATOM   163  C  CA  . THR A 1 22  ? 7.593   -7.039  6.790   1.00 10.08 ? 21  THR A CA  1 
ATOM   164  C  C   . THR A 1 22  ? 7.873   -6.910  5.313   1.00 11.21 ? 21  THR A C   1 
ATOM   165  O  O   . THR A 1 22  ? 7.788   -7.886  4.551   1.00 11.47 ? 21  THR A O   1 
ATOM   166  C  CB  . THR A 1 22  ? 6.262   -6.393  7.161   1.00 10.39 ? 21  THR A CB  1 
ATOM   167  O  OG1 . THR A 1 22  ? 5.927   -6.694  8.528   1.00 11.01 ? 21  THR A OG1 1 
ATOM   168  C  CG2 . THR A 1 22  ? 5.136   -6.872  6.234   1.00 10.72 ? 21  THR A CG2 1 
ATOM   169  N  N   . LEU A 1 23  ? 8.202   -5.701  4.885   1.00 10.63 ? 22  LEU A N   1 
ATOM   170  C  CA  . LEU A 1 23  ? 8.456   -5.471  3.461   1.00 10.57 ? 22  LEU A CA  1 
ATOM   171  C  C   . LEU A 1 23  ? 9.673   -6.257  2.993   1.00 10.62 ? 22  LEU A C   1 
ATOM   172  O  O   . LEU A 1 23  ? 9.661   -6.897  1.931   1.00 12.81 ? 22  LEU A O   1 
ATOM   173  C  CB  . LEU A 1 23  ? 8.631   -3.974  3.171   1.00 11.43 ? 22  LEU A CB  1 
ATOM   174  C  CG  . LEU A 1 23  ? 7.380   -3.112  3.354   1.00 12.22 ? 22  LEU A CG  1 
ATOM   175  C  CD1 . LEU A 1 23  ? 7.691   -1.698  3.007   1.00 13.72 ? 22  LEU A CD1 1 
ATOM   176  C  CD2 . LEU A 1 23  ? 6.209   -3.617  2.508   1.00 14.41 ? 22  LEU A CD2 1 
ATOM   177  N  N   . SER A 1 24  ? 10.748  -6.230  3.777   1.00 11.53 ? 23  SER A N   1 
ATOM   178  C  CA  A SER A 1 24  ? 12.007  -6.864  3.409   0.50 10.45 ? 23  SER A CA  1 
ATOM   179  C  CA  B SER A 1 24  ? 11.968  -6.841  3.308   0.50 12.59 ? 23  SER A CA  1 
ATOM   180  C  C   . SER A 1 24  ? 11.919  -8.362  3.340   1.00 12.30 ? 23  SER A C   1 
ATOM   181  O  O   . SER A 1 24  ? 12.569  -9.000  2.512   1.00 12.62 ? 23  SER A O   1 
ATOM   182  C  CB  A SER A 1 24  ? 13.090  -6.519  4.435   0.50 9.38  ? 23  SER A CB  1 
ATOM   183  C  CB  B SER A 1 24  ? 13.179  -6.286  4.058   0.50 14.52 ? 23  SER A CB  1 
ATOM   184  O  OG  A SER A 1 24  ? 14.330  -7.136  4.062   0.50 9.33  ? 23  SER A OG  1 
ATOM   185  O  OG  B SER A 1 24  ? 13.191  -6.645  5.411   0.50 19.02 ? 23  SER A OG  1 
ATOM   186  N  N   . GLN A 1 25  ? 11.167  -8.942  4.259   1.00 12.06 ? 24  GLN A N   1 
ATOM   187  C  CA  . GLN A 1 25  ? 11.168  -10.397 4.423   1.00 12.65 ? 24  GLN A CA  1 
ATOM   188  C  C   . GLN A 1 25  ? 9.931   -11.104 3.938   1.00 13.36 ? 24  GLN A C   1 
ATOM   189  O  O   . GLN A 1 25  ? 10.021  -12.285 3.544   1.00 15.21 ? 24  GLN A O   1 
ATOM   190  C  CB  . GLN A 1 25  ? 11.401  -10.733 5.893   1.00 12.53 ? 24  GLN A CB  1 
ATOM   191  C  CG  . GLN A 1 25  ? 12.690  -10.174 6.429   1.00 13.65 ? 24  GLN A CG  1 
ATOM   192  C  CD  . GLN A 1 25  ? 12.889  -10.381 7.896   1.00 16.06 ? 24  GLN A CD  1 
ATOM   193  O  OE1 . GLN A 1 25  ? 11.939  -10.328 8.681   1.00 14.98 ? 24  GLN A OE1 1 
ATOM   194  N  NE2 . GLN A 1 25  ? 14.141  -10.570 8.295   1.00 13.49 ? 24  GLN A NE2 1 
ATOM   195  N  N   . ASP A 1 26  ? 8.775   -10.450 3.990   1.00 12.16 ? 25  ASP A N   1 
ATOM   196  C  CA  . ASP A 1 26  ? 7.509   -11.117 3.718   1.00 13.47 ? 25  ASP A CA  1 
ATOM   197  C  C   . ASP A 1 26  ? 6.773   -10.613 2.485   1.00 15.79 ? 25  ASP A C   1 
ATOM   198  O  O   . ASP A 1 26  ? 5.603   -10.942 2.312   1.00 18.35 ? 25  ASP A O   1 
ATOM   199  C  CB  . ASP A 1 26  ? 6.623   -10.993 4.947   1.00 14.42 ? 25  ASP A CB  1 
ATOM   200  C  CG  . ASP A 1 26  ? 7.217   -11.708 6.138   1.00 14.58 ? 25  ASP A CG  1 
ATOM   201  O  OD1 . ASP A 1 26  ? 7.571   -12.908 5.996   1.00 16.21 ? 25  ASP A OD1 1 
ATOM   202  O  OD2 . ASP A 1 26  ? 7.384   -11.100 7.224   1.00 15.93 ? 25  ASP A OD2 1 
ATOM   203  N  N   . THR A 1 27  ? 7.462   -9.877  1.618   1.00 14.11 ? 26  THR A N   1 
ATOM   204  C  CA  . THR A 1 27  ? 6.912   -9.443  0.339   1.00 15.13 ? 26  THR A CA  1 
ATOM   205  C  C   . THR A 1 27  ? 7.905   -9.752  -0.767  1.00 17.32 ? 26  THR A C   1 
ATOM   206  O  O   . THR A 1 27  ? 9.096   -9.759  -0.553  1.00 18.62 ? 26  THR A O   1 
ATOM   207  C  CB  . THR A 1 27  ? 6.542   -7.936  0.304   1.00 15.01 ? 26  THR A CB  1 
ATOM   208  O  OG1 . THR A 1 27  ? 7.707   -7.123  0.091   1.00 15.53 ? 26  THR A OG1 1 
ATOM   209  C  CG2 . THR A 1 27  ? 5.793   -7.490  1.544   1.00 15.98 ? 26  THR A CG2 1 
ATOM   210  N  N   . ASP A 1 28  ? 7.415   -9.960  -1.990  1.00 17.52 ? 27  ASP A N   1 
ATOM   211  C  CA  . ASP A 1 28  ? 8.357   -10.076 -3.091  1.00 19.21 ? 27  ASP A CA  1 
ATOM   212  C  C   . ASP A 1 28  ? 8.768   -8.716  -3.655  1.00 17.59 ? 27  ASP A C   1 
ATOM   213  O  O   . ASP A 1 28  ? 9.949   -8.514  -4.036  1.00 19.47 ? 27  ASP A O   1 
ATOM   214  C  CB  . ASP A 1 28  ? 7.851   -11.022 -4.178  1.00 21.97 ? 27  ASP A CB  1 
ATOM   215  C  CG  . ASP A 1 28  ? 6.543   -10.623 -4.763  1.00 24.94 ? 27  ASP A CG  1 
ATOM   216  O  OD1 . ASP A 1 28  ? 5.920   -9.627  -4.342  1.00 25.39 ? 27  ASP A OD1 1 
ATOM   217  O  OD2 . ASP A 1 28  ? 6.127   -11.340 -5.709  1.00 28.13 ? 27  ASP A OD2 1 
ATOM   218  N  N   . TRP A 1 29  ? 7.835   -7.759  -3.638  1.00 16.13 ? 28  TRP A N   1 
ATOM   219  C  CA  . TRP A 1 29  ? 8.069   -6.502  -4.295  1.00 16.38 ? 28  TRP A CA  1 
ATOM   220  C  C   . TRP A 1 29  ? 9.097   -5.649  -3.564  1.00 18.39 ? 28  TRP A C   1 
ATOM   221  O  O   . TRP A 1 29  ? 9.705   -4.779  -4.145  1.00 20.02 ? 28  TRP A O   1 
ATOM   222  C  CB  . TRP A 1 29  ? 6.758   -5.694  -4.484  1.00 17.31 ? 28  TRP A CB  1 
ATOM   223  C  CG  . TRP A 1 29  ? 6.123   -5.189  -3.202  1.00 15.41 ? 28  TRP A CG  1 
ATOM   224  C  CD1 . TRP A 1 29  ? 6.453   -4.055  -2.544  1.00 15.94 ? 28  TRP A CD1 1 
ATOM   225  C  CD2 . TRP A 1 29  ? 5.093   -5.806  -2.437  1.00 15.22 ? 28  TRP A CD2 1 
ATOM   226  N  NE1 . TRP A 1 29  ? 5.667   -3.893  -1.417  1.00 15.39 ? 28  TRP A NE1 1 
ATOM   227  C  CE2 . TRP A 1 29  ? 4.841   -4.971  -1.317  1.00 14.44 ? 28  TRP A CE2 1 
ATOM   228  C  CE3 . TRP A 1 29  ? 4.349   -6.990  -2.569  1.00 17.88 ? 28  TRP A CE3 1 
ATOM   229  C  CZ2 . TRP A 1 29  ? 3.864   -5.270  -0.359  1.00 16.39 ? 28  TRP A CZ2 1 
ATOM   230  C  CZ3 . TRP A 1 29  ? 3.387   -7.276  -1.603  1.00 18.09 ? 28  TRP A CZ3 1 
ATOM   231  C  CH2 . TRP A 1 29  ? 3.152   -6.423  -0.534  1.00 20.00 ? 28  TRP A CH2 1 
ATOM   232  N  N   . ALA A 1 30  ? 9.303   -5.893  -2.277  1.00 15.64 ? 29  ALA A N   1 
ATOM   233  C  CA  . ALA A 1 30  ? 10.269  -5.115  -1.529  1.00 14.92 ? 29  ALA A CA  1 
ATOM   234  C  C   . ALA A 1 30  ? 11.282  -5.983  -0.822  1.00 14.07 ? 29  ALA A C   1 
ATOM   235  O  O   . ALA A 1 30  ? 11.938  -5.545  0.115   1.00 14.11 ? 29  ALA A O   1 
ATOM   236  C  CB  . ALA A 1 30  ? 9.558   -4.192  -0.543  1.00 14.79 ? 29  ALA A CB  1 
ATOM   237  N  N   . LYS A 1 31  ? 11.461  -7.219  -1.296  1.00 13.34 ? 30  LYS A N   1 
ATOM   238  C  CA  A LYS A 1 31  ? 12.433  -8.135  -0.719  0.50 14.06 ? 30  LYS A CA  1 
ATOM   239  C  CA  B LYS A 1 31  ? 12.428  -8.132  -0.715  0.50 14.26 ? 30  LYS A CA  1 
ATOM   240  C  C   . LYS A 1 31  ? 13.791  -7.458  -0.553  1.00 13.01 ? 30  LYS A C   1 
ATOM   241  O  O   . LYS A 1 31  ? 14.332  -6.873  -1.514  1.00 15.55 ? 30  LYS A O   1 
ATOM   242  C  CB  A LYS A 1 31  ? 12.594  -9.401  -1.593  0.50 14.20 ? 30  LYS A CB  1 
ATOM   243  C  CB  B LYS A 1 31  ? 12.573  -9.400  -1.581  0.50 14.50 ? 30  LYS A CB  1 
ATOM   244  C  CG  A LYS A 1 31  ? 13.510  -10.452 -0.980  0.50 17.09 ? 30  LYS A CG  1 
ATOM   245  C  CG  B LYS A 1 31  ? 13.408  -10.480 -0.928  0.50 16.99 ? 30  LYS A CG  1 
ATOM   246  C  CD  A LYS A 1 31  ? 13.685  -11.675 -1.892  0.50 18.68 ? 30  LYS A CD  1 
ATOM   247  C  CD  B LYS A 1 31  ? 13.451  -11.754 -1.774  0.50 19.69 ? 30  LYS A CD  1 
ATOM   248  C  CE  A LYS A 1 31  ? 14.737  -12.621 -1.336  0.50 26.38 ? 30  LYS A CE  1 
ATOM   249  C  CE  B LYS A 1 31  ? 14.435  -12.745 -1.190  0.50 28.14 ? 30  LYS A CE  1 
ATOM   250  N  NZ  A LYS A 1 31  ? 14.843  -13.878 -2.149  0.50 25.84 ? 30  LYS A NZ  1 
ATOM   251  N  NZ  B LYS A 1 31  ? 14.017  -13.222 0.148   0.50 33.57 ? 30  LYS A NZ  1 
ATOM   252  N  N   . ASP A 1 32  ? 14.341  -7.539  0.658   1.00 12.82 ? 31  ASP A N   1 
ATOM   253  C  CA  . ASP A 1 32  ? 15.670  -7.029  0.997   1.00 12.71 ? 31  ASP A CA  1 
ATOM   254  C  C   . ASP A 1 32  ? 15.789  -5.505  0.974   1.00 12.93 ? 31  ASP A C   1 
ATOM   255  O  O   . ASP A 1 32  ? 16.889  -4.972  1.054   1.00 14.83 ? 31  ASP A O   1 
ATOM   256  C  CB  . ASP A 1 32  ? 16.758  -7.681  0.128   1.00 14.15 ? 31  ASP A CB  1 
ATOM   257  C  CG  . ASP A 1 32  ? 16.949  -9.151  0.431   1.00 18.85 ? 31  ASP A CG  1 
ATOM   258  O  OD1 . ASP A 1 32  ? 16.878  -9.537  1.615   1.00 17.51 ? 31  ASP A OD1 1 
ATOM   259  O  OD2 . ASP A 1 32  ? 17.198  -9.935  -0.518  1.00 21.19 ? 31  ASP A OD2 1 
ATOM   260  N  N   . ILE A 1 33  ? 14.668  -4.786  0.956   1.00 12.82 ? 32  ILE A N   1 
ATOM   261  C  CA  . ILE A 1 33  ? 14.724  -3.316  0.917   1.00 12.07 ? 32  ILE A CA  1 
ATOM   262  C  C   . ILE A 1 33  ? 15.495  -2.791  2.146   1.00 12.76 ? 32  ILE A C   1 
ATOM   263  O  O   . ILE A 1 33  ? 15.253  -3.248  3.284   1.00 13.13 ? 32  ILE A O   1 
ATOM   264  C  CB  . ILE A 1 33  ? 13.315  -2.686  0.842   1.00 12.51 ? 32  ILE A CB  1 
ATOM   265  C  CG1 . ILE A 1 33  ? 13.425  -1.171  0.588   1.00 13.21 ? 32  ILE A CG1 1 
ATOM   266  C  CG2 . ILE A 1 33  ? 12.459  -2.998  2.075   1.00 13.70 ? 32  ILE A CG2 1 
ATOM   267  C  CD1 . ILE A 1 33  ? 12.133  -0.506  0.243   1.00 13.80 ? 32  ILE A CD1 1 
ATOM   268  N  N   . PRO A 1 34  ? 16.447  -1.859  1.939   1.00 11.92 ? 33  PRO A N   1 
ATOM   269  C  CA  . PRO A 1 34  ? 17.125  -1.290  3.115   1.00 11.58 ? 33  PRO A CA  1 
ATOM   270  C  C   . PRO A 1 34  ? 16.264  -0.401  3.974   1.00 12.55 ? 33  PRO A C   1 
ATOM   271  O  O   . PRO A 1 34  ? 15.354  0.257   3.492   1.00 12.13 ? 33  PRO A O   1 
ATOM   272  C  CB  . PRO A 1 34  ? 18.282  -0.469  2.521   1.00 13.53 ? 33  PRO A CB  1 
ATOM   273  C  CG  . PRO A 1 34  ? 18.427  -0.987  1.107   1.00 15.66 ? 33  PRO A CG  1 
ATOM   274  C  CD  . PRO A 1 34  ? 17.061  -1.402  0.667   1.00 12.72 ? 33  PRO A CD  1 
ATOM   275  N  N   . LEU A 1 35  ? 16.552  -0.398  5.273   1.00 11.34 ? 34  LEU A N   1 
ATOM   276  C  CA  . LEU A 1 35  ? 15.870  0.458   6.234   1.00 11.11 ? 34  LEU A CA  1 
ATOM   277  C  C   . LEU A 1 35  ? 15.866  1.916   5.808   1.00 11.78 ? 34  LEU A C   1 
ATOM   278  O  O   . LEU A 1 35  ? 14.871  2.587   5.912   1.00 12.16 ? 34  LEU A O   1 
ATOM   279  C  CB  . LEU A 1 35  ? 16.506  0.312   7.610   1.00 12.23 ? 34  LEU A CB  1 
ATOM   280  C  CG  . LEU A 1 35  ? 15.950  1.214   8.707   1.00 11.52 ? 34  LEU A CG  1 
ATOM   281  C  CD1 . LEU A 1 35  ? 14.451  1.008   8.918   1.00 13.55 ? 34  LEU A CD1 1 
ATOM   282  C  CD2 . LEU A 1 35  ? 16.672  0.979   10.007  1.00 13.62 ? 34  LEU A CD2 1 
ATOM   283  N  N   . ALA A 1 36  ? 16.999  2.402   5.323   1.00 11.89 ? 35  ALA A N   1 
ATOM   284  C  CA  . ALA A 1 36  ? 17.093  3.817   4.982   1.00 13.54 ? 35  ALA A CA  1 
ATOM   285  C  C   . ALA A 1 36  ? 16.151  4.153   3.865   1.00 12.90 ? 35  ALA A C   1 
ATOM   286  O  O   . ALA A 1 36  ? 15.608  5.277   3.820   1.00 13.34 ? 35  ALA A O   1 
ATOM   287  C  CB  . ALA A 1 36  ? 18.531  4.178   4.597   1.00 14.48 ? 35  ALA A CB  1 
ATOM   288  N  N   . LEU A 1 37  ? 15.901  3.222   2.945   1.00 12.65 ? 36  LEU A N   1 
ATOM   289  C  CA  . LEU A 1 37  ? 14.968  3.465   1.859   1.00 12.89 ? 36  LEU A CA  1 
ATOM   290  C  C   . LEU A 1 37  ? 13.545  3.416   2.357   1.00 12.32 ? 36  LEU A C   1 
ATOM   291  O  O   . LEU A 1 37  ? 12.680  4.151   1.889   1.00 13.22 ? 36  LEU A O   1 
ATOM   292  C  CB  . LEU A 1 37  ? 15.129  2.494   0.680   1.00 15.72 ? 36  LEU A CB  1 
ATOM   293  C  CG  . LEU A 1 37  ? 16.314  2.693   -0.212  1.00 18.88 ? 36  LEU A CG  1 
ATOM   294  C  CD1 . LEU A 1 37  ? 16.129  1.832   -1.464  1.00 16.59 ? 36  LEU A CD1 1 
ATOM   295  C  CD2 . LEU A 1 37  ? 16.481  4.193   -0.587  1.00 18.55 ? 36  LEU A CD2 1 
ATOM   296  N  N   . VAL A 1 38  ? 13.249  2.494   3.275   1.00 11.78 ? 37  VAL A N   1 
ATOM   297  C  CA  . VAL A 1 38  ? 11.911  2.460   3.889   1.00 11.00 ? 37  VAL A CA  1 
ATOM   298  C  C   . VAL A 1 38  ? 11.629  3.795   4.549   1.00 11.31 ? 37  VAL A C   1 
ATOM   299  O  O   . VAL A 1 38  ? 10.557  4.362   4.357   1.00 11.75 ? 37  VAL A O   1 
ATOM   300  C  CB  . VAL A 1 38  ? 11.807  1.286   4.905   1.00 11.10 ? 37  VAL A CB  1 
ATOM   301  C  CG1 . VAL A 1 38  ? 10.492  1.355   5.669   1.00 12.67 ? 37  VAL A CG1 1 
ATOM   302  C  CG2 . VAL A 1 38  ? 11.914  -0.043  4.177   1.00 12.95 ? 37  VAL A CG2 1 
ATOM   303  N  N   . GLN A 1 39  ? 12.564  4.294   5.340   1.00 11.08 ? 38  GLN A N   1 
ATOM   304  C  CA  . GLN A 1 39  ? 12.356  5.540   6.036   1.00 11.03 ? 38  GLN A CA  1 
ATOM   305  C  C   . GLN A 1 39  ? 12.176  6.695   5.069   1.00 10.73 ? 38  GLN A C   1 
ATOM   306  O  O   . GLN A 1 39  ? 11.241  7.497   5.234   1.00 11.98 ? 38  GLN A O   1 
ATOM   307  C  CB  . GLN A 1 39  ? 13.499  5.854   6.987   1.00 12.91 ? 38  GLN A CB  1 
ATOM   308  C  CG  . GLN A 1 39  ? 13.214  7.099   7.844   1.00 15.38 ? 38  GLN A CG  1 
ATOM   309  C  CD  . GLN A 1 39  ? 12.167  6.889   8.907   1.00 17.95 ? 38  GLN A CD  1 
ATOM   310  O  OE1 . GLN A 1 39  ? 12.378  6.096   9.833   1.00 18.37 ? 38  GLN A OE1 1 
ATOM   311  N  NE2 . GLN A 1 39  ? 11.058  7.597   8.815   1.00 16.34 ? 38  GLN A NE2 1 
ATOM   312  N  N   . ARG A 1 40  ? 13.047  6.779   4.064   1.00 11.24 ? 39  ARG A N   1 
ATOM   313  C  CA  . ARG A 1 40  ? 12.929  7.857   3.085   1.00 10.84 ? 39  ARG A CA  1 
ATOM   314  C  C   . ARG A 1 40  ? 11.598  7.788   2.337   1.00 11.65 ? 39  ARG A C   1 
ATOM   315  O  O   . ARG A 1 40  ? 10.920  8.803   2.130   1.00 12.24 ? 39  ARG A O   1 
ATOM   316  C  CB  . ARG A 1 40  ? 14.105  7.806   2.122   1.00 12.30 ? 39  ARG A CB  1 
ATOM   317  C  CG  . ARG A 1 40  ? 14.135  8.944   1.115   1.00 13.46 ? 39  ARG A CG  1 
ATOM   318  C  CD  . ARG A 1 40  ? 15.464  9.025   0.359   1.00 17.93 ? 39  ARG A CD  1 
ATOM   319  N  NE  . ARG A 1 40  ? 16.556  9.153   1.321   1.00 24.04 ? 39  ARG A NE  1 
ATOM   320  C  CZ  . ARG A 1 40  ? 17.550  8.281   1.516   1.00 25.12 ? 39  ARG A CZ  1 
ATOM   321  N  NH1 . ARG A 1 40  ? 17.707  7.208   0.761   1.00 27.18 ? 39  ARG A NH1 1 
ATOM   322  N  NH2 . ARG A 1 40  ? 18.442  8.524   2.481   1.00 33.24 ? 39  ARG A NH2 1 
ATOM   323  N  N   . ALA A 1 41  ? 11.217  6.591   1.935   1.00 11.01 ? 40  ALA A N   1 
ATOM   324  C  CA  . ALA A 1 41  ? 9.964   6.413   1.228   1.00 11.04 ? 40  ALA A CA  1 
ATOM   325  C  C   . ALA A 1 41  ? 8.813   6.919   2.062   1.00 11.01 ? 40  ALA A C   1 
ATOM   326  O  O   . ALA A 1 41  ? 7.941   7.652   1.581   1.00 11.90 ? 40  ALA A O   1 
ATOM   327  C  CB  . ALA A 1 41  ? 9.752   4.929   0.901   1.00 12.51 ? 40  ALA A CB  1 
ATOM   328  N  N   . ILE A 1 42  ? 8.758   6.520   3.333   1.00 10.96 ? 41  ILE A N   1 
ATOM   329  C  CA  . ILE A 1 42  ? 7.692   6.933   4.225   1.00 10.62 ? 41  ILE A CA  1 
ATOM   330  C  C   . ILE A 1 42  ? 7.667   8.445   4.399   1.00 10.89 ? 41  ILE A C   1 
ATOM   331  O  O   . ILE A 1 42  ? 6.591   9.057   4.377   1.00 11.64 ? 41  ILE A O   1 
ATOM   332  C  CB  . ILE A 1 42  ? 7.840   6.152   5.565   1.00 12.03 ? 41  ILE A CB  1 
ATOM   333  C  CG1 . ILE A 1 42  ? 7.346   4.714   5.357   1.00 12.37 ? 41  ILE A CG1 1 
ATOM   334  C  CG2 . ILE A 1 42  ? 7.119   6.846   6.709   1.00 11.83 ? 41  ILE A CG2 1 
ATOM   335  C  CD1 . ILE A 1 42  ? 7.634   3.768   6.509   1.00 14.03 ? 41  ILE A CD1 1 
ATOM   336  N  N   . ASP A 1 43  ? 8.859   9.036   4.538   1.00 10.93 ? 42  ASP A N   1 
ATOM   337  C  CA  . ASP A 1 43  ? 8.965   10.473  4.749   1.00 10.80 ? 42  ASP A CA  1 
ATOM   338  C  C   . ASP A 1 43  ? 8.362   11.257  3.585   1.00 10.88 ? 42  ASP A C   1 
ATOM   339  O  O   . ASP A 1 43  ? 7.868   12.375  3.773   1.00 14.05 ? 42  ASP A O   1 
ATOM   340  C  CB  . ASP A 1 43  ? 10.410  10.884  4.916   1.00 12.22 ? 42  ASP A CB  1 
ATOM   341  C  CG  . ASP A 1 43  ? 11.032  10.439  6.231   1.00 15.98 ? 42  ASP A CG  1 
ATOM   342  O  OD1 . ASP A 1 43  ? 10.332  10.023  7.151   1.00 16.51 ? 42  ASP A OD1 1 
ATOM   343  O  OD2 . ASP A 1 43  ? 12.278  10.560  6.315   1.00 17.42 ? 42  ASP A OD2 1 
ATOM   344  N  N   . HIS A 1 44  ? 8.329   10.665  2.400   1.00 11.00 ? 43  HIS A N   1 
ATOM   345  C  CA  . HIS A 1 44  ? 7.853   11.360  1.192   1.00 11.15 ? 43  HIS A CA  1 
ATOM   346  C  C   . HIS A 1 44  ? 6.579   10.797  0.614   1.00 11.94 ? 43  HIS A C   1 
ATOM   347  O  O   . HIS A 1 44  ? 6.238   11.035  -0.548  1.00 12.98 ? 43  HIS A O   1 
ATOM   348  C  CB  . HIS A 1 44  ? 8.972   11.390  0.149   1.00 10.75 ? 43  HIS A CB  1 
ATOM   349  C  CG  . HIS A 1 44  ? 10.142  12.169  0.600   1.00 11.29 ? 43  HIS A CG  1 
ATOM   350  N  ND1 . HIS A 1 44  ? 10.153  13.545  0.586   1.00 14.74 ? 43  HIS A ND1 1 
ATOM   351  C  CD2 . HIS A 1 44  ? 11.319  11.766  1.142   1.00 13.12 ? 43  HIS A CD2 1 
ATOM   352  C  CE1 . HIS A 1 44  ? 11.312  13.953  1.078   1.00 16.45 ? 43  HIS A CE1 1 
ATOM   353  N  NE2 . HIS A 1 44  ? 12.029  12.903  1.431   1.00 17.57 ? 43  HIS A NE2 1 
ATOM   354  N  N   . SER A 1 45  ? 5.833   10.071  1.432   1.00 11.73 ? 44  SER A N   1 
ATOM   355  C  CA  . SER A 1 45  ? 4.575   9.483   1.048   1.00 11.01 ? 44  SER A CA  1 
ATOM   356  C  C   . SER A 1 45  ? 3.484   9.832   2.020   1.00 11.79 ? 44  SER A C   1 
ATOM   357  O  O   . SER A 1 45  ? 3.757   10.226  3.158   1.00 12.80 ? 44  SER A O   1 
ATOM   358  C  CB  . SER A 1 45  ? 4.693   7.944   1.041   1.00 12.94 ? 44  SER A CB  1 
ATOM   359  O  OG  . SER A 1 45  ? 5.708   7.519   0.145   1.00 12.86 ? 44  SER A OG  1 
ATOM   360  N  N   . LEU A 1 46  ? 2.242   9.630   1.587   1.00 10.96 ? 45  LEU A N   1 
ATOM   361  C  CA  . LEU A 1 46  ? 1.078   9.669   2.448   1.00 11.18 ? 45  LEU A CA  1 
ATOM   362  C  C   . LEU A 1 46  ? 0.799   8.246   2.882   1.00 10.33 ? 45  LEU A C   1 
ATOM   363  O  O   . LEU A 1 46  ? 0.446   7.377   2.096   1.00 11.14 ? 45  LEU A O   1 
ATOM   364  C  CB  . LEU A 1 46  ? -0.134  10.255  1.726   1.00 10.89 ? 45  LEU A CB  1 
ATOM   365  C  CG  . LEU A 1 46  ? -1.431  10.334  2.529   1.00 11.81 ? 45  LEU A CG  1 
ATOM   366  C  CD1 . LEU A 1 46  ? -1.288  11.186  3.749   1.00 13.34 ? 45  LEU A CD1 1 
ATOM   367  C  CD2 . LEU A 1 46  ? -2.539  10.908  1.644   1.00 13.34 ? 45  LEU A CD2 1 
ATOM   368  N  N   . CYS A 1 47  ? 1.078   7.979   4.153   1.00 10.93 ? 46  CYS A N   1 
ATOM   369  C  CA  . CYS A 1 47  ? 1.055   6.631   4.686   1.00 10.94 ? 46  CYS A CA  1 
ATOM   370  C  C   . CYS A 1 47  ? -0.147  6.441   5.586   1.00 11.10 ? 46  CYS A C   1 
ATOM   371  O  O   . CYS A 1 47  ? -0.535  7.353   6.329   1.00 11.90 ? 46  CYS A O   1 
ATOM   372  C  CB  . CYS A 1 47  ? 2.311   6.321   5.486   1.00 11.23 ? 46  CYS A CB  1 
ATOM   373  S  SG  . CYS A 1 47  ? 3.843   6.451   4.540   1.00 12.61 ? 46  CYS A SG  1 
ATOM   374  N  N   . PHE A 1 48  ? -0.728  5.247   5.507   1.00 11.39 ? 47  PHE A N   1 
ATOM   375  C  CA  . PHE A 1 48  ? -1.914  4.854   6.294   1.00 11.69 ? 47  PHE A CA  1 
ATOM   376  C  C   . PHE A 1 48  ? -1.489  3.691   7.181   1.00 10.72 ? 47  PHE A C   1 
ATOM   377  O  O   . PHE A 1 48  ? -1.159  2.610   6.693   1.00 11.61 ? 47  PHE A O   1 
ATOM   378  C  CB  . PHE A 1 48  ? -3.060  4.429   5.360   1.00 11.41 ? 47  PHE A CB  1 
ATOM   379  C  CG  . PHE A 1 48  ? -3.554  5.561   4.501   1.00 11.43 ? 47  PHE A CG  1 
ATOM   380  C  CD1 . PHE A 1 48  ? -2.843  5.966   3.397   1.00 11.68 ? 47  PHE A CD1 1 
ATOM   381  C  CD2 . PHE A 1 48  ? -4.731  6.247   4.804   1.00 11.86 ? 47  PHE A CD2 1 
ATOM   382  C  CE1 . PHE A 1 48  ? -3.282  7.030   2.624   1.00 11.54 ? 47  PHE A CE1 1 
ATOM   383  C  CE2 . PHE A 1 48  ? -5.162  7.308   4.049   1.00 12.04 ? 47  PHE A CE2 1 
ATOM   384  C  CZ  . PHE A 1 48  ? -4.441  7.699   2.958   1.00 10.38 ? 47  PHE A CZ  1 
ATOM   385  N  N   . GLY A 1 49  ? -1.510  3.918   8.478   1.00 11.44 ? 48  GLY A N   1 
ATOM   386  C  CA  . GLY A 1 49  ? -1.232  2.846   9.419   1.00 11.22 ? 48  GLY A CA  1 
ATOM   387  C  C   . GLY A 1 49  ? -2.498  2.406   10.093  1.00 11.61 ? 48  GLY A C   1 
ATOM   388  O  O   . GLY A 1 49  ? -3.351  3.221   10.419  1.00 12.19 ? 48  GLY A O   1 
ATOM   389  N  N   . GLY A 1 50  ? -2.629  1.110   10.330  1.00 11.20 ? 49  GLY A N   1 
ATOM   390  C  CA  . GLY A 1 50  ? -3.705  0.572   11.124  1.00 10.81 ? 49  GLY A CA  1 
ATOM   391  C  C   . GLY A 1 50  ? -3.151  -0.023  12.413  1.00 10.13 ? 49  GLY A C   1 
ATOM   392  O  O   . GLY A 1 50  ? -2.123  -0.691  12.384  1.00 11.10 ? 49  GLY A O   1 
ATOM   393  N  N   . PHE A 1 51  ? -3.822  0.303   13.505  1.00 11.13 ? 50  PHE A N   1 
ATOM   394  C  CA  . PHE A 1 51  ? -3.325  -0.020  14.841  1.00 11.01 ? 50  PHE A CA  1 
ATOM   395  C  C   . PHE A 1 51  ? -4.417  -0.632  15.695  1.00 10.14 ? 50  PHE A C   1 
ATOM   396  O  O   . PHE A 1 51  ? -5.570  -0.175  15.647  1.00 11.87 ? 50  PHE A O   1 
ATOM   397  C  CB  . PHE A 1 51  ? -2.822  1.246   15.544  1.00 11.39 ? 50  PHE A CB  1 
ATOM   398  C  CG  . PHE A 1 51  ? -1.756  1.986   14.770  1.00 10.86 ? 50  PHE A CG  1 
ATOM   399  C  CD1 . PHE A 1 51  ? -2.108  2.883   13.786  1.00 10.61 ? 50  PHE A CD1 1 
ATOM   400  C  CD2 . PHE A 1 51  ? -0.406  1.768   15.009  1.00 12.64 ? 50  PHE A CD2 1 
ATOM   401  C  CE1 . PHE A 1 51  ? -1.168  3.551   13.070  1.00 11.99 ? 50  PHE A CE1 1 
ATOM   402  C  CE2 . PHE A 1 51  ? 0.550   2.419   14.289  1.00 13.27 ? 50  PHE A CE2 1 
ATOM   403  C  CZ  . PHE A 1 51  ? 0.195   3.310   13.341  1.00 11.95 ? 50  PHE A CZ  1 
ATOM   404  N  N   . VAL A 1 52  ? -4.033  -1.615  16.493  1.00 10.69 ? 51  VAL A N   1 
ATOM   405  C  CA  . VAL A 1 52  ? -4.928  -2.217  17.477  1.00 11.09 ? 51  VAL A CA  1 
ATOM   406  C  C   . VAL A 1 52  ? -4.149  -2.386  18.777  1.00 11.23 ? 51  VAL A C   1 
ATOM   407  O  O   . VAL A 1 52  ? -3.100  -2.989  18.792  1.00 11.61 ? 51  VAL A O   1 
ATOM   408  C  CB  . VAL A 1 52  ? -5.453  -3.589  16.992  1.00 13.98 ? 51  VAL A CB  1 
ATOM   409  C  CG1 . VAL A 1 52  ? -6.344  -4.240  18.072  1.00 14.47 ? 51  VAL A CG1 1 
ATOM   410  C  CG2 . VAL A 1 52  ? -6.198  -3.441  15.679  1.00 14.71 ? 51  VAL A CG2 1 
ATOM   411  N  N   . ASP A 1 53  ? -4.708  -1.873  19.863  1.00 12.58 ? 52  ASP A N   1 
ATOM   412  C  CA  . ASP A 1 53  ? -4.160  -2.063  21.208  1.00 11.85 ? 52  ASP A CA  1 
ATOM   413  C  C   . ASP A 1 53  ? -2.670  -1.728  21.270  1.00 11.33 ? 52  ASP A C   1 
ATOM   414  O  O   . ASP A 1 53  ? -1.852  -2.421  21.878  1.00 12.05 ? 52  ASP A O   1 
ATOM   415  C  CB  . ASP A 1 53  ? -4.441  -3.483  21.717  1.00 12.19 ? 52  ASP A CB  1 
ATOM   416  C  CG  . ASP A 1 53  ? -5.928  -3.770  21.890  1.00 16.50 ? 52  ASP A CG  1 
ATOM   417  O  OD1 . ASP A 1 53  ? -6.736  -2.846  22.035  1.00 17.38 ? 52  ASP A OD1 1 
ATOM   418  O  OD2 . ASP A 1 53  ? -6.261  -4.964  21.886  1.00 23.42 ? 52  ASP A OD2 1 
ATOM   419  N  N   . GLY A 1 54  ? -2.320  -0.632  20.619  1.00 11.63 ? 53  GLY A N   1 
ATOM   420  C  CA  . GLY A 1 54  ? -0.996  -0.081  20.741  1.00 11.22 ? 53  GLY A CA  1 
ATOM   421  C  C   . GLY A 1 54  ? 0.045   -0.599  19.785  1.00 11.27 ? 53  GLY A C   1 
ATOM   422  O  O   . GLY A 1 54  ? 1.218   -0.233  19.879  1.00 11.53 ? 53  GLY A O   1 
ATOM   423  N  N   . ARG A 1 55  ? -0.368  -1.534  18.903  1.00 11.62 ? 54  ARG A N   1 
ATOM   424  C  CA  . ARG A 1 55  ? 0.527   -2.169  17.969  1.00 12.13 ? 54  ARG A CA  1 
ATOM   425  C  C   . ARG A 1 55  ? 0.036   -1.902  16.548  1.00 10.22 ? 54  ARG A C   1 
ATOM   426  O  O   . ARG A 1 55  ? -1.168  -1.910  16.306  1.00 11.56 ? 54  ARG A O   1 
ATOM   427  C  CB  . ARG A 1 55  ? 0.523   -3.681  18.174  1.00 13.64 ? 54  ARG A CB  1 
ATOM   428  C  CG  . ARG A 1 55  ? 1.505   -4.219  19.214  1.00 19.49 ? 54  ARG A CG  1 
ATOM   429  C  CD  . ARG A 1 55  ? 1.312   -3.748  20.583  1.00 26.25 ? 54  ARG A CD  1 
ATOM   430  N  NE  . ARG A 1 55  ? 0.016   -4.019  21.207  1.00 22.82 ? 54  ARG A NE  1 
ATOM   431  C  CZ  . ARG A 1 55  ? -0.333  -5.113  21.888  1.00 20.59 ? 54  ARG A CZ  1 
ATOM   432  N  NH1 . ARG A 1 55  ? 0.519   -6.121  22.067  1.00 28.85 ? 54  ARG A NH1 1 
ATOM   433  N  NH2 . ARG A 1 55  ? -1.512  -5.136  22.467  1.00 17.50 ? 54  ARG A NH2 1 
ATOM   434  N  N   . GLN A 1 56  ? 0.972   -1.733  15.630  1.00 10.90 ? 55  GLN A N   1 
ATOM   435  C  CA  . GLN A 1 56  ? 0.614   -1.628  14.211  1.00 9.98  ? 55  GLN A CA  1 
ATOM   436  C  C   . GLN A 1 56  ? 0.306   -3.023  13.670  1.00 11.43 ? 55  GLN A C   1 
ATOM   437  O  O   . GLN A 1 56  ? 1.051   -3.971  13.882  1.00 12.96 ? 55  GLN A O   1 
ATOM   438  C  CB  . GLN A 1 56  ? 1.725   -0.988  13.417  1.00 10.13 ? 55  GLN A CB  1 
ATOM   439  C  CG  . GLN A 1 56  ? 1.281   -0.678  11.980  1.00 10.89 ? 55  GLN A CG  1 
ATOM   440  C  CD  . GLN A 1 56  ? 2.217   0.146   11.188  1.00 11.75 ? 55  GLN A CD  1 
ATOM   441  O  OE1 . GLN A 1 56  ? 3.169   0.715   11.704  1.00 11.94 ? 55  GLN A OE1 1 
ATOM   442  N  NE2 . GLN A 1 56  ? 1.902   0.292   9.889   1.00 11.09 ? 55  GLN A NE2 1 
ATOM   443  N  N   . VAL A 1 57  ? -0.808  -3.101  12.936  1.00 11.09 ? 56  VAL A N   1 
ATOM   444  C  CA  . VAL A 1 57  ? -1.285  -4.352  12.347  1.00 11.34 ? 56  VAL A CA  1 
ATOM   445  C  C   . VAL A 1 57  ? -1.423  -4.292  10.831  1.00 11.20 ? 56  VAL A C   1 
ATOM   446  O  O   . VAL A 1 57  ? -1.590  -5.342  10.201  1.00 10.85 ? 56  VAL A O   1 
ATOM   447  C  CB  . VAL A 1 57  ? -2.639  -4.764  12.946  1.00 12.06 ? 56  VAL A CB  1 
ATOM   448  C  CG1 . VAL A 1 57  ? -2.488  -4.938  14.477  1.00 14.10 ? 56  VAL A CG1 1 
ATOM   449  C  CG2 . VAL A 1 57  ? -3.742  -3.821  12.611  1.00 13.95 ? 56  VAL A CG2 1 
ATOM   450  N  N   . ALA A 1 58  ? -1.374  -3.104  10.224  1.00 10.39 ? 57  ALA A N   1 
ATOM   451  C  CA  . ALA A 1 58  ? -1.629  -2.999  8.782   1.00 10.65 ? 57  ALA A CA  1 
ATOM   452  C  C   . ALA A 1 58  ? -1.012  -1.719  8.275   1.00 10.29 ? 57  ALA A C   1 
ATOM   453  O  O   . ALA A 1 58  ? -0.716  -0.798  9.048   1.00 10.68 ? 57  ALA A O   1 
ATOM   454  C  CB  . ALA A 1 58  ? -3.124  -3.008  8.501   1.00 11.26 ? 57  ALA A CB  1 
ATOM   455  N  N   . PHE A 1 59  ? -0.841  -1.631  6.950   1.00 10.20 ? 58  PHE A N   1 
ATOM   456  C  CA  . PHE A 1 59  ? -0.189  -0.501  6.312   1.00 9.70  ? 58  PHE A CA  1 
ATOM   457  C  C   . PHE A 1 59  ? -0.646  -0.382  4.871   1.00 9.99  ? 58  PHE A C   1 
ATOM   458  O  O   . PHE A 1 59  ? -0.953  -1.375  4.225   1.00 11.18 ? 58  PHE A O   1 
ATOM   459  C  CB  . PHE A 1 59  ? 1.325   -0.778  6.289   1.00 10.94 ? 58  PHE A CB  1 
ATOM   460  C  CG  . PHE A 1 59  ? 2.212   0.381   5.844   1.00 9.92  ? 58  PHE A CG  1 
ATOM   461  C  CD1 . PHE A 1 59  ? 2.217   1.585   6.525   1.00 9.77  ? 58  PHE A CD1 1 
ATOM   462  C  CD2 . PHE A 1 59  ? 3.047   0.252   4.755   1.00 10.47 ? 58  PHE A CD2 1 
ATOM   463  C  CE1 . PHE A 1 59  ? 3.054   2.621   6.135   1.00 9.87  ? 58  PHE A CE1 1 
ATOM   464  C  CE2 . PHE A 1 59  ? 3.883   1.248   4.384   1.00 11.70 ? 58  PHE A CE2 1 
ATOM   465  C  CZ  . PHE A 1 59  ? 3.923   2.426   5.069   1.00 10.33 ? 58  PHE A CZ  1 
ATOM   466  N  N   . ALA A 1 60  ? -0.661  0.854   4.392   1.00 10.58 ? 59  ALA A N   1 
ATOM   467  C  CA  . ALA A 1 60  ? -0.805  1.149   2.964   1.00 11.71 ? 59  ALA A CA  1 
ATOM   468  C  C   . ALA A 1 60  ? -0.106  2.448   2.708   1.00 11.26 ? 59  ALA A C   1 
ATOM   469  O  O   . ALA A 1 60  ? -0.058  3.310   3.573   1.00 12.49 ? 59  ALA A O   1 
ATOM   470  C  CB  . ALA A 1 60  ? -2.301  1.269   2.582   1.00 12.53 ? 59  ALA A CB  1 
ATOM   471  N  N   . ARG A 1 61  ? 0.452   2.604   1.519   1.00 10.66 ? 60  ARG A N   1 
ATOM   472  C  CA  . ARG A 1 61  ? 1.275   3.757   1.218   1.00 11.23 ? 60  ARG A CA  1 
ATOM   473  C  C   . ARG A 1 61  ? 0.917   4.353   -0.139  1.00 10.36 ? 60  ARG A C   1 
ATOM   474  O  O   . ARG A 1 61  ? 0.769   3.616   -1.107  1.00 11.91 ? 60  ARG A O   1 
ATOM   475  C  CB  . ARG A 1 61  ? 2.762   3.398   1.254   1.00 11.84 ? 60  ARG A CB  1 
ATOM   476  C  CG  . ARG A 1 61  ? 3.674   4.617   1.134   1.00 13.58 ? 60  ARG A CG  1 
ATOM   477  C  CD  . ARG A 1 61  ? 5.097   4.294   1.530   1.00 11.72 ? 60  ARG A CD  1 
ATOM   478  N  NE  . ARG A 1 61  ? 5.755   3.355   0.641   1.00 11.49 ? 60  ARG A NE  1 
ATOM   479  C  CZ  . ARG A 1 61  ? 6.480   3.704   -0.412  1.00 12.42 ? 60  ARG A CZ  1 
ATOM   480  N  NH1 . ARG A 1 61  ? 6.552   4.967   -0.802  1.00 12.36 ? 60  ARG A NH1 1 
ATOM   481  N  NH2 . ARG A 1 61  ? 7.153   2.790   -1.068  1.00 13.42 ? 60  ARG A NH2 1 
ATOM   482  N  N   . VAL A 1 62  ? 0.758   5.663   -0.167  1.00 10.70 ? 61  VAL A N   1 
ATOM   483  C  CA  . VAL A 1 62  ? 0.387   6.375   -1.379  1.00 11.05 ? 61  VAL A CA  1 
ATOM   484  C  C   . VAL A 1 62  ? 1.454   7.414   -1.731  1.00 10.95 ? 61  VAL A C   1 
ATOM   485  O  O   . VAL A 1 62  ? 1.851   8.215   -0.893  1.00 11.84 ? 61  VAL A O   1 
ATOM   486  C  CB  . VAL A 1 62  ? -0.998  7.033   -1.219  1.00 10.97 ? 61  VAL A CB  1 
ATOM   487  C  CG1 . VAL A 1 62  ? -1.366  7.857   -2.464  1.00 12.73 ? 61  VAL A CG1 1 
ATOM   488  C  CG2 . VAL A 1 62  ? -2.057  5.994   -0.935  1.00 12.39 ? 61  VAL A CG2 1 
ATOM   489  N  N   . ILE A 1 63  ? 1.907   7.424   -2.982  1.00 10.44 ? 62  ILE A N   1 
ATOM   490  C  CA  . ILE A 1 63  ? 2.797   8.449   -3.495  1.00 10.14 ? 62  ILE A CA  1 
ATOM   491  C  C   . ILE A 1 63  ? 1.917   9.305   -4.425  1.00 10.30 ? 62  ILE A C   1 
ATOM   492  O  O   . ILE A 1 63  ? 1.330   8.779   -5.360  1.00 11.09 ? 62  ILE A O   1 
ATOM   493  C  CB  . ILE A 1 63  ? 3.954   7.843   -4.277  1.00 10.14 ? 62  ILE A CB  1 
ATOM   494  C  CG1 . ILE A 1 63  ? 4.731   6.871   -3.383  1.00 11.11 ? 62  ILE A CG1 1 
ATOM   495  C  CG2 . ILE A 1 63  ? 4.868   8.938   -4.786  1.00 12.76 ? 62  ILE A CG2 1 
ATOM   496  C  CD1 . ILE A 1 63  ? 5.778   6.075   -4.134  1.00 13.73 ? 62  ILE A CD1 1 
ATOM   497  N  N   . SER A 1 64  ? 1.865   10.606  -4.188  1.00 10.59 ? 63  SER A N   1 
ATOM   498  C  CA  . SER A 1 64  ? 0.933   11.456  -4.928  1.00 10.11 ? 63  SER A CA  1 
ATOM   499  C  C   . SER A 1 64  ? 1.380   12.887  -4.944  1.00 10.28 ? 63  SER A C   1 
ATOM   500  O  O   . SER A 1 64  ? 2.112   13.327  -4.057  1.00 11.15 ? 63  SER A O   1 
ATOM   501  C  CB  . SER A 1 64  ? -0.428  11.372  -4.253  1.00 10.89 ? 63  SER A CB  1 
ATOM   502  O  OG  . SER A 1 64  ? -1.445  12.117  -4.937  1.00 10.37 ? 63  SER A OG  1 
ATOM   503  N  N   . ASP A 1 65  ? 0.899   13.638  -5.942  1.00 10.21 ? 64  ASP A N   1 
ATOM   504  C  CA  . ASP A 1 65  ? 0.996   15.090  -5.942  1.00 9.96  ? 64  ASP A CA  1 
ATOM   505  C  C   . ASP A 1 65  ? -0.206  15.763  -5.282  1.00 9.94  ? 64  ASP A C   1 
ATOM   506  O  O   . ASP A 1 65  ? -0.275  16.983  -5.265  1.00 10.64 ? 64  ASP A O   1 
ATOM   507  C  CB  . ASP A 1 65  ? 1.228   15.628  -7.342  1.00 9.77  ? 64  ASP A CB  1 
ATOM   508  C  CG  . ASP A 1 65  ? 0.077   15.406  -8.266  1.00 10.10 ? 64  ASP A CG  1 
ATOM   509  O  OD1 . ASP A 1 65  ? -0.910  14.744  -7.868  1.00 10.02 ? 64  ASP A OD1 1 
ATOM   510  O  OD2 . ASP A 1 65  ? 0.157   15.934  -9.404  1.00 11.32 ? 64  ASP A OD2 1 
ATOM   511  N  N   . TYR A 1 66  ? -1.147  14.966  -4.769  1.00 10.85 ? 65  TYR A N   1 
ATOM   512  C  CA  . TYR A 1 66  ? -2.349  15.465  -4.103  1.00 11.20 ? 65  TYR A CA  1 
ATOM   513  C  C   . TYR A 1 66  ? -3.155  16.365  -5.015  1.00 10.65 ? 65  TYR A C   1 
ATOM   514  O  O   . TYR A 1 66  ? -3.860  17.295  -4.562  1.00 12.12 ? 65  TYR A O   1 
ATOM   515  C  CB  . TYR A 1 66  ? -2.009  16.176  -2.777  1.00 12.06 ? 65  TYR A CB  1 
ATOM   516  C  CG  . TYR A 1 66  ? -1.031  15.371  -1.966  1.00 11.99 ? 65  TYR A CG  1 
ATOM   517  C  CD1 . TYR A 1 66  ? -1.309  14.065  -1.593  1.00 12.42 ? 65  TYR A CD1 1 
ATOM   518  C  CD2 . TYR A 1 66  ? 0.222   15.872  -1.660  1.00 12.94 ? 65  TYR A CD2 1 
ATOM   519  C  CE1 . TYR A 1 66  ? -0.365  13.276  -0.943  1.00 13.15 ? 65  TYR A CE1 1 
ATOM   520  C  CE2 . TYR A 1 66  ? 1.174   15.105  -0.977  1.00 13.66 ? 65  TYR A CE2 1 
ATOM   521  C  CZ  . TYR A 1 66  ? 0.873   13.793  -0.643  1.00 14.07 ? 65  TYR A CZ  1 
ATOM   522  O  OH  . TYR A 1 66  ? 1.801   13.010  0.030   1.00 16.33 ? 65  TYR A OH  1 
ATOM   523  N  N   . ALA A 1 67  ? -3.072  16.096  -6.320  1.00 10.39 ? 66  ALA A N   1 
ATOM   524  C  CA  . ALA A 1 67  ? -3.708  16.938  -7.317  1.00 9.80  ? 66  ALA A CA  1 
ATOM   525  C  C   . ALA A 1 67  ? -4.160  16.231  -8.579  1.00 10.76 ? 66  ALA A C   1 
ATOM   526  O  O   . ALA A 1 67  ? -5.312  16.406  -8.993  1.00 11.18 ? 66  ALA A O   1 
ATOM   527  C  CB  . ALA A 1 67  ? -2.786  18.084  -7.678  1.00 11.48 ? 66  ALA A CB  1 
ATOM   528  N  N   . THR A 1 68  ? -3.276  15.427  -9.164  1.00 10.01 ? 67  THR A N   1 
ATOM   529  C  CA  . THR A 1 68  ? -3.518  14.798  -10.452 1.00 9.82  ? 67  THR A CA  1 
ATOM   530  C  C   . THR A 1 68  ? -3.285  13.283  -10.496 1.00 9.99  ? 67  THR A C   1 
ATOM   531  O  O   . THR A 1 68  ? -3.882  12.619  -11.325 1.00 10.38 ? 67  THR A O   1 
ATOM   532  C  CB  . THR A 1 68  ? -2.695  15.424  -11.590 1.00 10.55 ? 67  THR A CB  1 
ATOM   533  O  OG1 . THR A 1 68  ? -1.301  15.085  -11.458 1.00 11.19 ? 67  THR A OG1 1 
ATOM   534  C  CG2 . THR A 1 68  ? -2.909  16.922  -11.666 1.00 10.62 ? 67  THR A CG2 1 
ATOM   535  N  N   . PHE A 1 69  ? -2.407  12.761  -9.638  1.00 10.47 ? 68  PHE A N   1 
ATOM   536  C  CA  . PHE A 1 69  ? -1.908  11.403  -9.754  1.00 10.09 ? 68  PHE A CA  1 
ATOM   537  C  C   . PHE A 1 69  ? -1.613  10.831  -8.391  1.00 11.27 ? 68  PHE A C   1 
ATOM   538  O  O   . PHE A 1 69  ? -1.107  11.531  -7.513  1.00 10.95 ? 68  PHE A O   1 
ATOM   539  C  CB  . PHE A 1 69  ? -0.595  11.386  -10.551 1.00 10.88 ? 68  PHE A CB  1 
ATOM   540  C  CG  . PHE A 1 69  ? 0.051   10.024  -10.597 1.00 11.33 ? 68  PHE A CG  1 
ATOM   541  C  CD1 . PHE A 1 69  ? -0.298  9.083   -11.552 1.00 12.71 ? 68  PHE A CD1 1 
ATOM   542  C  CD2 . PHE A 1 69  ? 1.032   9.678   -9.662  1.00 12.10 ? 68  PHE A CD2 1 
ATOM   543  C  CE1 . PHE A 1 69  ? 0.297   7.831   -11.541 1.00 14.09 ? 68  PHE A CE1 1 
ATOM   544  C  CE2 . PHE A 1 69  ? 1.612   8.440   -9.672  1.00 11.31 ? 68  PHE A CE2 1 
ATOM   545  C  CZ  . PHE A 1 69  ? 1.250   7.519   -10.619 1.00 11.75 ? 68  PHE A CZ  1 
ATOM   546  N  N   . ALA A 1 70  ? -1.925  9.547   -8.213  1.00 10.07 ? 69  ALA A N   1 
ATOM   547  C  CA  . ALA A 1 70  ? -1.467  8.800   -7.037  1.00 9.71  ? 69  ALA A CA  1 
ATOM   548  C  C   . ALA A 1 70  ? -1.116  7.380   -7.437  1.00 11.08 ? 69  ALA A C   1 
ATOM   549  O  O   . ALA A 1 70  ? -1.692  6.828   -8.369  1.00 10.74 ? 69  ALA A O   1 
ATOM   550  C  CB  . ALA A 1 70  ? -2.522  8.767   -5.945  1.00 10.32 ? 69  ALA A CB  1 
ATOM   551  N  N   . TYR A 1 71  ? -0.208  6.793   -6.650  1.00 10.56 ? 70  TYR A N   1 
ATOM   552  C  CA  . TYR A 1 71  ? 0.220   5.412   -6.795  1.00 9.78  ? 70  TYR A CA  1 
ATOM   553  C  C   . TYR A 1 71  ? 0.115   4.747   -5.429  1.00 10.49 ? 70  TYR A C   1 
ATOM   554  O  O   . TYR A 1 71  ? 0.621   5.286   -4.454  1.00 11.95 ? 70  TYR A O   1 
ATOM   555  C  CB  . TYR A 1 71  ? 1.680   5.349   -7.315  1.00 12.15 ? 70  TYR A CB  1 
ATOM   556  C  CG  . TYR A 1 71  ? 2.291   3.972   -7.300  1.00 14.39 ? 70  TYR A CG  1 
ATOM   557  C  CD1 . TYR A 1 71  ? 1.940   3.011   -8.227  1.00 22.20 ? 70  TYR A CD1 1 
ATOM   558  C  CD2 . TYR A 1 71  ? 3.189   3.652   -6.341  1.00 17.02 ? 70  TYR A CD2 1 
ATOM   559  C  CE1 . TYR A 1 71  ? 2.519   1.722   -8.160  1.00 19.98 ? 70  TYR A CE1 1 
ATOM   560  C  CE2 . TYR A 1 71  ? 3.756   2.379   -6.259  1.00 22.88 ? 70  TYR A CE2 1 
ATOM   561  C  CZ  . TYR A 1 71  ? 3.416   1.455   -7.172  1.00 18.78 ? 70  TYR A CZ  1 
ATOM   562  O  OH  . TYR A 1 71  ? 3.995   0.172   -7.047  1.00 25.68 ? 70  TYR A OH  1 
ATOM   563  N  N   . LEU A 1 72  ? -0.528  3.592   -5.369  1.00 10.10 ? 71  LEU A N   1 
ATOM   564  C  CA  . LEU A 1 72  ? -0.702  2.806   -4.155  1.00 11.00 ? 71  LEU A CA  1 
ATOM   565  C  C   . LEU A 1 72  ? 0.270   1.658   -4.155  1.00 12.34 ? 71  LEU A C   1 
ATOM   566  O  O   . LEU A 1 72  ? 0.390   0.934   -5.114  1.00 12.89 ? 71  LEU A O   1 
ATOM   567  C  CB  . LEU A 1 72  ? -2.126  2.257   -4.135  1.00 12.28 ? 71  LEU A CB  1 
ATOM   568  C  CG  . LEU A 1 72  ? -2.526  1.366   -2.959  1.00 13.36 ? 71  LEU A CG  1 
ATOM   569  C  CD1 . LEU A 1 72  ? -2.571  2.184   -1.659  1.00 14.41 ? 71  LEU A CD1 1 
ATOM   570  C  CD2 . LEU A 1 72  ? -3.855  0.649   -3.231  1.00 15.51 ? 71  LEU A CD2 1 
ATOM   571  N  N   . GLY A 1 73  ? 0.889   1.427   -3.005  1.00 13.04 ? 72  GLY A N   1 
ATOM   572  C  CA  . GLY A 1 73  ? 1.710   0.234   -2.807  1.00 14.23 ? 72  GLY A CA  1 
ATOM   573  C  C   . GLY A 1 73  ? 1.916   -0.084  -1.341  1.00 13.66 ? 72  GLY A C   1 
ATOM   574  O  O   . GLY A 1 73  ? 1.377   0.561   -0.452  1.00 13.52 ? 72  GLY A O   1 
ATOM   575  N  N   . ASP A 1 74  ? 2.702   -1.121  -1.121  1.00 13.88 ? 73  ASP A N   1 
ATOM   576  C  CA  . ASP A 1 74  ? 3.111   -1.565  0.214   1.00 12.73 ? 73  ASP A CA  1 
ATOM   577  C  C   . ASP A 1 74  ? 1.937   -1.975  1.106   1.00 14.08 ? 73  ASP A C   1 
ATOM   578  O  O   . ASP A 1 74  ? 2.052   -1.953  2.318   1.00 14.60 ? 73  ASP A O   1 
ATOM   579  C  CB  . ASP A 1 74  ? 3.989   -0.534  0.912   1.00 13.65 ? 73  ASP A CB  1 
ATOM   580  C  CG  . ASP A 1 74  ? 5.358   -0.368  0.267   1.00 15.30 ? 73  ASP A CG  1 
ATOM   581  O  OD1 . ASP A 1 74  ? 5.825   -1.261  -0.450  1.00 15.05 ? 73  ASP A OD1 1 
ATOM   582  O  OD2 . ASP A 1 74  ? 6.010   0.644   0.602   1.00 19.34 ? 73  ASP A OD2 1 
ATOM   583  N  N   . VAL A 1 75  ? 0.836   -2.412  0.538   1.00 12.45 ? 74  VAL A N   1 
ATOM   584  C  CA  . VAL A 1 75  ? -0.335  -2.789  1.332   1.00 12.29 ? 74  VAL A CA  1 
ATOM   585  C  C   . VAL A 1 75  ? -0.093  -4.106  2.006   1.00 11.91 ? 74  VAL A C   1 
ATOM   586  O  O   . VAL A 1 75  ? 0.276   -5.121  1.363   1.00 13.85 ? 74  VAL A O   1 
ATOM   587  C  CB  . VAL A 1 75  ? -1.600  -2.857  0.452   1.00 14.18 ? 74  VAL A CB  1 
ATOM   588  C  CG1 . VAL A 1 75  ? -2.797  -3.378  1.255   1.00 18.27 ? 74  VAL A CG1 1 
ATOM   589  C  CG2 . VAL A 1 75  ? -1.917  -1.493  -0.154  1.00 15.09 ? 74  VAL A CG2 1 
ATOM   590  N  N   . PHE A 1 76  ? -0.295  -4.147  3.332   1.00 10.93 ? 75  PHE A N   1 
ATOM   591  C  CA  . PHE A 1 76  ? -0.247  -5.401  4.026   1.00 11.13 ? 75  PHE A CA  1 
ATOM   592  C  C   . PHE A 1 76  ? -1.091  -5.349  5.304   1.00 10.46 ? 75  PHE A C   1 
ATOM   593  O  O   . PHE A 1 76  ? -1.325  -4.294  5.879   1.00 10.25 ? 75  PHE A O   1 
ATOM   594  C  CB  . PHE A 1 76  ? 1.198   -5.842  4.352   1.00 12.74 ? 75  PHE A CB  1 
ATOM   595  C  CG  . PHE A 1 76  ? 1.925   -5.016  5.408   1.00 12.17 ? 75  PHE A CG  1 
ATOM   596  C  CD1 . PHE A 1 76  ? 1.669   -5.198  6.752   1.00 11.97 ? 75  PHE A CD1 1 
ATOM   597  C  CD2 . PHE A 1 76  ? 2.924   -4.129  5.063   1.00 12.27 ? 75  PHE A CD2 1 
ATOM   598  C  CE1 . PHE A 1 76  ? 2.379   -4.495  7.750   1.00 12.90 ? 75  PHE A CE1 1 
ATOM   599  C  CE2 . PHE A 1 76  ? 3.616   -3.424  6.029   1.00 11.83 ? 75  PHE A CE2 1 
ATOM   600  C  CZ  . PHE A 1 76  ? 3.340   -3.584  7.349   1.00 12.38 ? 75  PHE A CZ  1 
ATOM   601  N  N   . VAL A 1 77  ? -1.484  -6.556  5.726   1.00 11.01 ? 76  VAL A N   1 
ATOM   602  C  CA  A VAL A 1 77  ? -2.064  -6.831  7.042   0.50 10.71 ? 76  VAL A CA  1 
ATOM   603  C  CA  B VAL A 1 77  ? -2.029  -6.802  7.052   0.50 11.80 ? 76  VAL A CA  1 
ATOM   604  C  C   . VAL A 1 77  ? -1.286  -7.994  7.617   1.00 11.43 ? 76  VAL A C   1 
ATOM   605  O  O   . VAL A 1 77  ? -1.063  -8.973  6.914   1.00 13.07 ? 76  VAL A O   1 
ATOM   606  C  CB  A VAL A 1 77  ? -3.560  -7.163  6.942   0.50 10.70 ? 76  VAL A CB  1 
ATOM   607  C  CB  B VAL A 1 77  ? -3.563  -6.979  7.022   0.50 11.06 ? 76  VAL A CB  1 
ATOM   608  C  CG1 A VAL A 1 77  ? -4.112  -7.567  8.285   0.50 11.28 ? 76  VAL A CG1 1 
ATOM   609  C  CG1 B VAL A 1 77  ? -3.962  -8.142  6.146   0.50 18.13 ? 76  VAL A CG1 1 
ATOM   610  C  CG2 A VAL A 1 77  ? -4.331  -5.982  6.376   0.50 9.13  ? 76  VAL A CG2 1 
ATOM   611  C  CG2 B VAL A 1 77  ? -4.107  -7.128  8.419   0.50 11.61 ? 76  VAL A CG2 1 
ATOM   612  N  N   . LEU A 1 78  ? -0.875  -7.910  8.886   1.00 10.73 ? 77  LEU A N   1 
ATOM   613  C  CA  . LEU A 1 78  ? -0.140  -9.007  9.502   1.00 11.96 ? 77  LEU A CA  1 
ATOM   614  C  C   . LEU A 1 78  ? -1.006  -10.245 9.542   1.00 11.19 ? 77  LEU A C   1 
ATOM   615  O  O   . LEU A 1 78  ? -2.231  -10.159 9.724   1.00 11.09 ? 77  LEU A O   1 
ATOM   616  C  CB  . LEU A 1 78  ? 0.358   -8.625  10.876  1.00 12.90 ? 77  LEU A CB  1 
ATOM   617  C  CG  . LEU A 1 78  ? 1.393   -7.493  10.887  1.00 16.20 ? 77  LEU A CG  1 
ATOM   618  C  CD1 . LEU A 1 78  ? 1.790   -7.239  12.325  1.00 16.09 ? 77  LEU A CD1 1 
ATOM   619  C  CD2 . LEU A 1 78  ? 2.607   -7.815  10.001  1.00 17.15 ? 77  LEU A CD2 1 
ATOM   620  N  N   . PRO A 1 79  ? -0.420  -11.426 9.348   1.00 12.66 ? 78  PRO A N   1 
ATOM   621  C  CA  . PRO A 1 79  ? -1.222  -12.631 9.180   1.00 14.20 ? 78  PRO A CA  1 
ATOM   622  C  C   . PRO A 1 79  ? -2.183  -12.955 10.298  1.00 13.51 ? 78  PRO A C   1 
ATOM   623  O  O   . PRO A 1 79  ? -3.306  -13.428 10.018  1.00 17.39 ? 78  PRO A O   1 
ATOM   624  C  CB  . PRO A 1 79  ? -0.165  -13.743 9.060   1.00 17.28 ? 78  PRO A CB  1 
ATOM   625  C  CG  . PRO A 1 79  ? 1.018   -13.077 8.513   1.00 18.94 ? 78  PRO A CG  1 
ATOM   626  C  CD  . PRO A 1 79  ? 1.019   -11.678 9.118   1.00 16.03 ? 78  PRO A CD  1 
ATOM   627  N  N   . GLU A 1 80  ? -1.817  -12.704 11.541  1.00 13.72 ? 79  GLU A N   1 
ATOM   628  C  CA  . GLU A 1 80  ? -2.712  -13.034 12.649  1.00 15.16 ? 79  GLU A CA  1 
ATOM   629  C  C   . GLU A 1 80  ? -3.899  -12.079 12.782  1.00 16.17 ? 79  GLU A C   1 
ATOM   630  O  O   . GLU A 1 80  ? -4.793  -12.316 13.594  1.00 18.34 ? 79  GLU A O   1 
ATOM   631  C  CB  . GLU A 1 80  ? -1.949  -13.147 13.980  1.00 18.57 ? 79  GLU A CB  1 
ATOM   632  C  CG  . GLU A 1 80  ? -1.490  -11.863 14.561  1.00 23.22 ? 79  GLU A CG  1 
ATOM   633  C  CD  . GLU A 1 80  ? -0.117  -11.372 14.068  1.00 27.29 ? 79  GLU A CD  1 
ATOM   634  O  OE1 . GLU A 1 80  ? 0.383   -11.748 12.953  1.00 24.96 ? 79  GLU A OE1 1 
ATOM   635  O  OE2 . GLU A 1 80  ? 0.454   -10.560 14.842  1.00 33.05 ? 79  GLU A OE2 1 
ATOM   636  N  N   . HIS A 1 81  ? -3.913  -11.026 11.975  1.00 13.19 ? 80  HIS A N   1 
ATOM   637  C  CA  . HIS A 1 81  ? -4.914  -9.969  12.019  1.00 11.86 ? 80  HIS A CA  1 
ATOM   638  C  C   . HIS A 1 81  ? -5.784  -9.956  10.780  1.00 13.11 ? 80  HIS A C   1 
ATOM   639  O  O   . HIS A 1 81  ? -6.525  -8.993  10.564  1.00 13.59 ? 80  HIS A O   1 
ATOM   640  C  CB  . HIS A 1 81  ? -4.232  -8.608  12.218  1.00 14.25 ? 80  HIS A CB  1 
ATOM   641  C  CG  . HIS A 1 81  ? -3.584  -8.471  13.553  1.00 12.51 ? 80  HIS A CG  1 
ATOM   642  N  ND1 . HIS A 1 81  ? -4.307  -8.249  14.710  1.00 16.33 ? 80  HIS A ND1 1 
ATOM   643  C  CD2 . HIS A 1 81  ? -2.284  -8.509  13.920  1.00 16.28 ? 80  HIS A CD2 1 
ATOM   644  C  CE1 . HIS A 1 81  ? -3.470  -8.198  15.736  1.00 17.52 ? 80  HIS A CE1 1 
ATOM   645  N  NE2 . HIS A 1 81  ? -2.242  -8.361  15.284  1.00 17.24 ? 80  HIS A NE2 1 
ATOM   646  N  N   . ARG A 1 82  ? -5.684  -10.979 9.943   1.00 12.80 ? 81  ARG A N   1 
ATOM   647  C  CA  A ARG A 1 82  ? -6.455  -11.022 8.715   0.60 14.37 ? 81  ARG A CA  1 
ATOM   648  C  CA  B ARG A 1 82  ? -6.458  -11.080 8.704   0.40 14.04 ? 81  ARG A CA  1 
ATOM   649  C  C   . ARG A 1 82  ? -7.932  -11.398 8.930   1.00 13.79 ? 81  ARG A C   1 
ATOM   650  O  O   . ARG A 1 82  ? -8.306  -11.984 9.964   1.00 14.82 ? 81  ARG A O   1 
ATOM   651  C  CB  A ARG A 1 82  ? -5.766  -11.922 7.675   0.60 15.41 ? 81  ARG A CB  1 
ATOM   652  C  CB  B ARG A 1 82  ? -5.898  -12.172 7.783   0.40 15.16 ? 81  ARG A CB  1 
ATOM   653  C  CG  A ARG A 1 82  ? -4.504  -11.251 7.139   0.60 17.57 ? 81  ARG A CG  1 
ATOM   654  C  CG  B ARG A 1 82  ? -4.467  -11.979 7.351   0.40 16.53 ? 81  ARG A CG  1 
ATOM   655  C  CD  A ARG A 1 82  ? -3.668  -12.099 6.244   0.60 19.51 ? 81  ARG A CD  1 
ATOM   656  C  CD  B ARG A 1 82  ? -4.264  -10.659 6.647   0.40 19.38 ? 81  ARG A CD  1 
ATOM   657  N  NE  A ARG A 1 82  ? -2.365  -11.465 6.005   0.60 17.80 ? 81  ARG A NE  1 
ATOM   658  C  CZ  A ARG A 1 82  ? -1.316  -12.120 5.531   0.60 22.59 ? 81  ARG A CZ  1 
ATOM   659  N  NH1 A ARG A 1 82  ? -1.412  -13.408 5.210   0.60 22.24 ? 81  ARG A NH1 1 
ATOM   660  N  NH2 A ARG A 1 82  ? -0.170  -11.490 5.380   0.60 20.63 ? 81  ARG A NH2 1 
ATOM   661  N  N   . GLY A 1 83  ? -8.745  -11.037 7.939   1.00 11.37 ? 82  GLY A N   1 
ATOM   662  C  CA  . GLY A 1 83  ? -10.165 -11.355 7.931   1.00 12.90 ? 82  GLY A CA  1 
ATOM   663  C  C   . GLY A 1 83  ? -11.038 -10.512 8.847   1.00 12.50 ? 82  GLY A C   1 
ATOM   664  O  O   . GLY A 1 83  ? -12.212 -10.824 9.049   1.00 12.86 ? 82  GLY A O   1 
ATOM   665  N  N   . ARG A 1 84  ? -10.472 -9.443  9.411   1.00 10.79 ? 83  ARG A N   1 
ATOM   666  C  CA  . ARG A 1 84  ? -11.151 -8.588  10.357  1.00 10.16 ? 83  ARG A CA  1 
ATOM   667  C  C   . ARG A 1 84  ? -11.570 -7.253  9.784   1.00 11.95 ? 83  ARG A C   1 
ATOM   668  O  O   . ARG A 1 84  ? -12.029 -6.394  10.505  1.00 16.37 ? 83  ARG A O   1 
ATOM   669  C  CB  . ARG A 1 84  ? -10.272 -8.387  11.591  1.00 11.33 ? 83  ARG A CB  1 
ATOM   670  C  CG  . ARG A 1 84  ? -10.070 -9.647  12.355  1.00 13.17 ? 83  ARG A CG  1 
ATOM   671  C  CD  . ARG A 1 84  ? -9.058  -9.453  13.460  1.00 17.69 ? 83  ARG A CD  1 
ATOM   672  N  NE  . ARG A 1 84  ? -8.927  -10.584 14.375  1.00 24.56 ? 83  ARG A NE  1 
ATOM   673  C  CZ  . ARG A 1 84  ? -9.532  -10.682 15.564  1.00 36.22 ? 83  ARG A CZ  1 
ATOM   674  N  NH1 . ARG A 1 84  ? -10.360 -9.739  16.014  1.00 35.57 ? 83  ARG A NH1 1 
ATOM   675  N  NH2 . ARG A 1 84  ? -9.311  -11.761 16.309  1.00 40.25 ? 83  ARG A NH2 1 
ATOM   676  N  N   . GLY A 1 85  ? -11.367 -7.041  8.497   1.00 10.53 ? 84  GLY A N   1 
ATOM   677  C  CA  . GLY A 1 85  ? -11.710 -5.805  7.853   1.00 11.64 ? 84  GLY A CA  1 
ATOM   678  C  C   . GLY A 1 85  ? -10.650 -4.735  7.885   1.00 12.48 ? 84  GLY A C   1 
ATOM   679  O  O   . GLY A 1 85  ? -10.938 -3.591  7.481   1.00 13.39 ? 84  GLY A O   1 
ATOM   680  N  N   . TYR A 1 86  ? -9.436  -5.073  8.320   1.00 12.52 ? 85  TYR A N   1 
ATOM   681  C  CA  . TYR A 1 86  ? -8.390  -4.034  8.418   1.00 13.25 ? 85  TYR A CA  1 
ATOM   682  C  C   . TYR A 1 86  ? -7.929  -3.520  7.045   1.00 14.64 ? 85  TYR A C   1 
ATOM   683  O  O   . TYR A 1 86  ? -7.716  -2.294  6.908   1.00 14.81 ? 85  TYR A O   1 
ATOM   684  C  CB  . TYR A 1 86  ? -7.228  -4.533  9.283   1.00 12.76 ? 85  TYR A CB  1 
ATOM   685  C  CG  . TYR A 1 86  ? -7.571  -4.944  10.691  1.00 12.90 ? 85  TYR A CG  1 
ATOM   686  C  CD1 . TYR A 1 86  ? -8.776  -4.557  11.301  1.00 14.11 ? 85  TYR A CD1 1 
ATOM   687  C  CD2 . TYR A 1 86  ? -6.696  -5.682  11.452  1.00 13.11 ? 85  TYR A CD2 1 
ATOM   688  C  CE1 . TYR A 1 86  ? -9.077  -4.949  12.580  1.00 13.37 ? 85  TYR A CE1 1 
ATOM   689  C  CE2 . TYR A 1 86  ? -6.983  -6.057  12.736  1.00 13.20 ? 85  TYR A CE2 1 
ATOM   690  C  CZ  . TYR A 1 86  ? -8.190  -5.687  13.311  1.00 11.50 ? 85  TYR A CZ  1 
ATOM   691  O  OH  . TYR A 1 86  ? -8.446  -6.091  14.573  1.00 15.04 ? 85  TYR A OH  1 
ATOM   692  N  N   . SER A 1 87  ? -7.828  -4.369  6.013   1.00 15.73 ? 86  SER A N   1 
ATOM   693  C  CA  A SER A 1 87  ? -7.487  -3.899  4.642   0.50 16.30 ? 86  SER A CA  1 
ATOM   694  C  CA  B SER A 1 87  ? -7.438  -3.857  4.691   0.50 17.34 ? 86  SER A CA  1 
ATOM   695  C  C   . SER A 1 87  ? -8.511  -2.907  4.159   1.00 17.34 ? 86  SER A C   1 
ATOM   696  O  O   . SER A 1 87  ? -8.182  -1.838  3.610   1.00 16.81 ? 86  SER A O   1 
ATOM   697  C  CB  A SER A 1 87  ? -7.435  -5.042  3.601   0.50 17.53 ? 86  SER A CB  1 
ATOM   698  C  CB  B SER A 1 87  ? -7.118  -4.982  3.683   0.50 19.95 ? 86  SER A CB  1 
ATOM   699  O  OG  A SER A 1 87  ? -6.245  -5.789  3.705   0.50 19.81 ? 86  SER A OG  1 
ATOM   700  O  OG  B SER A 1 87  ? -8.289  -5.536  3.125   0.50 24.37 ? 86  SER A OG  1 
ATOM   701  N  N   . LYS A 1 88  ? -9.785  -3.265  4.318   1.00 15.42 ? 87  LYS A N   1 
ATOM   702  C  CA  . LYS A 1 88  ? -10.871 -2.433  3.887   1.00 15.41 ? 87  LYS A CA  1 
ATOM   703  C  C   . LYS A 1 88  ? -10.853 -1.122  4.658   1.00 12.12 ? 87  LYS A C   1 
ATOM   704  O  O   . LYS A 1 88  ? -11.133 -0.090  4.101   1.00 12.90 ? 87  LYS A O   1 
ATOM   705  C  CB  . LYS A 1 88  ? -12.237 -3.138  4.082   1.00 18.68 ? 87  LYS A CB  1 
ATOM   706  C  CG  . LYS A 1 88  ? -13.467 -2.209  3.824   1.00 23.42 ? 87  LYS A CG  1 
ATOM   707  C  CD  . LYS A 1 88  ? -14.815 -2.840  4.193   1.00 27.07 ? 87  LYS A CD  1 
ATOM   708  C  CE  . LYS A 1 88  ? -15.986 -2.033  3.641   1.00 31.19 ? 87  LYS A CE  1 
ATOM   709  N  NZ  . LYS A 1 88  ? -16.293 -0.871  4.533   1.00 35.03 ? 87  LYS A NZ  1 
ATOM   710  N  N   . ALA A 1 89  ? -10.534 -1.164  5.950   1.00 11.52 ? 88  ALA A N   1 
ATOM   711  C  CA  . ALA A 1 89  ? -10.513 0.074   6.727   1.00 11.08 ? 88  ALA A CA  1 
ATOM   712  C  C   . ALA A 1 89  ? -9.474  1.028   6.137   1.00 12.38 ? 88  ALA A C   1 
ATOM   713  O  O   . ALA A 1 89  ? -9.704  2.245   5.992   1.00 11.93 ? 88  ALA A O   1 
ATOM   714  C  CB  . ALA A 1 89  ? -10.231 -0.195  8.209   1.00 12.73 ? 88  ALA A CB  1 
ATOM   715  N  N   . LEU A 1 90  ? -8.319  0.481   5.784   1.00 11.28 ? 89  LEU A N   1 
ATOM   716  C  CA  A LEU A 1 90  ? -7.304  1.333   5.220   0.50 11.32 ? 89  LEU A CA  1 
ATOM   717  C  CA  B LEU A 1 90  ? -7.270  1.275   5.151   0.50 11.73 ? 89  LEU A CA  1 
ATOM   718  C  C   . LEU A 1 90  ? -7.679  1.814   3.814   1.00 10.01 ? 89  LEU A C   1 
ATOM   719  O  O   . LEU A 1 90  ? -7.493  2.985   3.493   1.00 10.99 ? 89  LEU A O   1 
ATOM   720  C  CB  A LEU A 1 90  ? -5.932  0.660   5.284   0.50 11.85 ? 89  LEU A CB  1 
ATOM   721  C  CB  B LEU A 1 90  ? -6.027  0.434   4.915   0.50 13.74 ? 89  LEU A CB  1 
ATOM   722  C  CG  A LEU A 1 90  ? -5.123  0.899   6.563   0.50 12.54 ? 89  LEU A CG  1 
ATOM   723  C  CG  B LEU A 1 90  ? -5.252  0.022   6.161   0.50 14.13 ? 89  LEU A CG  1 
ATOM   724  C  CD1 A LEU A 1 90  ? -5.802  0.322   7.782   0.50 15.02 ? 89  LEU A CD1 1 
ATOM   725  C  CD1 B LEU A 1 90  ? -4.077  -0.787  5.713   0.50 20.21 ? 89  LEU A CD1 1 
ATOM   726  C  CD2 A LEU A 1 90  ? -3.758  0.367   6.452   0.50 9.71  ? 89  LEU A CD2 1 
ATOM   727  C  CD2 B LEU A 1 90  ? -4.812  1.175   7.038   0.50 19.95 ? 89  LEU A CD2 1 
HETATM 728  N  N   . MSE A 1 91  ? -8.217  0.939   2.964   1.00 10.78 ? 90  MSE A N   1 
HETATM 729  C  CA  . MSE A 1 91  ? -8.615  1.363   1.641   1.00 12.46 ? 90  MSE A CA  1 
HETATM 730  C  C   . MSE A 1 91  ? -9.744  2.363   1.651   1.00 11.54 ? 90  MSE A C   1 
HETATM 731  O  O   . MSE A 1 91  ? -9.771  3.308   0.856   1.00 12.70 ? 90  MSE A O   1 
HETATM 732  C  CB  . MSE A 1 91  ? -9.028  0.166   0.790   1.00 15.23 ? 90  MSE A CB  1 
HETATM 733  C  CG  . MSE A 1 91  ? -7.874  -0.666  0.333   1.00 15.57 ? 90  MSE A CG  1 
HETATM 734  SE SE  . MSE A 1 91  ? -6.548  0.282   -0.719  0.75 25.20 ? 90  MSE A SE  1 
HETATM 735  C  CE  . MSE A 1 91  ? -7.527  0.964   -1.834  1.00 17.12 ? 90  MSE A CE  1 
ATOM   736  N  N   . ASP A 1 92  ? -10.665 2.177   2.582   1.00 11.87 ? 91  ASP A N   1 
ATOM   737  C  CA  . ASP A 1 92  ? -11.720 3.161   2.733   1.00 11.92 ? 91  ASP A CA  1 
ATOM   738  C  C   . ASP A 1 92  ? -11.136 4.535   3.065   1.00 11.96 ? 91  ASP A C   1 
ATOM   739  O  O   . ASP A 1 92  ? -11.572 5.566   2.522   1.00 12.10 ? 91  ASP A O   1 
ATOM   740  C  CB  . ASP A 1 92  ? -12.732 2.750   3.810   1.00 12.26 ? 91  ASP A CB  1 
ATOM   741  C  CG  . ASP A 1 92  ? -13.661 1.625   3.386   1.00 14.25 ? 91  ASP A CG  1 
ATOM   742  O  OD1 . ASP A 1 92  ? -13.711 1.248   2.208   1.00 15.88 ? 91  ASP A OD1 1 
ATOM   743  O  OD2 . ASP A 1 92  ? -14.355 1.109   4.307   1.00 18.73 ? 91  ASP A OD2 1 
ATOM   744  N  N   . ALA A 1 93  ? -10.112 4.573   3.926   1.00 11.22 ? 92  ALA A N   1 
ATOM   745  C  CA  . ALA A 1 93  ? -9.480  5.810   4.294   1.00 10.99 ? 92  ALA A CA  1 
ATOM   746  C  C   . ALA A 1 93  ? -8.719  6.403   3.110   1.00 11.41 ? 92  ALA A C   1 
ATOM   747  O  O   . ALA A 1 93  ? -8.707  7.622   2.925   1.00 12.19 ? 92  ALA A O   1 
ATOM   748  C  CB  . ALA A 1 93  ? -8.524  5.574   5.442   1.00 12.76 ? 92  ALA A CB  1 
ATOM   749  N  N   . VAL A 1 94  ? -8.062  5.559   2.323   1.00 11.40 ? 93  VAL A N   1 
ATOM   750  C  CA  . VAL A 1 94  ? -7.408  6.042   1.092   1.00 11.48 ? 93  VAL A CA  1 
ATOM   751  C  C   . VAL A 1 94  ? -8.401  6.677   0.145   1.00 12.00 ? 93  VAL A C   1 
ATOM   752  O  O   . VAL A 1 94  ? -8.176  7.785   -0.383  1.00 13.11 ? 93  VAL A O   1 
ATOM   753  C  CB  . VAL A 1 94  ? -6.640  4.905   0.381   1.00 12.61 ? 93  VAL A CB  1 
ATOM   754  C  CG1 . VAL A 1 94  ? -6.095  5.319   -0.974  1.00 12.88 ? 93  VAL A CG1 1 
ATOM   755  C  CG2 . VAL A 1 94  ? -5.501  4.367   1.261   1.00 13.81 ? 93  VAL A CG2 1 
HETATM 756  N  N   . MSE A 1 95  ? -9.510  5.983   -0.086  1.00 12.76 ? 94  MSE A N   1 
HETATM 757  C  CA  . MSE A 1 95  ? -10.485 6.474   -1.054  1.00 13.41 ? 94  MSE A CA  1 
HETATM 758  C  C   . MSE A 1 95  ? -11.155 7.744   -0.574  1.00 14.84 ? 94  MSE A C   1 
HETATM 759  O  O   . MSE A 1 95  ? -11.610 8.566   -1.416  1.00 16.35 ? 94  MSE A O   1 
HETATM 760  C  CB  . MSE A 1 95  ? -11.543 5.412   -1.334  1.00 15.89 ? 94  MSE A CB  1 
HETATM 761  C  CG  . MSE A 1 95  ? -11.069 4.195   -2.047  1.00 13.59 ? 94  MSE A CG  1 
HETATM 762  SE SE  . MSE A 1 95  ? -10.564 4.491   -3.929  0.75 28.80 ? 94  MSE A SE  1 
HETATM 763  C  CE  . MSE A 1 95  ? -8.785  4.703   -3.497  1.00 11.87 ? 94  MSE A CE  1 
ATOM   764  N  N   . ALA A 1 96  ? -11.254 7.931   0.739   1.00 13.02 ? 95  ALA A N   1 
ATOM   765  C  CA  . ALA A 1 96  ? -11.906 9.104   1.319   1.00 13.03 ? 95  ALA A CA  1 
ATOM   766  C  C   . ALA A 1 96  ? -10.963 10.237  1.659   1.00 13.37 ? 95  ALA A C   1 
ATOM   767  O  O   . ALA A 1 96  ? -11.409 11.291  2.117   1.00 13.83 ? 95  ALA A O   1 
ATOM   768  C  CB  . ALA A 1 96  ? -12.718 8.718   2.598   1.00 14.38 ? 95  ALA A CB  1 
ATOM   769  N  N   . HIS A 1 97  ? -9.644  10.040  1.494   1.00 12.84 ? 96  HIS A N   1 
ATOM   770  C  CA  . HIS A 1 97  ? -8.730  11.034  2.027   1.00 12.00 ? 96  HIS A CA  1 
ATOM   771  C  C   . HIS A 1 97  ? -8.873  12.385  1.323   1.00 13.85 ? 96  HIS A C   1 
ATOM   772  O  O   . HIS A 1 97  ? -8.916  12.428  0.111   1.00 13.24 ? 96  HIS A O   1 
ATOM   773  C  CB  . HIS A 1 97  ? -7.280  10.549  1.895   1.00 11.44 ? 96  HIS A CB  1 
ATOM   774  C  CG  . HIS A 1 97  ? -6.332  11.369  2.699   1.00 12.69 ? 96  HIS A CG  1 
ATOM   775  N  ND1 . HIS A 1 97  ? -5.864  12.594  2.261   1.00 13.03 ? 96  HIS A ND1 1 
ATOM   776  C  CD2 . HIS A 1 97  ? -5.836  11.189  3.945   1.00 13.38 ? 96  HIS A CD2 1 
ATOM   777  C  CE1 . HIS A 1 97  ? -5.107  13.123  3.207   1.00 13.72 ? 96  HIS A CE1 1 
ATOM   778  N  NE2 . HIS A 1 97  ? -5.064  12.285  4.237   1.00 14.46 ? 96  HIS A NE2 1 
ATOM   779  N  N   . PRO A 1 98  ? -8.918  13.492  2.075   1.00 12.56 ? 97  PRO A N   1 
ATOM   780  C  CA  . PRO A 1 98  ? -9.206  14.749  1.406   1.00 13.88 ? 97  PRO A CA  1 
ATOM   781  C  C   . PRO A 1 98  ? -8.168  15.196  0.389   1.00 15.83 ? 97  PRO A C   1 
ATOM   782  O  O   . PRO A 1 98  ? -8.482  16.027  -0.470  1.00 17.01 ? 97  PRO A O   1 
ATOM   783  C  CB  . PRO A 1 98  ? -9.295  15.757  2.564   1.00 15.97 ? 97  PRO A CB  1 
ATOM   784  C  CG  . PRO A 1 98  ? -8.811  15.096  3.747   1.00 23.70 ? 97  PRO A CG  1 
ATOM   785  C  CD  . PRO A 1 98  ? -8.831  13.625  3.537   1.00 14.92 ? 97  PRO A CD  1 
ATOM   786  N  N   . ASP A 1 99  ? -6.952  14.684  0.465   1.00 13.95 ? 98  ASP A N   1 
ATOM   787  C  CA  . ASP A 1 99  ? -5.881  15.100  -0.462  1.00 13.85 ? 98  ASP A CA  1 
ATOM   788  C  C   . ASP A 1 99  ? -5.777  14.161  -1.650  1.00 13.71 ? 98  ASP A C   1 
ATOM   789  O  O   . ASP A 1 99  ? -4.879  14.329  -2.469  1.00 13.59 ? 98  ASP A O   1 
ATOM   790  C  CB  . ASP A 1 99  ? -4.546  15.212  0.267   1.00 14.05 ? 98  ASP A CB  1 
ATOM   791  C  CG  . ASP A 1 99  ? -4.571  16.290  1.352   1.00 17.88 ? 98  ASP A CG  1 
ATOM   792  O  OD1 . ASP A 1 99  ? -5.244  17.327  1.165   1.00 22.55 ? 98  ASP A OD1 1 
ATOM   793  O  OD2 . ASP A 1 99  ? -3.927  16.105  2.396   1.00 19.98 ? 98  ASP A OD2 1 
ATOM   794  N  N   . LEU A 1 100 ? -6.654  13.158  -1.732  1.00 12.04 ? 99  LEU A N   1 
ATOM   795  C  CA  . LEU A 1 100 ? -6.655  12.180  -2.814  1.00 11.66 ? 99  LEU A CA  1 
ATOM   796  C  C   . LEU A 1 100 ? -7.953  12.149  -3.607  1.00 10.89 ? 99  LEU A C   1 
ATOM   797  O  O   . LEU A 1 100 ? -8.310  11.148  -4.233  1.00 12.70 ? 99  LEU A O   1 
ATOM   798  C  CB  . LEU A 1 100 ? -6.351  10.785  -2.279  1.00 10.85 ? 99  LEU A CB  1 
ATOM   799  C  CG  . LEU A 1 100 ? -5.039  10.600  -1.533  1.00 11.35 ? 99  LEU A CG  1 
ATOM   800  C  CD1 . LEU A 1 100 ? -4.897  9.181   -1.039  1.00 12.30 ? 99  LEU A CD1 1 
ATOM   801  C  CD2 . LEU A 1 100 ? -3.841  10.917  -2.403  1.00 12.39 ? 99  LEU A CD2 1 
ATOM   802  N  N   . GLN A 1 101 ? -8.658  13.281  -3.600  1.00 13.09 ? 100 GLN A N   1 
ATOM   803  C  CA  . GLN A 1 101 ? -9.901  13.421  -4.339  1.00 13.04 ? 100 GLN A CA  1 
ATOM   804  C  C   . GLN A 1 101 ? -9.678  14.092  -5.679  1.00 13.25 ? 100 GLN A C   1 
ATOM   805  O  O   . GLN A 1 101 ? -8.733  14.850  -5.852  1.00 14.34 ? 100 GLN A O   1 
ATOM   806  C  CB  . GLN A 1 101 ? -10.917 14.254  -3.539  1.00 14.64 ? 100 GLN A CB  1 
ATOM   807  C  CG  . GLN A 1 101 ? -11.238 13.692  -2.164  1.00 14.39 ? 100 GLN A CG  1 
ATOM   808  C  CD  . GLN A 1 101 ? -11.702 12.269  -2.225  1.00 15.42 ? 100 GLN A CD  1 
ATOM   809  O  OE1 . GLN A 1 101 ? -12.672 11.953  -2.929  1.00 17.90 ? 100 GLN A OE1 1 
ATOM   810  N  NE2 . GLN A 1 101 ? -11.004 11.363  -1.530  1.00 13.86 ? 100 GLN A NE2 1 
ATOM   811  N  N   . GLY A 1 102 ? -10.538 13.778  -6.643  1.00 13.74 ? 101 GLY A N   1 
ATOM   812  C  CA  . GLY A 1 102 ? -10.473 14.436  -7.935  1.00 14.07 ? 101 GLY A CA  1 
ATOM   813  C  C   . GLY A 1 102 ? -9.268  14.107  -8.790  1.00 13.26 ? 101 GLY A C   1 
ATOM   814  O  O   . GLY A 1 102 ? -8.935  14.861  -9.706  1.00 13.19 ? 101 GLY A O   1 
ATOM   815  N  N   . LEU A 1 103 ? -8.602  12.987  -8.520  1.00 11.94 ? 102 LEU A N   1 
ATOM   816  C  CA  . LEU A 1 103 ? -7.410  12.672  -9.257  1.00 11.83 ? 102 LEU A CA  1 
ATOM   817  C  C   . LEU A 1 103 ? -7.739  12.135  -10.631 1.00 11.40 ? 102 LEU A C   1 
ATOM   818  O  O   . LEU A 1 103 ? -8.698  11.367  -10.778 1.00 12.79 ? 102 LEU A O   1 
ATOM   819  C  CB  . LEU A 1 103 ? -6.609  11.606  -8.487  1.00 12.75 ? 102 LEU A CB  1 
ATOM   820  C  CG  . LEU A 1 103 ? -6.180  11.930  -7.060  1.00 12.33 ? 102 LEU A CG  1 
ATOM   821  C  CD1 . LEU A 1 103 ? -5.453  10.755  -6.447  1.00 13.61 ? 102 LEU A CD1 1 
ATOM   822  C  CD2 . LEU A 1 103 ? -5.280  13.167  -7.009  1.00 15.69 ? 102 LEU A CD2 1 
ATOM   823  N  N   . ARG A 1 104 ? -6.927  12.479  -11.608 1.00 11.63 ? 103 ARG A N   1 
ATOM   824  C  CA  A ARG A 1 104 ? -7.070  11.968  -12.953 0.50 11.95 ? 103 ARG A CA  1 
ATOM   825  C  CA  B ARG A 1 104 ? -7.166  11.946  -12.930 0.50 13.94 ? 103 ARG A CA  1 
ATOM   826  C  C   . ARG A 1 104 ? -6.734  10.488  -13.015 1.00 12.11 ? 103 ARG A C   1 
ATOM   827  O  O   . ARG A 1 104 ? -7.405  9.704   -13.707 1.00 12.33 ? 103 ARG A O   1 
ATOM   828  C  CB  A ARG A 1 104 ? -6.150  12.750  -13.877 0.50 12.65 ? 103 ARG A CB  1 
ATOM   829  C  CB  B ARG A 1 104 ? -6.554  12.814  -14.024 0.50 14.81 ? 103 ARG A CB  1 
ATOM   830  C  CG  A ARG A 1 104 ? -6.455  12.493  -15.293 0.50 10.41 ? 103 ARG A CG  1 
ATOM   831  C  CG  B ARG A 1 104 ? -7.521  13.022  -15.153 0.50 25.63 ? 103 ARG A CG  1 
ATOM   832  C  CD  A ARG A 1 104 ? -6.064  13.692  -16.102 0.50 12.73 ? 103 ARG A CD  1 
ATOM   833  C  CD  B ARG A 1 104 ? -6.940  13.823  -16.279 0.50 29.80 ? 103 ARG A CD  1 
ATOM   834  N  NE  A ARG A 1 104 ? -6.223  13.285  -17.467 0.50 20.94 ? 103 ARG A NE  1 
ATOM   835  N  NE  B ARG A 1 104 ? -5.997  13.020  -17.040 0.50 29.19 ? 103 ARG A NE  1 
ATOM   836  C  CZ  A ARG A 1 104 ? -5.354  12.482  -18.073 0.50 17.89 ? 103 ARG A CZ  1 
ATOM   837  C  CZ  B ARG A 1 104 ? -4.684  12.975  -16.832 0.50 22.78 ? 103 ARG A CZ  1 
ATOM   838  N  NH1 A ARG A 1 104 ? -4.255  12.074  -17.440 0.50 27.16 ? 103 ARG A NH1 1 
ATOM   839  N  NH1 B ARG A 1 104 ? -4.122  13.724  -15.916 0.50 21.99 ? 103 ARG A NH1 1 
ATOM   840  N  NH2 A ARG A 1 104 ? -5.570  12.117  -19.306 0.50 13.88 ? 103 ARG A NH2 1 
ATOM   841  N  NH2 B ARG A 1 104 ? -3.921  12.212  -17.590 0.50 33.41 ? 103 ARG A NH2 1 
ATOM   842  N  N   . ARG A 1 105 ? -5.671  10.091  -12.301 1.00 11.34 ? 104 ARG A N   1 
ATOM   843  C  CA  . ARG A 1 105 ? -5.206  8.708   -12.339 1.00 11.06 ? 104 ARG A CA  1 
ATOM   844  C  C   . ARG A 1 105 ? -4.726  8.255   -10.977 1.00 11.50 ? 104 ARG A C   1 
ATOM   845  O  O   . ARG A 1 105 ? -3.909  8.946   -10.339 1.00 12.00 ? 104 ARG A O   1 
ATOM   846  C  CB  . ARG A 1 105 ? -4.055  8.553   -13.328 1.00 13.95 ? 104 ARG A CB  1 
ATOM   847  C  CG  . ARG A 1 105 ? -3.813  7.075   -13.702 1.00 13.88 ? 104 ARG A CG  1 
ATOM   848  C  CD  . ARG A 1 105 ? -2.547  6.857   -14.467 1.00 18.11 ? 104 ARG A CD  1 
ATOM   849  N  NE  . ARG A 1 105 ? -2.393  7.656   -15.674 1.00 14.61 ? 104 ARG A NE  1 
ATOM   850  C  CZ  . ARG A 1 105 ? -2.399  7.220   -16.932 1.00 14.71 ? 104 ARG A CZ  1 
ATOM   851  N  NH1 . ARG A 1 105 ? -2.646  5.957   -17.296 1.00 14.67 ? 104 ARG A NH1 1 
ATOM   852  N  NH2 . ARG A 1 105 ? -2.131  8.112   -17.849 1.00 15.28 ? 104 ARG A NH2 1 
ATOM   853  N  N   . PHE A 1 106 ? -5.204  7.089   -10.571 1.00 10.40 ? 105 PHE A N   1 
ATOM   854  C  CA  . PHE A 1 106 ? -4.735  6.402   -9.358  1.00 10.57 ? 105 PHE A CA  1 
ATOM   855  C  C   . PHE A 1 106 ? -4.299  5.026   -9.856  1.00 11.64 ? 105 PHE A C   1 
ATOM   856  O  O   . PHE A 1 106 ? -5.119  4.282   -10.408 1.00 11.63 ? 105 PHE A O   1 
ATOM   857  C  CB  . PHE A 1 106 ? -5.861  6.305   -8.333  1.00 11.27 ? 105 PHE A CB  1 
ATOM   858  C  CG  . PHE A 1 106 ? -5.423  6.234   -6.897  1.00 11.27 ? 105 PHE A CG  1 
ATOM   859  C  CD1 . PHE A 1 106 ? -4.285  5.555   -6.507  1.00 10.53 ? 105 PHE A CD1 1 
ATOM   860  C  CD2 . PHE A 1 106 ? -6.195  6.857   -5.941  1.00 11.40 ? 105 PHE A CD2 1 
ATOM   861  C  CE1 . PHE A 1 106 ? -3.907  5.532   -5.171  1.00 11.65 ? 105 PHE A CE1 1 
ATOM   862  C  CE2 . PHE A 1 106 ? -5.848  6.845   -4.613  1.00 13.26 ? 105 PHE A CE2 1 
ATOM   863  C  CZ  . PHE A 1 106 ? -4.717  6.151   -4.217  1.00 12.97 ? 105 PHE A CZ  1 
ATOM   864  N  N   . SER A 1 107 ? -3.023  4.714   -9.696  1.00 10.70 ? 106 SER A N   1 
ATOM   865  C  CA  A SER A 1 107 ? -2.427  3.496   -10.250 0.60 10.05 ? 106 SER A CA  1 
ATOM   866  C  CA  B SER A 1 107 ? -2.470  3.473   -10.241 0.40 11.27 ? 106 SER A CA  1 
ATOM   867  C  C   . SER A 1 107 ? -1.928  2.542   -9.170  1.00 11.42 ? 106 SER A C   1 
ATOM   868  O  O   . SER A 1 107 ? -1.616  2.959   -8.063  1.00 11.67 ? 106 SER A O   1 
ATOM   869  C  CB  A SER A 1 107 ? -1.227  3.877   -11.114 0.60 11.28 ? 106 SER A CB  1 
ATOM   870  C  CB  B SER A 1 107 ? -1.347  3.783   -11.222 0.40 12.81 ? 106 SER A CB  1 
ATOM   871  O  OG  A SER A 1 107 ? -1.616  4.722   -12.199 0.60 11.25 ? 106 SER A OG  1 
ATOM   872  O  OG  B SER A 1 107 ? -0.218  4.317   -10.566 0.40 18.03 ? 106 SER A OG  1 
ATOM   873  N  N   . LEU A 1 108 ? -1.849  1.268   -9.529  1.00 11.17 ? 107 LEU A N   1 
ATOM   874  C  CA  . LEU A 1 108 ? -1.264  0.247   -8.655  1.00 10.53 ? 107 LEU A CA  1 
ATOM   875  C  C   . LEU A 1 108 ? -0.821  -0.931  -9.522  1.00 11.99 ? 107 LEU A C   1 
ATOM   876  O  O   . LEU A 1 108 ? -1.217  -1.033  -10.674 1.00 12.18 ? 107 LEU A O   1 
ATOM   877  C  CB  . LEU A 1 108 ? -2.258  -0.199  -7.596  1.00 12.37 ? 107 LEU A CB  1 
ATOM   878  C  CG  . LEU A 1 108 ? -3.537  -0.892  -8.035  1.00 14.40 ? 107 LEU A CG  1 
ATOM   879  C  CD1 . LEU A 1 108 ? -3.278  -2.372  -8.381  1.00 16.05 ? 107 LEU A CD1 1 
ATOM   880  C  CD2 . LEU A 1 108 ? -4.589  -0.769  -6.924  1.00 14.99 ? 107 LEU A CD2 1 
ATOM   881  N  N   . ALA A 1 109 ? 0.004   -1.801  -8.934  1.00 12.88 ? 108 ALA A N   1 
ATOM   882  C  CA  . ALA A 1 109 ? 0.342   -3.101  -9.536  1.00 13.37 ? 108 ALA A CA  1 
ATOM   883  C  C   . ALA A 1 109 ? 0.057   -4.200  -8.532  1.00 14.18 ? 108 ALA A C   1 
ATOM   884  O  O   . ALA A 1 109 ? 0.434   -4.038  -7.371  1.00 16.26 ? 108 ALA A O   1 
ATOM   885  C  CB  . ALA A 1 109 ? 1.785   -3.125  -9.903  1.00 15.65 ? 108 ALA A CB  1 
ATOM   886  N  N   . THR A 1 110 ? -0.568  -5.287  -8.987  1.00 14.07 ? 109 THR A N   1 
ATOM   887  C  CA  . THR A 1 110 ? -0.944  -6.407  -8.120  1.00 15.79 ? 109 THR A CA  1 
ATOM   888  C  C   . THR A 1 110 ? -0.685  -7.721  -8.838  1.00 15.62 ? 109 THR A C   1 
ATOM   889  O  O   . THR A 1 110 ? -1.091  -7.884  -9.966  1.00 17.13 ? 109 THR A O   1 
ATOM   890  C  CB  . THR A 1 110 ? -2.436  -6.311  -7.643  1.00 17.24 ? 109 THR A CB  1 
ATOM   891  O  OG1 . THR A 1 110 ? -2.746  -7.437  -6.794  1.00 19.05 ? 109 THR A OG1 1 
ATOM   892  C  CG2 . THR A 1 110 ? -3.405  -6.267  -8.787  1.00 19.86 ? 109 THR A CG2 1 
ATOM   893  N  N   . SER A 1 111 ? -0.037  -8.667  -8.140  1.00 18.36 ? 110 SER A N   1 
ATOM   894  C  CA  A SER A 1 111 ? 0.238   -9.996  -8.702  0.60 19.67 ? 110 SER A CA  1 
ATOM   895  C  CA  B SER A 1 111 ? 0.226   -9.984  -8.717  0.40 20.85 ? 110 SER A CA  1 
ATOM   896  C  C   . SER A 1 111 ? -1.041  -10.828 -8.775  1.00 21.89 ? 110 SER A C   1 
ATOM   897  O  O   . SER A 1 111 ? -1.307  -11.489 -9.797  1.00 24.78 ? 110 SER A O   1 
ATOM   898  C  CB  A SER A 1 111 ? 1.302   -10.733 -7.860  0.60 19.21 ? 110 SER A CB  1 
ATOM   899  C  CB  B SER A 1 111 ? 1.319   -10.713 -7.923  0.40 20.95 ? 110 SER A CB  1 
ATOM   900  O  OG  A SER A 1 111 ? 2.551   -10.040 -7.831  0.60 16.55 ? 110 SER A OG  1 
ATOM   901  O  OG  B SER A 1 111 ? 1.128   -10.568 -6.527  0.40 26.22 ? 110 SER A OG  1 
ATOM   902  N  N   . ASP A 1 112 ? -1.832  -10.799 -7.696  1.00 21.72 ? 111 ASP A N   1 
ATOM   903  C  CA  A ASP A 1 112 ? -2.958  -11.724 -7.557  0.50 24.84 ? 111 ASP A CA  1 
ATOM   904  C  CA  B ASP A 1 112 ? -2.943  -11.737 -7.529  0.50 24.59 ? 111 ASP A CA  1 
ATOM   905  C  C   . ASP A 1 112 ? -4.164  -11.169 -6.793  1.00 25.87 ? 111 ASP A C   1 
ATOM   906  O  O   . ASP A 1 112 ? -5.026  -11.925 -6.343  1.00 28.41 ? 111 ASP A O   1 
ATOM   907  C  CB  A ASP A 1 112 ? -2.471  -13.030 -6.905  0.50 26.99 ? 111 ASP A CB  1 
ATOM   908  C  CB  B ASP A 1 112 ? -2.436  -12.980 -6.780  0.50 26.43 ? 111 ASP A CB  1 
ATOM   909  C  CG  A ASP A 1 112 ? -1.837  -12.814 -5.530  0.50 30.45 ? 111 ASP A CG  1 
ATOM   910  C  CG  B ASP A 1 112 ? -1.493  -13.821 -7.618  0.50 29.04 ? 111 ASP A CG  1 
ATOM   911  O  OD1 A ASP A 1 112 ? -2.177  -11.833 -4.833  0.50 38.17 ? 111 ASP A OD1 1 
ATOM   912  O  OD1 B ASP A 1 112 ? -1.960  -14.448 -8.588  0.50 32.78 ? 111 ASP A OD1 1 
ATOM   913  O  OD2 A ASP A 1 112 ? -0.986  -13.645 -5.139  0.50 38.22 ? 111 ASP A OD2 1 
ATOM   914  O  OD2 B ASP A 1 112 ? -0.285  -13.852 -7.305  0.50 34.71 ? 111 ASP A OD2 1 
ATOM   915  N  N   . ALA A 1 113 ? -4.276  -9.846  -6.678  1.00 21.84 ? 112 ALA A N   1 
ATOM   916  C  CA  . ALA A 1 113 ? -5.420  -9.287  -5.943  1.00 22.93 ? 112 ALA A CA  1 
ATOM   917  C  C   . ALA A 1 113 ? -6.320  -8.387  -6.823  1.00 21.13 ? 112 ALA A C   1 
ATOM   918  O  O   . ALA A 1 113 ? -6.927  -7.438  -6.344  1.00 23.63 ? 112 ALA A O   1 
ATOM   919  C  CB  . ALA A 1 113 ? -4.943  -8.558  -4.719  1.00 21.99 ? 112 ALA A CB  1 
ATOM   920  N  N   A HIS A 1 114 ? -6.449  -8.732  -8.100  0.50 22.07 ? 113 HIS A N   1 
ATOM   921  N  N   B HIS A 1 114 ? -6.416  -8.721  -8.102  0.50 22.45 ? 113 HIS A N   1 
ATOM   922  C  CA  A HIS A 1 114 ? -7.217  -7.920  -9.054  0.50 21.07 ? 113 HIS A CA  1 
ATOM   923  C  CA  B HIS A 1 114 ? -7.194  -7.918  -9.037  0.50 21.88 ? 113 HIS A CA  1 
ATOM   924  C  C   A HIS A 1 114 ? -8.688  -7.768  -8.721  0.50 22.06 ? 113 HIS A C   1 
ATOM   925  C  C   B HIS A 1 114 ? -8.618  -7.736  -8.539  0.50 23.68 ? 113 HIS A C   1 
ATOM   926  O  O   A HIS A 1 114 ? -9.285  -6.711  -8.933  0.50 21.10 ? 113 HIS A O   1 
ATOM   927  O  O   B HIS A 1 114 ? -9.058  -6.596  -8.318  0.50 25.21 ? 113 HIS A O   1 
ATOM   928  C  CB  . HIS A 1 114 ? -7.145  -8.520  -10.443 1.00 23.47 ? 113 HIS A CB  1 
ATOM   929  C  CG  . HIS A 1 114 ? -5.759  -8.653  -10.971 1.00 23.98 ? 113 HIS A CG  1 
ATOM   930  N  ND1 . HIS A 1 114 ? -4.896  -9.644  -10.548 1.00 24.84 ? 113 HIS A ND1 1 
ATOM   931  C  CD2 . HIS A 1 114 ? -5.081  -7.920  -11.880 1.00 19.77 ? 113 HIS A CD2 1 
ATOM   932  C  CE1 . HIS A 1 114 ? -3.744  -9.517  -11.183 1.00 26.48 ? 113 HIS A CE1 1 
ATOM   933  N  NE2 . HIS A 1 114 ? -3.837  -8.485  -12.005 1.00 20.71 ? 113 HIS A NE2 1 
ATOM   934  N  N   . GLY A 1 115 ? -9.291  -8.857  -8.258  1.00 23.88 ? 114 GLY A N   1 
ATOM   935  C  CA  . GLY A 1 115 ? -10.707 -8.844  -7.889  1.00 23.09 ? 114 GLY A CA  1 
ATOM   936  C  C   . GLY A 1 115 ? -10.990 -7.928  -6.727  1.00 22.80 ? 114 GLY A C   1 
ATOM   937  O  O   . GLY A 1 115 ? -12.019 -7.249  -6.701  1.00 24.48 ? 114 GLY A O   1 
ATOM   938  N  N   A LEU A 1 116 ? -10.080 -7.919  -5.763  0.50 21.89 ? 115 LEU A N   1 
ATOM   939  N  N   B LEU A 1 116 ? -10.064 -7.872  -5.776  0.50 21.84 ? 115 LEU A N   1 
ATOM   940  C  CA  A LEU A 1 116 ? -10.167 -7.004  -4.633  0.50 22.88 ? 115 LEU A CA  1 
ATOM   941  C  CA  B LEU A 1 116 ? -10.158 -6.967  -4.618  0.50 22.00 ? 115 LEU A CA  1 
ATOM   942  C  C   A LEU A 1 116 ? -10.200 -5.534  -5.090  0.50 22.50 ? 115 LEU A C   1 
ATOM   943  C  C   B LEU A 1 116 ? -10.103 -5.463  -4.940  0.50 23.52 ? 115 LEU A C   1 
ATOM   944  O  O   A LEU A 1 116 ? -11.196 -4.836  -4.871  0.50 18.91 ? 115 LEU A O   1 
ATOM   945  O  O   B LEU A 1 116 ? -10.855 -4.642  -4.385  0.50 23.61 ? 115 LEU A O   1 
ATOM   946  C  CB  . LEU A 1 116 ? -9.010  -7.241  -3.662  1.00 23.59 ? 115 LEU A CB  1 
ATOM   947  C  CG  . LEU A 1 116 ? -8.872  -6.257  -2.496  1.00 27.56 ? 115 LEU A CG  1 
ATOM   948  C  CD1 . LEU A 1 116 ? -10.139 -6.322  -1.641  1.00 32.81 ? 115 LEU A CD1 1 
ATOM   949  C  CD2 . LEU A 1 116 ? -7.648  -6.583  -1.674  1.00 30.90 ? 115 LEU A CD2 1 
ATOM   950  N  N   . TYR A 1 117 ? -9.131  -5.086  -5.753  1.00 20.12 ? 116 TYR A N   1 
ATOM   951  C  CA  . TYR A 1 117 ? -8.994  -3.662  -6.113  1.00 18.84 ? 116 TYR A CA  1 
ATOM   952  C  C   . TYR A 1 117 ? -10.099 -3.233  -7.061  1.00 17.17 ? 116 TYR A C   1 
ATOM   953  O  O   . TYR A 1 117 ? -10.497 -2.063  -7.088  1.00 16.00 ? 116 TYR A O   1 
ATOM   954  C  CB  . TYR A 1 117 ? -7.569  -3.352  -6.632  1.00 15.91 ? 116 TYR A CB  1 
ATOM   955  C  CG  . TYR A 1 117 ? -6.617  -3.431  -5.467  1.00 15.67 ? 116 TYR A CG  1 
ATOM   956  C  CD1 . TYR A 1 117 ? -6.666  -2.486  -4.446  1.00 15.98 ? 116 TYR A CD1 1 
ATOM   957  C  CD2 . TYR A 1 117 ? -5.769  -4.513  -5.330  1.00 18.91 ? 116 TYR A CD2 1 
ATOM   958  C  CE1 . TYR A 1 117 ? -5.857  -2.577  -3.338  1.00 17.58 ? 116 TYR A CE1 1 
ATOM   959  C  CE2 . TYR A 1 117 ? -4.933  -4.624  -4.215  1.00 19.97 ? 116 TYR A CE2 1 
ATOM   960  C  CZ  . TYR A 1 117 ? -4.997  -3.655  -3.229  1.00 18.68 ? 116 TYR A CZ  1 
ATOM   961  O  OH  . TYR A 1 117 ? -4.206  -3.793  -2.103  1.00 23.44 ? 116 TYR A OH  1 
ATOM   962  N  N   . ALA A 1 118 ? -10.665 -4.201  -7.768  1.00 17.82 ? 117 ALA A N   1 
ATOM   963  C  CA  . ALA A 1 118 ? -11.787 -3.929  -8.644  1.00 18.23 ? 117 ALA A CA  1 
ATOM   964  C  C   . ALA A 1 118 ? -12.982 -3.435  -7.849  1.00 18.18 ? 117 ALA A C   1 
ATOM   965  O  O   . ALA A 1 118 ? -13.760 -2.636  -8.348  1.00 16.91 ? 117 ALA A O   1 
ATOM   966  C  CB  . ALA A 1 118 ? -12.155 -5.173  -9.484  1.00 19.31 ? 117 ALA A CB  1 
ATOM   967  N  N   . ARG A 1 119 ? -13.083 -3.848  -6.588  1.00 19.29 ? 118 ARG A N   1 
ATOM   968  C  CA  A ARG A 1 119 ? -14.215 -3.408  -5.780  0.50 20.57 ? 118 ARG A CA  1 
ATOM   969  C  CA  B ARG A 1 119 ? -14.167 -3.417  -5.697  0.50 20.35 ? 118 ARG A CA  1 
ATOM   970  C  C   . ARG A 1 119 ? -14.097 -1.935  -5.394  1.00 19.19 ? 118 ARG A C   1 
ATOM   971  O  O   . ARG A 1 119 ? -15.094 -1.324  -4.994  1.00 20.62 ? 118 ARG A O   1 
ATOM   972  C  CB  A ARG A 1 119 ? -14.416 -4.311  -4.556  0.50 20.24 ? 118 ARG A CB  1 
ATOM   973  C  CB  B ARG A 1 119 ? -14.103 -4.171  -4.364  0.50 21.32 ? 118 ARG A CB  1 
ATOM   974  C  CG  A ARG A 1 119 ? -14.934 -5.707  -4.927  0.50 22.19 ? 118 ARG A CG  1 
ATOM   975  C  CG  B ARG A 1 119 ? -14.228 -5.676  -4.492  0.50 25.37 ? 118 ARG A CG  1 
ATOM   976  C  CD  A ARG A 1 119 ? -15.059 -6.630  -3.705  0.50 24.68 ? 118 ARG A CD  1 
ATOM   977  C  CD  B ARG A 1 119 ? -13.866 -6.365  -3.194  0.50 31.47 ? 118 ARG A CD  1 
ATOM   978  N  NE  A ARG A 1 119 ? -15.079 -8.045  -4.093  0.50 25.98 ? 118 ARG A NE  1 
ATOM   979  N  NE  B ARG A 1 119 ? -13.762 -7.811  -3.381  0.50 34.70 ? 118 ARG A NE  1 
ATOM   980  C  CZ  A ARG A 1 119 ? -16.164 -8.746  -4.409  0.50 28.06 ? 118 ARG A CZ  1 
ATOM   981  C  CZ  B ARG A 1 119 ? -13.272 -8.660  -2.484  0.50 36.51 ? 118 ARG A CZ  1 
ATOM   982  N  NH1 A ARG A 1 119 ? -17.382 -8.193  -4.383  0.50 23.80 ? 118 ARG A NH1 1 
ATOM   983  N  NH1 B ARG A 1 119 ? -12.838 -8.229  -1.302  0.50 39.54 ? 118 ARG A NH1 1 
ATOM   984  N  NH2 A ARG A 1 119 ? -16.026 -10.027 -4.748  0.50 27.72 ? 118 ARG A NH2 1 
ATOM   985  N  NH2 B ARG A 1 119 ? -13.222 -9.955  -2.772  0.50 40.04 ? 118 ARG A NH2 1 
ATOM   986  N  N   . TYR A 1 120 ? -12.894 -1.357  -5.543  1.00 17.05 ? 119 TYR A N   1 
ATOM   987  C  CA  A TYR A 1 120 ? -12.657 0.047   -5.291  0.50 16.50 ? 119 TYR A CA  1 
ATOM   988  C  CA  B TYR A 1 120 ? -12.704 0.067   -5.292  0.50 17.08 ? 119 TYR A CA  1 
ATOM   989  C  C   . TYR A 1 120 ? -12.621 0.868   -6.586  1.00 16.00 ? 119 TYR A C   1 
ATOM   990  O  O   . TYR A 1 120 ? -12.201 2.018   -6.577  1.00 16.32 ? 119 TYR A O   1 
ATOM   991  C  CB  A TYR A 1 120 ? -11.344 0.201   -4.521  0.50 15.72 ? 119 TYR A CB  1 
ATOM   992  C  CB  B TYR A 1 120 ? -11.468 0.319   -4.415  0.50 17.40 ? 119 TYR A CB  1 
ATOM   993  C  CG  A TYR A 1 120 ? -11.346 -0.539  -3.189  0.50 12.51 ? 119 TYR A CG  1 
ATOM   994  C  CG  B TYR A 1 120 ? -11.714 0.036   -2.941  0.50 14.36 ? 119 TYR A CG  1 
ATOM   995  C  CD1 A TYR A 1 120 ? -11.963 0.010   -2.075  0.50 12.44 ? 119 TYR A CD1 1 
ATOM   996  C  CD1 B TYR A 1 120 ? -12.344 0.974   -2.131  0.50 15.46 ? 119 TYR A CD1 1 
ATOM   997  C  CD2 A TYR A 1 120 ? -10.740 -1.788  -3.054  0.50 15.49 ? 119 TYR A CD2 1 
ATOM   998  C  CD2 B TYR A 1 120 ? -11.341 -1.174  -2.372  0.50 17.83 ? 119 TYR A CD2 1 
ATOM   999  C  CE1 A TYR A 1 120 ? -11.980 -0.660  -0.864  0.50 12.35 ? 119 TYR A CE1 1 
ATOM   1000 C  CE1 B TYR A 1 120 ? -12.576 0.729   -0.796  0.50 16.00 ? 119 TYR A CE1 1 
ATOM   1001 C  CE2 A TYR A 1 120 ? -10.753 -2.465  -1.833  0.50 13.06 ? 119 TYR A CE2 1 
ATOM   1002 C  CE2 B TYR A 1 120 ? -11.575 -1.437  -1.036  0.50 14.75 ? 119 TYR A CE2 1 
ATOM   1003 C  CZ  A TYR A 1 120 ? -11.368 -1.893  -0.751  0.50 13.51 ? 119 TYR A CZ  1 
ATOM   1004 C  CZ  B TYR A 1 120 ? -12.200 -0.480  -0.255  0.50 19.20 ? 119 TYR A CZ  1 
ATOM   1005 O  OH  A TYR A 1 120 ? -11.369 -2.545  0.465   0.50 17.28 ? 119 TYR A OH  1 
ATOM   1006 O  OH  B TYR A 1 120 ? -12.431 -0.716  1.075   0.50 18.98 ? 119 TYR A OH  1 
ATOM   1007 N  N   . GLY A 1 121 ? -13.045 0.274   -7.701  1.00 15.11 ? 120 GLY A N   1 
ATOM   1008 C  CA  . GLY A 1 121 ? -13.124 1.007   -8.951  1.00 15.12 ? 120 GLY A CA  1 
ATOM   1009 C  C   . GLY A 1 121 ? -11.904 0.908   -9.859  1.00 15.03 ? 120 GLY A C   1 
ATOM   1010 O  O   . GLY A 1 121 ? -11.900 1.462   -10.955 1.00 14.61 ? 120 GLY A O   1 
ATOM   1011 N  N   . PHE A 1 122 ? -10.877 0.184   -9.440  1.00 13.13 ? 121 PHE A N   1 
ATOM   1012 C  CA  . PHE A 1 122 ? -9.701  0.001   -10.274 1.00 13.23 ? 121 PHE A CA  1 
ATOM   1013 C  C   . PHE A 1 122 ? -10.041 -0.950  -11.417 1.00 14.30 ? 121 PHE A C   1 
ATOM   1014 O  O   . PHE A 1 122 ? -10.792 -1.924  -11.246 1.00 15.33 ? 121 PHE A O   1 
ATOM   1015 C  CB  . PHE A 1 122 ? -8.522  -0.511  -9.450  1.00 14.44 ? 121 PHE A CB  1 
ATOM   1016 C  CG  . PHE A 1 122 ? -7.945  0.509   -8.516  1.00 13.12 ? 121 PHE A CG  1 
ATOM   1017 C  CD1 . PHE A 1 122 ? -8.465  0.713   -7.242  1.00 14.26 ? 121 PHE A CD1 1 
ATOM   1018 C  CD2 . PHE A 1 122 ? -6.849  1.267   -8.897  1.00 12.77 ? 121 PHE A CD2 1 
ATOM   1019 C  CE1 . PHE A 1 122 ? -7.935  1.665   -6.413  1.00 14.91 ? 121 PHE A CE1 1 
ATOM   1020 C  CE2 . PHE A 1 122 ? -6.309  2.219   -8.052  1.00 14.32 ? 121 PHE A CE2 1 
ATOM   1021 C  CZ  . PHE A 1 122 ? -6.846  2.415   -6.819  1.00 13.42 ? 121 PHE A CZ  1 
ATOM   1022 N  N   . THR A 1 123 ? -9.469  -0.679  -12.581 1.00 12.54 ? 122 THR A N   1 
ATOM   1023 C  CA  . THR A 1 123 ? -9.681  -1.467  -13.785 1.00 12.69 ? 122 THR A CA  1 
ATOM   1024 C  C   . THR A 1 123 ? -8.339  -1.803  -14.424 1.00 12.85 ? 122 THR A C   1 
ATOM   1025 O  O   . THR A 1 123 ? -7.346  -1.125  -14.172 1.00 11.63 ? 122 THR A O   1 
ATOM   1026 C  CB  . THR A 1 123 ? -10.522 -0.680  -14.838 1.00 13.68 ? 122 THR A CB  1 
ATOM   1027 O  OG1 . THR A 1 123 ? -9.783  0.471   -15.284 1.00 13.24 ? 122 THR A OG1 1 
ATOM   1028 C  CG2 . THR A 1 123 ? -11.842 -0.240  -14.261 1.00 15.38 ? 122 THR A CG2 1 
ATOM   1029 N  N   . PRO A 1 124 ? -8.319  -2.762  -15.356 1.00 13.47 ? 123 PRO A N   1 
ATOM   1030 C  CA  . PRO A 1 124 ? -7.128  -2.842  -16.205 1.00 12.59 ? 123 PRO A CA  1 
ATOM   1031 C  C   . PRO A 1 124 ? -6.921  -1.497  -16.913 1.00 12.42 ? 123 PRO A C   1 
ATOM   1032 O  O   . PRO A 1 124 ? -7.872  -0.739  -17.103 1.00 12.67 ? 123 PRO A O   1 
ATOM   1033 C  CB  . PRO A 1 124 ? -7.475  -3.950  -17.210 1.00 14.95 ? 123 PRO A CB  1 
ATOM   1034 C  CG  . PRO A 1 124 ? -8.578  -4.735  -16.549 1.00 20.88 ? 123 PRO A CG  1 
ATOM   1035 C  CD  . PRO A 1 124 ? -9.343  -3.761  -15.699 1.00 17.05 ? 123 PRO A CD  1 
ATOM   1036 N  N   . PRO A 1 125 ? -5.690  -1.197  -17.328 1.00 10.91 ? 124 PRO A N   1 
ATOM   1037 C  CA  . PRO A 1 125 ? -5.505  0.084   -17.965 1.00 10.48 ? 124 PRO A CA  1 
ATOM   1038 C  C   . PRO A 1 125 ? -6.322  0.315   -19.186 1.00 10.97 ? 124 PRO A C   1 
ATOM   1039 O  O   . PRO A 1 125 ? -6.565  -0.600  -19.995 1.00 11.69 ? 124 PRO A O   1 
ATOM   1040 C  CB  . PRO A 1 125 ? -4.021  0.097   -18.303 1.00 12.26 ? 124 PRO A CB  1 
ATOM   1041 C  CG  . PRO A 1 125 ? -3.411  -0.853  -17.301 1.00 13.64 ? 124 PRO A CG  1 
ATOM   1042 C  CD  . PRO A 1 125 ? -4.422  -1.938  -17.231 1.00 12.90 ? 124 PRO A CD  1 
ATOM   1043 N  N   . LEU A 1 126 ? -6.762  1.563   -19.344 1.00 11.67 ? 125 LEU A N   1 
ATOM   1044 C  CA  . LEU A 1 126 ? -7.544  1.909   -20.501 1.00 11.80 ? 125 LEU A CA  1 
ATOM   1045 C  C   . LEU A 1 126 ? -6.739  1.767   -21.779 1.00 12.96 ? 125 LEU A C   1 
ATOM   1046 O  O   . LEU A 1 126 ? -7.277  1.347   -22.833 1.00 13.15 ? 125 LEU A O   1 
ATOM   1047 C  CB  . LEU A 1 126 ? -8.071  3.331   -20.399 1.00 12.24 ? 125 LEU A CB  1 
ATOM   1048 C  CG  . LEU A 1 126 ? -9.041  3.561   -19.238 1.00 19.09 ? 125 LEU A CG  1 
ATOM   1049 C  CD1 . LEU A 1 126 ? -9.578  4.987   -19.318 1.00 17.57 ? 125 LEU A CD1 1 
ATOM   1050 C  CD2 . LEU A 1 126 ? -10.175 2.539   -19.211 1.00 26.52 ? 125 LEU A CD2 1 
ATOM   1051 N  N   . PHE A 1 127 ? -5.482  2.189   -21.727 1.00 10.83 ? 126 PHE A N   1 
ATOM   1052 C  CA  . PHE A 1 127 ? -4.608  2.334   -22.873 1.00 10.89 ? 126 PHE A CA  1 
ATOM   1053 C  C   . PHE A 1 127 ? -3.265  1.641   -22.586 1.00 10.82 ? 126 PHE A C   1 
ATOM   1054 O  O   . PHE A 1 127 ? -2.224  2.285   -22.397 1.00 11.35 ? 126 PHE A O   1 
ATOM   1055 C  CB  . PHE A 1 127 ? -4.382  3.812   -23.197 1.00 11.94 ? 126 PHE A CB  1 
ATOM   1056 C  CG  . PHE A 1 127 ? -5.643  4.661   -23.148 1.00 13.95 ? 126 PHE A CG  1 
ATOM   1057 C  CD1 . PHE A 1 127 ? -6.788  4.299   -23.826 1.00 13.75 ? 126 PHE A CD1 1 
ATOM   1058 C  CD2 . PHE A 1 127 ? -5.668  5.824   -22.406 1.00 14.08 ? 126 PHE A CD2 1 
ATOM   1059 C  CE1 . PHE A 1 127 ? -7.951  5.075   -23.763 1.00 14.93 ? 126 PHE A CE1 1 
ATOM   1060 C  CE2 . PHE A 1 127 ? -6.823  6.603   -22.335 1.00 15.21 ? 126 PHE A CE2 1 
ATOM   1061 C  CZ  . PHE A 1 127 ? -7.957  6.230   -22.998 1.00 15.75 ? 126 PHE A CZ  1 
ATOM   1062 N  N   . PRO A 1 128 ? -3.283  0.305   -22.530 1.00 10.31 ? 127 PRO A N   1 
ATOM   1063 C  CA  . PRO A 1 128 ? -2.092  -0.401  -22.050 1.00 10.96 ? 127 PRO A CA  1 
ATOM   1064 C  C   . PRO A 1 128 ? -0.864  -0.155  -22.898 1.00 11.50 ? 127 PRO A C   1 
ATOM   1065 O  O   . PRO A 1 128 ? 0.272   -0.192  -22.364 1.00 12.30 ? 127 PRO A O   1 
ATOM   1066 C  CB  . PRO A 1 128 ? -2.528  -1.883  -22.081 1.00 11.38 ? 127 PRO A CB  1 
ATOM   1067 C  CG  . PRO A 1 128 ? -3.700  -1.925  -22.992 1.00 12.25 ? 127 PRO A CG  1 
ATOM   1068 C  CD  . PRO A 1 128 ? -4.388  -0.618  -22.815 1.00 10.83 ? 127 PRO A CD  1 
ATOM   1069 N  N   . GLN A 1 129 ? -1.021  0.079   -24.200 1.00 10.76 ? 128 GLN A N   1 
ATOM   1070 C  CA  . GLN A 1 129 ? 0.125   0.309   -25.063 1.00 12.14 ? 128 GLN A CA  1 
ATOM   1071 C  C   . GLN A 1 129 ? 0.835   1.613   -24.762 1.00 12.64 ? 128 GLN A C   1 
ATOM   1072 O  O   . GLN A 1 129 ? 1.974   1.805   -25.182 1.00 14.78 ? 128 GLN A O   1 
ATOM   1073 C  CB  . GLN A 1 129 ? -0.315  0.267   -26.535 1.00 15.00 ? 128 GLN A CB  1 
ATOM   1074 C  CG  . GLN A 1 129 ? 0.816   0.315   -27.565 1.00 25.05 ? 128 GLN A CG  1 
ATOM   1075 C  CD  . GLN A 1 129 ? 1.147   1.716   -28.125 1.00 36.75 ? 128 GLN A CD  1 
ATOM   1076 O  OE1 . GLN A 1 129 ? 0.504   2.722   -27.801 1.00 39.56 ? 128 GLN A OE1 1 
ATOM   1077 N  NE2 . GLN A 1 129 ? 2.180   1.774   -28.963 1.00 46.35 ? 128 GLN A NE2 1 
ATOM   1078 N  N   . SER A 1 130 ? 0.179   2.541   -24.064 1.00 13.21 ? 129 SER A N   1 
ATOM   1079 C  CA  . SER A 1 130 ? 0.804   3.796   -23.701 1.00 12.47 ? 129 SER A CA  1 
ATOM   1080 C  C   . SER A 1 130 ? 1.795   3.693   -22.552 1.00 12.93 ? 129 SER A C   1 
ATOM   1081 O  O   . SER A 1 130 ? 2.593   4.607   -22.313 1.00 13.61 ? 129 SER A O   1 
ATOM   1082 C  CB  . SER A 1 130 ? -0.249  4.829   -23.286 1.00 12.83 ? 129 SER A CB  1 
ATOM   1083 O  OG  . SER A 1 130 ? -0.890  4.509   -22.042 1.00 12.76 ? 129 SER A OG  1 
ATOM   1084 N  N   . LEU A 1 131 ? 1.703   2.619   -21.778 1.00 12.11 ? 130 LEU A N   1 
ATOM   1085 C  CA  . LEU A 1 131 ? 2.447   2.540   -20.535 1.00 11.21 ? 130 LEU A CA  1 
ATOM   1086 C  C   . LEU A 1 131 ? 3.884   2.091   -20.762 1.00 12.48 ? 130 LEU A C   1 
ATOM   1087 O  O   . LEU A 1 131 ? 4.174   1.161   -21.528 1.00 12.99 ? 130 LEU A O   1 
ATOM   1088 C  CB  . LEU A 1 131 ? 1.738   1.570   -19.605 1.00 10.41 ? 130 LEU A CB  1 
ATOM   1089 C  CG  . LEU A 1 131 ? 0.279   1.932   -19.336 1.00 12.30 ? 130 LEU A CG  1 
ATOM   1090 C  CD1 . LEU A 1 131 ? -0.325  0.944   -18.326 1.00 15.04 ? 130 LEU A CD1 1 
ATOM   1091 C  CD2 . LEU A 1 131 ? 0.118   3.355   -18.841 1.00 13.05 ? 130 LEU A CD2 1 
HETATM 1092 N  N   . MSE A 1 132 ? 4.818   2.739   -20.069 1.00 11.24 ? 131 MSE A N   1 
HETATM 1093 C  CA  . MSE A 1 132 ? 6.215   2.329   -20.095 1.00 12.79 ? 131 MSE A CA  1 
HETATM 1094 C  C   . MSE A 1 132 ? 6.803   2.472   -18.724 1.00 12.53 ? 131 MSE A C   1 
HETATM 1095 O  O   . MSE A 1 132 ? 6.286   3.198   -17.870 1.00 12.51 ? 131 MSE A O   1 
HETATM 1096 C  CB  . MSE A 1 132 ? 7.011   3.181   -21.048 1.00 15.14 ? 131 MSE A CB  1 
HETATM 1097 C  CG  . MSE A 1 132 ? 6.416   3.279   -22.422 1.00 12.86 ? 131 MSE A CG  1 
HETATM 1098 SE SE  . MSE A 1 132 ? 7.624   4.126   -23.697 0.75 24.04 ? 131 MSE A SE  1 
HETATM 1099 C  CE  . MSE A 1 132 ? 8.772   2.709   -24.006 1.00 17.14 ? 131 MSE A CE  1 
ATOM   1100 N  N   . GLU A 1 133 ? 7.870   1.730   -18.490 1.00 10.85 ? 132 GLU A N   1 
ATOM   1101 C  CA  . GLU A 1 133 ? 8.563   1.797   -17.226 1.00 11.50 ? 132 GLU A CA  1 
ATOM   1102 C  C   . GLU A 1 133 ? 10.028  1.417   -17.324 1.00 11.16 ? 132 GLU A C   1 
ATOM   1103 O  O   . GLU A 1 133 ? 10.435  0.671   -18.229 1.00 10.88 ? 132 GLU A O   1 
ATOM   1104 C  CB  . GLU A 1 133 ? 7.887   0.895   -16.193 1.00 11.83 ? 132 GLU A CB  1 
ATOM   1105 C  CG  . GLU A 1 133 ? 7.796   -0.568  -16.603 1.00 13.69 ? 132 GLU A CG  1 
ATOM   1106 C  CD  . GLU A 1 133 ? 6.975   -1.446  -15.641 1.00 13.26 ? 132 GLU A CD  1 
ATOM   1107 O  OE1 . GLU A 1 133 ? 6.310   -0.927  -14.707 1.00 15.65 ? 132 GLU A OE1 1 
ATOM   1108 O  OE2 . GLU A 1 133 ? 7.005   -2.678  -15.835 1.00 12.69 ? 132 GLU A OE2 1 
ATOM   1109 N  N   . ARG A 1 134 ? 10.795  1.909   -16.357 1.00 11.37 ? 133 ARG A N   1 
ATOM   1110 C  CA  . ARG A 1 134 ? 12.087  1.369   -16.009 1.00 12.10 ? 133 ARG A CA  1 
ATOM   1111 C  C   . ARG A 1 134 ? 11.835  0.602   -14.740 1.00 11.54 ? 133 ARG A C   1 
ATOM   1112 O  O   . ARG A 1 134 ? 11.644  1.181   -13.672 1.00 11.29 ? 133 ARG A O   1 
ATOM   1113 C  CB  . ARG A 1 134 ? 13.122  2.468   -15.750 1.00 12.75 ? 133 ARG A CB  1 
ATOM   1114 C  CG  . ARG A 1 134 ? 13.499  3.297   -16.964 1.00 14.24 ? 133 ARG A CG  1 
ATOM   1115 C  CD  . ARG A 1 134 ? 14.263  4.609   -16.600 1.00 14.16 ? 133 ARG A CD  1 
ATOM   1116 N  NE  . ARG A 1 134 ? 15.385  4.343   -15.699 1.00 16.14 ? 133 ARG A NE  1 
ATOM   1117 C  CZ  . ARG A 1 134 ? 16.605  3.979   -16.081 1.00 15.93 ? 133 ARG A CZ  1 
ATOM   1118 N  NH1 . ARG A 1 134 ? 16.956  3.915   -17.356 1.00 17.72 ? 133 ARG A NH1 1 
ATOM   1119 N  NH2 . ARG A 1 134 ? 17.487  3.679   -15.142 1.00 20.98 ? 133 ARG A NH2 1 
ATOM   1120 N  N   . TYR A 1 135 ? 11.770  -0.719  -14.839 1.00 12.50 ? 134 TYR A N   1 
ATOM   1121 C  CA  . TYR A 1 135 ? 11.386  -1.538  -13.702 1.00 12.84 ? 134 TYR A CA  1 
ATOM   1122 C  C   . TYR A 1 135 ? 12.388  -2.646  -13.482 1.00 12.65 ? 134 TYR A C   1 
ATOM   1123 O  O   . TYR A 1 135 ? 12.643  -3.415  -14.398 1.00 13.95 ? 134 TYR A O   1 
ATOM   1124 C  CB  . TYR A 1 135 ? 9.985   -2.103  -13.927 1.00 13.58 ? 134 TYR A CB  1 
ATOM   1125 C  CG  . TYR A 1 135 ? 9.373   -2.918  -12.806 1.00 11.97 ? 134 TYR A CG  1 
ATOM   1126 C  CD1 . TYR A 1 135 ? 9.653   -2.658  -11.503 1.00 13.02 ? 134 TYR A CD1 1 
ATOM   1127 C  CD2 . TYR A 1 135 ? 8.430   -3.890  -13.079 1.00 14.71 ? 134 TYR A CD2 1 
ATOM   1128 C  CE1 . TYR A 1 135 ? 9.079   -3.372  -10.476 1.00 12.82 ? 134 TYR A CE1 1 
ATOM   1129 C  CE2 . TYR A 1 135 ? 7.828   -4.618  -12.040 1.00 16.37 ? 134 TYR A CE2 1 
ATOM   1130 C  CZ  . TYR A 1 135 ? 8.161   -4.349  -10.761 1.00 15.97 ? 134 TYR A CZ  1 
ATOM   1131 O  OH  . TYR A 1 135 ? 7.599   -5.040  -9.689  1.00 19.94 ? 134 TYR A OH  1 
ATOM   1132 N  N   . VAL A 1 136 ? 12.967  -2.686  -12.284 1.00 13.33 ? 135 VAL A N   1 
ATOM   1133 C  CA  . VAL A 1 136 ? 13.996  -3.672  -11.907 1.00 13.82 ? 135 VAL A CA  1 
ATOM   1134 C  C   . VAL A 1 136 ? 13.468  -4.437  -10.716 1.00 14.69 ? 135 VAL A C   1 
ATOM   1135 O  O   . VAL A 1 136 ? 13.817  -4.147  -9.566  1.00 15.93 ? 135 VAL A O   1 
ATOM   1136 C  CB  . VAL A 1 136 ? 15.327  -2.991  -11.609 1.00 15.75 ? 135 VAL A CB  1 
ATOM   1137 C  CG1 . VAL A 1 136 ? 16.415  -4.033  -11.326 1.00 17.72 ? 135 VAL A CG1 1 
ATOM   1138 C  CG2 . VAL A 1 136 ? 15.750  -2.126  -12.803 1.00 22.43 ? 135 VAL A CG2 1 
ATOM   1139 N  N   A PRO A 1 137 ? 12.595  -5.428  -10.959 0.50 14.49 ? 136 PRO A N   1 
ATOM   1140 N  N   B PRO A 1 137 ? 12.588  -5.414  -10.957 0.50 15.11 ? 136 PRO A N   1 
ATOM   1141 C  CA  A PRO A 1 137 ? 12.196  -6.314  -9.864  0.50 15.26 ? 136 PRO A CA  1 
ATOM   1142 C  CA  B PRO A 1 137 ? 11.816  -5.877  -9.798  0.50 16.81 ? 136 PRO A CA  1 
ATOM   1143 C  C   A PRO A 1 137 ? 13.407  -7.037  -9.285  0.50 14.93 ? 136 PRO A C   1 
ATOM   1144 C  C   B PRO A 1 137 ? 12.630  -6.468  -8.637  0.50 18.78 ? 136 PRO A C   1 
ATOM   1145 O  O   A PRO A 1 137 ? 14.298  -7.431  -10.017 0.50 16.14 ? 136 PRO A O   1 
ATOM   1146 O  O   B PRO A 1 137 ? 12.219  -6.312  -7.497  0.50 18.08 ? 136 PRO A O   1 
ATOM   1147 C  CB  A PRO A 1 137 ? 11.220  -7.301  -10.532 0.50 18.30 ? 136 PRO A CB  1 
ATOM   1148 C  CB  B PRO A 1 137 ? 10.830  -6.901  -10.383 0.50 17.86 ? 136 PRO A CB  1 
ATOM   1149 C  CG  A PRO A 1 137 ? 11.430  -7.169  -11.962 0.50 17.18 ? 136 PRO A CG  1 
ATOM   1150 C  CG  B PRO A 1 137 ? 10.978  -6.856  -11.833 0.50 16.57 ? 136 PRO A CG  1 
ATOM   1151 C  CD  A PRO A 1 137 ? 11.904  -5.767  -12.213 0.50 14.43 ? 136 PRO A CD  1 
ATOM   1152 C  CD  B PRO A 1 137 ? 12.222  -6.103  -12.206 0.50 14.43 ? 136 PRO A CD  1 
ATOM   1153 N  N   A GLY A 1 138 ? 13.464  -7.172  -7.967  0.50 16.11 ? 137 GLY A N   1 
ATOM   1154 N  N   B GLY A 1 138 ? 13.779  -7.088  -8.909  0.50 19.02 ? 137 GLY A N   1 
ATOM   1155 C  CA  A GLY A 1 138 ? 14.619  -7.811  -7.332  0.50 18.15 ? 137 GLY A CA  1 
ATOM   1156 C  CA  B GLY A 1 138 ? 14.566  -7.740  -7.847  0.50 19.00 ? 137 GLY A CA  1 
ATOM   1157 C  C   A GLY A 1 138 ? 15.865  -6.932  -7.275  0.50 19.21 ? 137 GLY A C   1 
ATOM   1158 C  C   B GLY A 1 138 ? 15.744  -6.944  -7.285  0.50 19.13 ? 137 GLY A C   1 
ATOM   1159 O  O   A GLY A 1 138 ? 16.976  -7.425  -7.060  0.50 19.48 ? 137 GLY A O   1 
ATOM   1160 O  O   B GLY A 1 138 ? 16.656  -7.512  -6.662  0.50 16.95 ? 137 GLY A O   1 
ATOM   1161 N  N   . LEU A 1 139 ? 15.694  -5.616  -7.429  1.00 17.48 ? 138 LEU A N   1 
ATOM   1162 C  CA  A LEU A 1 139 ? 16.806  -4.657  -7.291  0.50 15.91 ? 138 LEU A CA  1 
ATOM   1163 C  CA  B LEU A 1 139 ? 16.894  -4.790  -7.335  0.50 17.21 ? 138 LEU A CA  1 
ATOM   1164 C  C   . LEU A 1 139 ? 17.611  -4.772  -5.990  1.00 16.86 ? 138 LEU A C   1 
ATOM   1165 O  O   . LEU A 1 139 ? 18.807  -4.558  -5.966  1.00 18.09 ? 138 LEU A O   1 
ATOM   1166 C  CB  A LEU A 1 139 ? 16.252  -3.220  -7.370  0.50 15.76 ? 138 LEU A CB  1 
ATOM   1167 C  CB  B LEU A 1 139 ? 16.615  -3.350  -7.772  0.50 19.39 ? 138 LEU A CB  1 
ATOM   1168 C  CG  A LEU A 1 139 ? 17.232  -2.046  -7.250  0.50 15.74 ? 138 LEU A CG  1 
ATOM   1169 C  CG  B LEU A 1 139 ? 15.959  -2.437  -6.739  0.50 19.78 ? 138 LEU A CG  1 
ATOM   1170 C  CD1 A LEU A 1 139 ? 18.318  -2.120  -8.279  0.50 14.90 ? 138 LEU A CD1 1 
ATOM   1171 C  CD1 B LEU A 1 139 ? 16.004  -0.999  -7.202  0.50 20.21 ? 138 LEU A CD1 1 
ATOM   1172 C  CD2 A LEU A 1 139 ? 16.473  -0.759  -7.404  0.50 15.18 ? 138 LEU A CD2 1 
ATOM   1173 C  CD2 B LEU A 1 139 ? 14.535  -2.862  -6.465  0.50 23.18 ? 138 LEU A CD2 1 
ATOM   1174 N  N   . TYR A 1 140 ? 16.915  -5.011  -4.878  1.00 15.42 ? 139 TYR A N   1 
ATOM   1175 C  CA  . TYR A 1 140 ? 17.576  -4.946  -3.570  1.00 15.28 ? 139 TYR A CA  1 
ATOM   1176 C  C   . TYR A 1 140 ? 18.329  -6.216  -3.202  1.00 18.09 ? 139 TYR A C   1 
ATOM   1177 O  O   . TYR A 1 140 ? 19.067  -6.226  -2.222  1.00 18.40 ? 139 TYR A O   1 
ATOM   1178 C  CB  . TYR A 1 140 ? 16.571  -4.648  -2.436  1.00 15.63 ? 139 TYR A CB  1 
ATOM   1179 C  CG  . TYR A 1 140 ? 15.661  -3.485  -2.739  1.00 13.45 ? 139 TYR A CG  1 
ATOM   1180 C  CD1 . TYR A 1 140 ? 16.170  -2.249  -3.101  1.00 14.17 ? 139 TYR A CD1 1 
ATOM   1181 C  CD2 . TYR A 1 140 ? 14.281  -3.633  -2.669  1.00 13.53 ? 139 TYR A CD2 1 
ATOM   1182 C  CE1 . TYR A 1 140 ? 15.331  -1.209  -3.388  1.00 14.80 ? 139 TYR A CE1 1 
ATOM   1183 C  CE2 . TYR A 1 140 ? 13.432  -2.588  -2.962  1.00 14.29 ? 139 TYR A CE2 1 
ATOM   1184 C  CZ  . TYR A 1 140 ? 13.964  -1.399  -3.330  1.00 13.59 ? 139 TYR A CZ  1 
ATOM   1185 O  OH  . TYR A 1 140 ? 13.106  -0.367  -3.649  1.00 14.62 ? 139 TYR A OH  1 
ATOM   1186 N  N   . SER A 1 141 ? 18.075  -7.286  -3.927  1.00 19.77 ? 140 SER A N   1 
ATOM   1187 C  CA  . SER A 1 141 ? 18.703  -8.565  -3.613  1.00 26.44 ? 140 SER A CA  1 
ATOM   1188 C  C   . SER A 1 141 ? 20.007  -8.571  -4.391  1.00 33.69 ? 140 SER A C   1 
ATOM   1189 O  O   . SER A 1 141 ? 20.000  -8.542  -5.618  1.00 35.19 ? 140 SER A O   1 
ATOM   1190 C  CB  . SER A 1 141 ? 17.771  -9.687  -4.001  1.00 26.43 ? 140 SER A CB  1 
ATOM   1191 O  OG  . SER A 1 141 ? 16.596  -9.600  -3.209  1.00 24.38 ? 140 SER A OG  1 
ATOM   1192 N  N   . THR A 1 142 ? 21.116  -8.532  -3.660  1.00 41.22 ? 141 THR A N   1 
ATOM   1193 C  CA  . THR A 1 142 ? 22.426  -8.270  -4.259  1.00 45.35 ? 141 THR A CA  1 
ATOM   1194 C  C   . THR A 1 142 ? 22.587  -6.768  -4.507  1.00 47.44 ? 141 THR A C   1 
ATOM   1195 O  O   . THR A 1 142 ? 22.578  -6.317  -5.657  1.00 50.35 ? 141 THR A O   1 
HETATM 1196 S  S   . SO4 B 2 .   ? -8.148  -8.439  5.261   1.00 22.66 ? 142 SO4 A S   1 
HETATM 1197 O  O1  . SO4 B 2 .   ? -9.378  -8.762  4.566   1.00 37.27 ? 142 SO4 A O1  1 
HETATM 1198 O  O2  . SO4 B 2 .   ? -7.196  -8.231  4.169   1.00 24.05 ? 142 SO4 A O2  1 
HETATM 1199 O  O3  . SO4 B 2 .   ? -8.549  -7.241  5.920   1.00 20.42 ? 142 SO4 A O3  1 
HETATM 1200 O  O4  . SO4 B 2 .   ? -7.607  -9.554  6.024   1.00 24.81 ? 142 SO4 A O4  1 
HETATM 1201 S  S   . SO4 C 2 .   ? 11.617  1.056   18.050  0.33 17.39 ? 143 SO4 A S   1 
HETATM 1202 O  O1  . SO4 C 2 .   ? 12.089  0.269   19.214  0.33 16.18 ? 143 SO4 A O1  1 
HETATM 1203 O  O2  . SO4 C 2 .   ? 11.621  0.224   16.823  0.33 16.08 ? 143 SO4 A O2  1 
HETATM 1204 O  O3  . SO4 C 2 .   ? 10.263  1.602   18.304  0.33 15.91 ? 143 SO4 A O3  1 
HETATM 1205 O  O4  . SO4 C 2 .   ? 12.537  2.178   17.848  0.33 19.27 ? 143 SO4 A O4  1 
HETATM 1206 C  C1  . UNL D 3 .   ? -20.342 -7.560  12.131  1.00 17.79 ? 300 UNL A C1  1 
HETATM 1207 C  C2  . UNL D 3 .   ? -20.468 -7.690  13.331  1.00 21.40 ? 300 UNL A C2  1 
HETATM 1208 C  C3  . UNL D 3 .   ? -21.590 -7.059  13.956  1.00 18.66 ? 300 UNL A C3  1 
HETATM 1209 C  C1  . EDO E 4 .   ? -1.038  -2.513  -3.174  1.00 25.84 ? 301 EDO A C1  1 
HETATM 1210 O  O1  . EDO E 4 .   ? 0.222   -2.706  -2.501  1.00 23.53 ? 301 EDO A O1  1 
HETATM 1211 C  C2  . EDO E 4 .   ? -0.921  -2.780  -4.646  1.00 27.34 ? 301 EDO A C2  1 
HETATM 1212 O  O2  . EDO E 4 .   ? -0.728  -4.174  -4.909  1.00 31.43 ? 301 EDO A O2  1 
HETATM 1213 C  C1  . EDO F 4 .   ? 2.241   -9.790  4.600   1.00 34.08 ? 302 EDO A C1  1 
HETATM 1214 O  O1  . EDO F 4 .   ? 3.167   -9.154  3.734   1.00 38.97 ? 302 EDO A O1  1 
HETATM 1215 C  C2  . EDO F 4 .   ? 2.417   -9.337  6.041   1.00 32.12 ? 302 EDO A C2  1 
HETATM 1216 O  O2  . EDO F 4 .   ? 3.099   -10.333 6.838   1.00 24.21 ? 302 EDO A O2  1 
HETATM 1217 C  C1  . EDO G 4 .   ? 15.240  14.814  -0.394  1.00 45.88 ? 303 EDO A C1  1 
HETATM 1218 O  O1  . EDO G 4 .   ? 13.931  15.378  -0.528  1.00 51.60 ? 303 EDO A O1  1 
HETATM 1219 C  C2  . EDO G 4 .   ? 15.145  13.313  -0.613  1.00 41.69 ? 303 EDO A C2  1 
HETATM 1220 O  O2  . EDO G 4 .   ? 15.264  12.631  0.635   1.00 45.94 ? 303 EDO A O2  1 
HETATM 1221 C  C1  . EDO H 4 .   ? 19.273  4.609   -11.441 1.00 35.79 ? 304 EDO A C1  1 
HETATM 1222 O  O1  . EDO H 4 .   ? 20.174  4.561   -10.319 1.00 33.01 ? 304 EDO A O1  1 
HETATM 1223 C  C2  . EDO H 4 .   ? 19.401  3.330   -12.238 1.00 35.59 ? 304 EDO A C2  1 
HETATM 1224 O  O2  . EDO H 4 .   ? 18.217  2.515   -12.203 1.00 40.19 ? 304 EDO A O2  1 
HETATM 1225 C  C1  . EDO I 4 .   ? 20.587  3.144   -17.630 1.00 49.48 ? 305 EDO A C1  1 
HETATM 1226 O  O1  . EDO I 4 .   ? 20.440  3.001   -16.216 1.00 48.02 ? 305 EDO A O1  1 
HETATM 1227 C  C2  . EDO I 4 .   ? 19.692  2.136   -18.349 1.00 54.96 ? 305 EDO A C2  1 
HETATM 1228 O  O2  . EDO I 4 .   ? 19.044  2.765   -19.466 1.00 58.35 ? 305 EDO A O2  1 
HETATM 1229 O  O   . HOH J 5 .   ? 0.215   6.159   11.074  1.00 11.41 ? 306 HOH A O   1 
HETATM 1230 O  O   . HOH J 5 .   ? 1.487   10.158  6.076   1.00 10.54 ? 307 HOH A O   1 
HETATM 1231 O  O   . HOH J 5 .   ? 14.212  1.664   -4.917  1.00 12.49 ? 308 HOH A O   1 
HETATM 1232 O  O   . HOH J 5 .   ? -8.166  -7.762  8.827   1.00 12.90 ? 309 HOH A O   1 
HETATM 1233 O  O   . HOH J 5 .   ? 1.118   7.357   8.624   1.00 12.57 ? 310 HOH A O   1 
HETATM 1234 O  O   . HOH J 5 .   ? 19.604  1.050   5.584   1.00 13.89 ? 311 HOH A O   1 
HETATM 1235 O  O   . HOH J 5 .   ? 7.364   6.483   13.005  1.00 12.77 ? 312 HOH A O   1 
HETATM 1236 O  O   . HOH J 5 .   ? 3.710   -1.974  16.585  1.00 12.17 ? 313 HOH A O   1 
HETATM 1237 O  O   . HOH J 5 .   ? 9.417   -11.408 9.039   1.00 14.28 ? 314 HOH A O   1 
HETATM 1238 O  O   . HOH J 5 .   ? 5.153   -4.462  -15.030 1.00 13.33 ? 315 HOH A O   1 
HETATM 1239 O  O   . HOH J 5 .   ? 10.064  -1.875  15.739  1.00 13.19 ? 316 HOH A O   1 
HETATM 1240 O  O   . HOH J 5 .   ? 9.420   3.379   14.429  1.00 14.11 ? 317 HOH A O   1 
HETATM 1241 O  O   . HOH J 5 .   ? 5.285   6.240   17.732  1.00 14.60 ? 318 HOH A O   1 
HETATM 1242 O  O   . HOH J 5 .   ? -8.780  8.499   -3.219  1.00 16.20 ? 319 HOH A O   1 
HETATM 1243 O  O   . HOH J 5 .   ? -7.439  16.974  -7.193  1.00 14.57 ? 320 HOH A O   1 
HETATM 1244 O  O   . HOH J 5 .   ? 3.515   13.014  16.839  1.00 14.59 ? 321 HOH A O   1 
HETATM 1245 O  O   . HOH J 5 .   ? 14.803  4.397   -12.857 1.00 15.75 ? 322 HOH A O   1 
HETATM 1246 O  O   . HOH J 5 .   ? 3.553   11.453  -1.832  1.00 13.67 ? 323 HOH A O   1 
HETATM 1247 O  O   . HOH J 5 .   ? -10.291 3.307   -14.694 1.00 16.14 ? 324 HOH A O   1 
HETATM 1248 O  O   . HOH J 5 .   ? 1.398   -1.108  -6.399  1.00 16.83 ? 325 HOH A O   1 
HETATM 1249 O  O   . HOH J 5 .   ? -8.974  8.603   -10.761 1.00 15.55 ? 326 HOH A O   1 
HETATM 1250 O  O   . HOH J 5 .   ? -2.567  5.806   -20.282 1.00 14.68 ? 327 HOH A O   1 
HETATM 1251 O  O   . HOH J 5 .   ? 3.698   -0.868  19.237  1.00 13.13 ? 328 HOH A O   1 
HETATM 1252 O  O   . HOH J 5 .   ? -9.361  9.302   5.016   1.00 16.51 ? 329 HOH A O   1 
HETATM 1253 O  O   . HOH J 5 .   ? 4.429   14.519  -3.041  1.00 15.00 ? 330 HOH A O   1 
HETATM 1254 O  O   . HOH J 5 .   ? 2.938   12.447  8.938   1.00 16.51 ? 331 HOH A O   1 
HETATM 1255 O  O   . HOH J 5 .   ? 7.967   14.917  -0.637  1.00 17.17 ? 332 HOH A O   1 
HETATM 1256 O  O   . HOH J 5 .   ? 6.962   -4.445  16.043  1.00 16.23 ? 333 HOH A O   1 
HETATM 1257 O  O   . HOH J 5 .   ? 5.297   -9.573  8.193   1.00 17.30 ? 334 HOH A O   1 
HETATM 1258 O  O   . HOH J 5 .   ? 7.904   10.715  8.138   1.00 17.24 ? 335 HOH A O   1 
HETATM 1259 O  O   . HOH J 5 .   ? 7.436   -14.537 8.179   1.00 19.32 ? 336 HOH A O   1 
HETATM 1260 O  O   . HOH J 5 .   ? 0.609   -2.269  -20.466 1.00 15.89 ? 337 HOH A O   1 
HETATM 1261 O  O   . HOH J 5 .   ? 11.156  1.347   14.429  1.00 15.83 ? 338 HOH A O   1 
HETATM 1262 O  O   . HOH J 5 .   ? 16.485  7.417   5.330   1.00 20.95 ? 339 HOH A O   1 
HETATM 1263 O  O   . HOH J 5 .   ? 16.371  -5.436  4.566   1.00 16.63 ? 340 HOH A O   1 
HETATM 1264 O  O   . HOH J 5 .   ? 16.085  -10.994 6.087   1.00 16.68 ? 341 HOH A O   1 
HETATM 1265 O  O   . HOH J 5 .   ? -10.724 -6.015  4.582   1.00 21.48 ? 342 HOH A O   1 
HETATM 1266 O  O   . HOH J 5 .   ? 8.645   7.258   15.329  1.00 17.15 ? 343 HOH A O   1 
HETATM 1267 O  O   . HOH J 5 .   ? -11.583 3.607   7.316   1.00 19.21 ? 344 HOH A O   1 
HETATM 1268 O  O   . HOH J 5 .   ? -14.063 5.530   1.394   1.00 20.30 ? 345 HOH A O   1 
HETATM 1269 O  O   . HOH J 5 .   ? -5.963  -3.225  -20.482 1.00 20.81 ? 346 HOH A O   1 
HETATM 1270 O  O   . HOH J 5 .   ? 3.968   0.251   -24.053 1.00 18.91 ? 347 HOH A O   1 
HETATM 1271 O  O   . HOH J 5 .   ? 13.488  -1.305  15.388  1.00 16.25 ? 348 HOH A O   1 
HETATM 1272 O  O   . HOH J 5 .   ? -4.448  10.591  11.055  1.00 22.37 ? 349 HOH A O   1 
HETATM 1273 O  O   . HOH J 5 .   ? -6.857  -7.891  15.622  1.00 20.62 ? 350 HOH A O   1 
HETATM 1274 O  O   . HOH J 5 .   ? -3.531  10.001  14.122  1.00 20.37 ? 351 HOH A O   1 
HETATM 1275 O  O   . HOH J 5 .   ? 3.495   -2.682  -3.621  1.00 21.66 ? 352 HOH A O   1 
HETATM 1276 O  O   . HOH J 5 .   ? -2.524  -5.741  18.432  1.00 22.33 ? 353 HOH A O   1 
HETATM 1277 O  O   . HOH J 5 .   ? -3.483  13.298  6.340   1.00 20.12 ? 354 HOH A O   1 
HETATM 1278 O  O   . HOH J 5 .   ? -11.505 -8.899  6.303   1.00 24.77 ? 355 HOH A O   1 
HETATM 1279 O  O   . HOH J 5 .   ? -1.578  10.211  -15.170 1.00 22.45 ? 356 HOH A O   1 
HETATM 1280 O  O   . HOH J 5 .   ? -8.207  16.129  -2.970  1.00 23.36 ? 357 HOH A O   1 
HETATM 1281 O  O   . HOH J 5 .   ? 4.543   1.095   -14.614 1.00 19.97 ? 358 HOH A O   1 
HETATM 1282 O  O   . HOH J 5 .   ? 14.466  -6.762  -4.194  1.00 20.99 ? 359 HOH A O   1 
HETATM 1283 O  O   . HOH J 5 .   ? -2.569  12.122  -13.856 1.00 24.59 ? 360 HOH A O   1 
HETATM 1284 O  O   . HOH J 5 .   ? 9.990   -1.153  -3.344  1.00 24.09 ? 361 HOH A O   1 
HETATM 1285 O  O   . HOH J 5 .   ? -10.459 17.133  -10.349 1.00 21.40 ? 362 HOH A O   1 
HETATM 1286 O  O   . HOH J 5 .   ? -0.933  -8.647  3.628   1.00 21.10 ? 363 HOH A O   1 
HETATM 1287 O  O   . HOH J 5 .   ? -9.544  5.411   13.006  1.00 23.82 ? 364 HOH A O   1 
HETATM 1288 O  O   . HOH J 5 .   ? 15.304  -9.782  3.703   1.00 21.51 ? 365 HOH A O   1 
HETATM 1289 O  O   . HOH J 5 .   ? -7.535  -12.438 12.508  1.00 23.94 ? 366 HOH A O   1 
HETATM 1290 O  O   . HOH J 5 .   ? 7.103   -1.849  18.287  1.00 20.02 ? 367 HOH A O   1 
HETATM 1291 O  O   . HOH J 5 .   ? -2.812  -6.128  -2.042  1.00 21.94 ? 368 HOH A O   1 
HETATM 1292 O  O   . HOH J 5 .   ? -1.945  11.200  -18.183 1.00 24.75 ? 369 HOH A O   1 
HETATM 1293 O  O   . HOH J 5 .   ? -0.255  -5.889  -1.234  1.00 22.10 ? 370 HOH A O   1 
HETATM 1294 O  O   . HOH J 5 .   ? 9.266   7.709   11.365  1.00 20.46 ? 371 HOH A O   1 
HETATM 1295 O  O   . HOH J 5 .   ? -0.376  -7.094  17.222  1.00 22.75 ? 372 HOH A O   1 
HETATM 1296 O  O   . HOH J 5 .   ? -5.444  -1.979  2.496   1.00 21.95 ? 373 HOH A O   1 
HETATM 1297 O  O   . HOH J 5 .   ? -3.655  -2.881  4.417   1.00 23.64 ? 374 HOH A O   1 
HETATM 1298 O  O   . HOH J 5 .   ? 4.070   14.250  0.985   1.00 30.28 ? 375 HOH A O   1 
HETATM 1299 O  O   . HOH J 5 .   ? 1.363   14.388  16.002  1.00 22.91 ? 376 HOH A O   1 
HETATM 1300 O  O   . HOH J 5 .   ? -1.632  11.649  15.676  1.00 23.38 ? 377 HOH A O   1 
HETATM 1301 O  O   . HOH J 5 .   ? 12.047  6.840   12.366  1.00 23.89 ? 378 HOH A O   1 
HETATM 1302 O  O   . HOH J 5 .   ? -1.536  15.052  3.068   1.00 29.20 ? 379 HOH A O   1 
HETATM 1303 O  O   . HOH J 5 .   ? 8.181   -0.403  -1.791  1.00 27.92 ? 380 HOH A O   1 
HETATM 1304 O  O   . HOH J 5 .   ? -13.736 -7.918  12.601  1.00 23.14 ? 381 HOH A O   1 
HETATM 1305 O  O   . HOH J 5 .   ? 15.081  4.776   10.123  1.00 26.74 ? 382 HOH A O   1 
HETATM 1306 O  O   . HOH J 5 .   ? 19.402  -4.683  1.873   1.00 26.81 ? 383 HOH A O   1 
HETATM 1307 O  O   . HOH J 5 .   ? -1.715  -6.857  -4.427  1.00 28.52 ? 384 HOH A O   1 
HETATM 1308 O  O   . HOH J 5 .   ? 4.445   -10.920 -1.549  1.00 27.52 ? 385 HOH A O   1 
HETATM 1309 O  O   . HOH J 5 .   ? -19.769 -4.966  15.261  1.00 33.00 ? 386 HOH A O   1 
HETATM 1310 O  O   . HOH J 5 .   ? -5.863  17.709  -2.947  1.00 26.41 ? 387 HOH A O   1 
HETATM 1311 O  O   . HOH J 5 .   ? -0.332  13.713  -13.583 1.00 24.07 ? 388 HOH A O   1 
HETATM 1312 O  O   . HOH J 5 .   ? -6.804  7.244   14.210  1.00 26.21 ? 389 HOH A O   1 
HETATM 1313 O  O   . HOH J 5 .   ? -10.764 17.289  -0.617  1.00 29.01 ? 390 HOH A O   1 
HETATM 1314 O  O   . HOH J 5 .   ? -13.621 3.494   -4.351  1.00 29.40 ? 391 HOH A O   1 
HETATM 1315 O  O   . HOH J 5 .   ? -5.987  11.054  7.949   1.00 27.68 ? 392 HOH A O   1 
HETATM 1316 O  O   . HOH J 5 .   ? 16.306  1.238   -13.596 1.00 27.17 ? 393 HOH A O   1 
HETATM 1317 O  O   . HOH J 5 .   ? -11.737 -4.120  -12.745 1.00 32.99 ? 394 HOH A O   1 
HETATM 1318 O  O   . HOH J 5 .   ? -6.010  -12.066 -9.606  1.00 36.52 ? 395 HOH A O   1 
HETATM 1319 O  O   . HOH J 5 .   ? -12.683 5.854   5.883   1.00 24.29 ? 396 HOH A O   1 
HETATM 1320 O  O   . HOH J 5 .   ? 13.155  10.678  8.821   1.00 33.11 ? 397 HOH A O   1 
HETATM 1321 O  O   . HOH J 5 .   ? 19.905  5.240   1.340   1.00 30.37 ? 398 HOH A O   1 
HETATM 1322 O  O   . HOH J 5 .   ? 17.358  6.941   -2.139  1.00 32.40 ? 399 HOH A O   1 
HETATM 1323 O  O   . HOH J 5 .   ? -1.024  -9.802  -5.120  1.00 33.19 ? 400 HOH A O   1 
HETATM 1324 O  O   . HOH J 5 .   ? 13.790  11.340  4.266   1.00 31.84 ? 401 HOH A O   1 
HETATM 1325 O  O   . HOH J 5 .   ? 14.326  -5.179  -15.544 1.00 28.71 ? 402 HOH A O   1 
HETATM 1326 O  O   . HOH J 5 .   ? 5.014   12.295  4.274   1.00 29.74 ? 403 HOH A O   1 
HETATM 1327 O  O   . HOH J 5 .   ? 6.869   -14.679 4.177   1.00 32.89 ? 404 HOH A O   1 
HETATM 1328 O  O   . HOH J 5 .   ? -5.909  19.006  -0.799  1.00 33.70 ? 405 HOH A O   1 
HETATM 1329 O  O   . HOH J 5 .   ? -11.604 8.347   -4.308  1.00 29.19 ? 406 HOH A O   1 
HETATM 1330 O  O   . HOH J 5 .   ? 3.683   2.574   -16.700 1.00 28.08 ? 407 HOH A O   1 
HETATM 1331 O  O   . HOH J 5 .   ? -2.466  13.083  10.260  1.00 37.37 ? 408 HOH A O   1 
HETATM 1332 O  O   . HOH J 5 .   ? -6.925  -0.840  24.091  1.00 30.23 ? 409 HOH A O   1 
HETATM 1333 O  O   . HOH J 5 .   ? -9.056  -4.123  0.923   1.00 30.31 ? 410 HOH A O   1 
HETATM 1334 O  O   . HOH J 5 .   ? -13.934 1.931   7.165   1.00 29.62 ? 411 HOH A O   1 
HETATM 1335 O  O   . HOH J 5 .   ? -10.179 -1.155  -18.631 1.00 31.50 ? 412 HOH A O   1 
HETATM 1336 O  O   . HOH J 5 .   ? -12.382 -7.994  14.841  1.00 29.78 ? 413 HOH A O   1 
HETATM 1337 O  O   . HOH J 5 .   ? 11.955  -13.183 1.917   1.00 28.01 ? 414 HOH A O   1 
HETATM 1338 O  O   . HOH J 5 .   ? 11.588  -10.535 -4.830  1.00 33.57 ? 415 HOH A O   1 
HETATM 1339 O  O   . HOH J 5 .   ? 14.381  -0.331  12.901  1.00 15.69 ? 416 HOH A O   1 
HETATM 1340 O  O   . HOH J 5 .   ? -8.179  -11.602 -8.031  1.00 32.54 ? 417 HOH A O   1 
HETATM 1341 O  O   . HOH J 5 .   ? -9.820  0.781   -23.372 1.00 37.80 ? 418 HOH A O   1 
HETATM 1342 O  O   . HOH J 5 .   ? -14.254 -7.995  -7.744  1.00 43.92 ? 419 HOH A O   1 
HETATM 1343 O  O   . HOH J 5 .   ? 2.933   3.796   -2.911  1.00 26.08 ? 420 HOH A O   1 
HETATM 1344 O  O   . HOH J 5 .   ? 16.506  5.178   8.228   1.00 30.17 ? 421 HOH A O   1 
HETATM 1345 O  O   . HOH J 5 .   ? 8.956   1.158   1.386   1.00 35.05 ? 422 HOH A O   1 
HETATM 1346 O  O   . HOH J 5 .   ? 14.846  9.541   5.568   1.00 31.42 ? 423 HOH A O   1 
HETATM 1347 O  O   . HOH J 5 .   ? -13.607 -1.876  -11.088 1.00 30.20 ? 424 HOH A O   1 
HETATM 1348 O  O   . HOH J 5 .   ? -12.535 12.191  4.472   1.00 35.68 ? 425 HOH A O   1 
HETATM 1349 O  O   . HOH J 5 .   ? -15.571 -0.806  12.690  1.00 39.75 ? 426 HOH A O   1 
HETATM 1350 O  O   . HOH J 5 .   ? -14.844 7.594   -0.394  1.00 34.55 ? 427 HOH A O   1 
HETATM 1351 O  O   . HOH J 5 .   ? -12.168 3.674   -12.486 1.00 31.72 ? 428 HOH A O   1 
HETATM 1352 O  O   . HOH J 5 .   ? -4.892  -7.049  22.196  1.00 32.25 ? 429 HOH A O   1 
HETATM 1353 O  O   . HOH J 5 .   ? -10.135 -5.048  16.257  1.00 37.43 ? 430 HOH A O   1 
HETATM 1354 O  O   . HOH J 5 .   ? -14.638 13.663  -3.539  1.00 45.61 ? 431 HOH A O   1 
HETATM 1355 O  O   . HOH J 5 .   ? -8.820  6.163   15.760  1.00 45.44 ? 432 HOH A O   1 
HETATM 1356 O  O   . HOH J 5 .   ? -8.593  -10.710 -5.546  1.00 37.18 ? 433 HOH A O   1 
HETATM 1357 O  O   . HOH J 5 .   ? -14.532 3.153   0.153   1.00 34.88 ? 434 HOH A O   1 
HETATM 1358 O  O   . HOH J 5 .   ? -10.345 -10.626 19.197  1.00 45.03 ? 435 HOH A O   1 
HETATM 1359 O  O   . HOH J 5 .   ? 5.079   -0.633  -4.262  1.00 41.55 ? 436 HOH A O   1 
HETATM 1360 O  O   . HOH J 5 .   ? -6.260  -3.684  0.348   1.00 28.14 ? 437 HOH A O   1 
HETATM 1361 O  O   . HOH J 5 .   ? 14.283  -12.132 2.513   1.00 32.63 ? 438 HOH A O   1 
HETATM 1362 O  O   . HOH J 5 .   ? 0.579   -7.912  1.515   1.00 34.65 ? 439 HOH A O   1 
HETATM 1363 O  O   . HOH J 5 .   ? -19.817 -7.822  17.584  1.00 42.94 ? 440 HOH A O   1 
HETATM 1364 O  O   . HOH J 5 .   ? -3.785  -6.071  2.938   1.00 41.59 ? 441 HOH A O   1 
HETATM 1365 O  O   . HOH J 5 .   ? -1.838  -8.314  -20.396 1.00 37.37 ? 442 HOH A O   1 
HETATM 1366 O  O   . HOH J 5 .   ? -17.683 -2.228  -5.057  1.00 37.28 ? 443 HOH A O   1 
HETATM 1367 O  O   . HOH J 5 .   ? 3.775   14.096  12.938  1.00 39.84 ? 444 HOH A O   1 
HETATM 1368 O  O   . HOH J 5 .   ? -12.769 13.402  1.141   1.00 40.43 ? 445 HOH A O   1 
HETATM 1369 O  O   . HOH J 5 .   ? 19.967  -4.045  -0.638  1.00 33.98 ? 446 HOH A O   1 
HETATM 1370 O  O   . HOH J 5 .   ? 17.900  -10.062 -7.741  1.00 49.69 ? 447 HOH A O   1 
HETATM 1371 O  O   . HOH J 5 .   ? -9.956  -11.864 4.227   1.00 49.42 ? 448 HOH A O   1 
HETATM 1372 O  O   . HOH J 5 .   ? 4.378   -13.342 2.805   1.00 39.76 ? 449 HOH A O   1 
HETATM 1373 O  O   . HOH J 5 .   ? 2.182   12.581  5.083   1.00 36.51 ? 450 HOH A O   1 
HETATM 1374 O  O   . HOH J 5 .   ? 3.583   -9.498  -5.380  1.00 47.20 ? 451 HOH A O   1 
HETATM 1375 O  O   . HOH J 5 .   ? -3.636  -4.548  -19.877 1.00 21.60 ? 452 HOH A O   1 
HETATM 1376 O  O   . HOH J 5 .   ? -7.264  8.928   6.886   1.00 23.84 ? 453 HOH A O   1 
HETATM 1377 O  O   . HOH J 5 .   ? 10.839  5.621   14.576  1.00 20.33 ? 454 HOH A O   1 
HETATM 1378 O  O   . HOH J 5 .   ? 19.570  2.714   1.382   1.00 24.47 ? 455 HOH A O   1 
HETATM 1379 O  O   . HOH J 5 .   ? -9.821  18.308  -7.814  1.00 22.90 ? 456 HOH A O   1 
HETATM 1380 O  O   . HOH J 5 .   ? 13.505  2.196   13.118  1.00 22.35 ? 457 HOH A O   1 
HETATM 1381 O  O   . HOH J 5 .   ? 21.171  1.661   3.423   1.00 22.86 ? 458 HOH A O   1 
HETATM 1382 O  O   . HOH J 5 .   ? -11.453 8.143   6.495   1.00 24.89 ? 459 HOH A O   1 
HETATM 1383 O  O   . HOH J 5 .   ? -12.520 3.157   -16.424 1.00 25.77 ? 460 HOH A O   1 
HETATM 1384 O  O   . HOH J 5 .   ? -4.693  -6.245  -17.871 1.00 24.22 ? 461 HOH A O   1 
HETATM 1385 O  O   . HOH J 5 .   ? 8.194   10.124  10.849  1.00 28.69 ? 462 HOH A O   1 
HETATM 1386 O  O   . HOH J 5 .   ? 19.106  1.679   12.412  1.00 25.58 ? 463 HOH A O   1 
HETATM 1387 O  O   . HOH J 5 .   ? 20.212  2.394   7.922   1.00 26.00 ? 464 HOH A O   1 
HETATM 1388 O  O   . HOH J 5 .   ? -6.664  -8.028  18.390  1.00 28.83 ? 465 HOH A O   1 
HETATM 1389 O  O   . HOH J 5 .   ? -1.222  14.420  5.739   1.00 29.51 ? 466 HOH A O   1 
HETATM 1390 O  O   . HOH J 5 .   ? 0.228   -8.933  -1.115  1.00 29.48 ? 467 HOH A O   1 
HETATM 1391 O  O   . HOH J 5 .   ? 19.929  -2.174  -2.183  1.00 32.14 ? 468 HOH A O   1 
HETATM 1392 O  O   . HOH J 5 .   ? 16.250  -0.167  -16.215 1.00 36.19 ? 469 HOH A O   1 
HETATM 1393 O  O   . HOH J 5 .   ? 4.231   13.349  6.800   1.00 32.14 ? 470 HOH A O   1 
HETATM 1394 O  O   . HOH J 5 .   ? 20.366  0.412   -6.290  1.00 37.67 ? 471 HOH A O   1 
HETATM 1395 O  O   . HOH J 5 .   ? -16.613 -0.878  10.070  1.00 41.51 ? 472 HOH A O   1 
HETATM 1396 O  O   . HOH J 5 .   ? 18.793  4.405   8.532   1.00 35.13 ? 473 HOH A O   1 
HETATM 1397 O  O   . HOH J 5 .   ? 11.339  9.182   12.755  1.00 41.47 ? 474 HOH A O   1 
HETATM 1398 O  O   . HOH J 5 .   ? -4.147  -7.423  19.581  1.00 34.27 ? 475 HOH A O   1 
HETATM 1399 O  O   . HOH J 5 .   ? -2.413  -5.981  -21.723 1.00 33.81 ? 476 HOH A O   1 
HETATM 1400 O  O   . HOH J 5 .   ? -7.256  -3.231  -23.036 1.00 42.04 ? 477 HOH A O   1 
HETATM 1401 O  O   . HOH J 5 .   ? -15.797 -5.657  -8.227  1.00 44.29 ? 478 HOH A O   1 
HETATM 1402 O  O   . HOH J 5 .   ? 6.195   0.445   -25.930 1.00 38.72 ? 479 HOH A O   1 
HETATM 1403 O  O   . HOH J 5 .   ? 7.697   -13.232 -6.862  1.00 35.84 ? 480 HOH A O   1 
HETATM 1404 O  O   . HOH J 5 .   ? -11.671 17.192  -5.860  1.00 28.99 ? 481 HOH A O   1 
HETATM 1405 O  O   . HOH J 5 .   ? -10.208 17.836  -3.985  1.00 32.25 ? 482 HOH A O   1 
HETATM 1406 O  O   . HOH J 5 .   ? -7.491  12.995  6.884   1.00 37.33 ? 483 HOH A O   1 
HETATM 1407 O  O   . HOH J 5 .   ? 21.277  6.421   2.888   1.00 47.27 ? 484 HOH A O   1 
HETATM 1408 O  O   . HOH J 5 .   ? -10.939 5.055   9.359   1.00 35.92 ? 485 HOH A O   1 
HETATM 1409 O  O   . HOH J 5 .   ? -13.472 10.016  6.274   1.00 45.02 ? 486 HOH A O   1 
HETATM 1410 O  O   . HOH J 5 .   ? -15.034 5.947   4.160   1.00 39.84 ? 487 HOH A O   1 
HETATM 1411 O  O   . HOH J 5 .   ? -13.938 -0.088  8.995   1.00 38.59 ? 488 HOH A O   1 
HETATM 1412 O  O   . HOH J 5 .   ? -4.280  -7.955  -0.681  1.00 35.91 ? 489 HOH A O   1 
HETATM 1413 O  O   . HOH J 5 .   ? 20.541  -7.859  -0.351  1.00 43.24 ? 490 HOH A O   1 
HETATM 1414 O  O   . HOH J 5 .   ? -3.892  -9.070  -18.769 1.00 48.40 ? 491 HOH A O   1 
HETATM 1415 O  O   . HOH J 5 .   ? -8.224  -5.104  -20.459 1.00 40.11 ? 492 HOH A O   1 
HETATM 1416 O  O   . HOH J 5 .   ? 14.632  -9.989  -4.745  1.00 45.47 ? 493 HOH A O   1 
HETATM 1417 O  O   . HOH J 5 .   ? 7.177   12.012  12.078  1.00 38.65 ? 494 HOH A O   1 
HETATM 1418 O  O   . HOH J 5 .   ? 18.956  -11.060 2.688   1.00 41.76 ? 495 HOH A O   1 
HETATM 1419 O  O   . HOH J 5 .   ? -9.729  -6.593  -13.165 1.00 44.09 ? 496 HOH A O   1 
HETATM 1420 O  O   . HOH J 5 .   ? 15.234  -7.577  -12.052 1.00 44.62 ? 497 HOH A O   1 
HETATM 1421 O  O   . HOH J 5 .   ? -14.169 9.631   -2.797  1.00 48.38 ? 498 HOH A O   1 
HETATM 1422 O  O   . HOH J 5 .   ? 20.361  1.117   -9.054  1.00 43.57 ? 499 HOH A O   1 
HETATM 1423 O  O   . HOH J 5 .   ? -12.579 0.599   -17.857 1.00 46.88 ? 500 HOH A O   1 
HETATM 1424 O  O   . HOH J 5 .   ? -19.185 -0.595  4.209   1.00 43.30 ? 501 HOH A O   1 
HETATM 1425 O  O   . HOH J 5 .   ? -5.295  -6.382  1.080   1.00 35.56 ? 502 HOH A O   1 
HETATM 1426 O  O   . HOH J 5 .   ? 2.879   -4.191  -5.768  1.00 42.62 ? 503 HOH A O   1 
HETATM 1427 O  O   . HOH J 5 .   ? -14.417 1.659   -12.438 1.00 44.11 ? 504 HOH A O   1 
HETATM 1428 O  O   . HOH J 5 .   ? -8.169  8.056   9.200   1.00 39.28 ? 505 HOH A O   1 
HETATM 1429 O  O   . HOH J 5 .   ? 11.224  11.241  10.400  1.00 44.58 ? 506 HOH A O   1 
HETATM 1430 O  O   . HOH J 5 .   ? -12.697 15.952  0.958   1.00 39.98 ? 507 HOH A O   1 
HETATM 1431 O  O   . HOH J 5 .   ? -9.360  -6.340  19.001  1.00 49.04 ? 508 HOH A O   1 
HETATM 1432 O  O   . HOH J 5 .   ? -15.456 -0.529  -12.189 1.00 46.02 ? 509 HOH A O   1 
HETATM 1433 O  O   . HOH J 5 .   ? -8.650  -5.680  22.922  1.00 42.16 ? 510 HOH A O   1 
HETATM 1434 O  O   . HOH J 5 .   ? -14.331 16.096  -2.929  1.00 48.78 ? 511 HOH A O   1 
HETATM 1435 O  O   . HOH J 5 .   ? 7.958   13.348  8.037   1.00 49.50 ? 512 HOH A O   1 
HETATM 1436 O  O   . HOH J 5 .   ? 1.657   -5.088  -3.207  1.00 47.68 ? 513 HOH A O   1 
HETATM 1437 O  O   . HOH J 5 .   ? 18.054  4.116   11.843  1.00 38.40 ? 514 HOH A O   1 
HETATM 1438 O  O   . HOH J 5 .   ? 7.568   -13.464 0.710   1.00 61.23 ? 515 HOH A O   1 
HETATM 1439 O  O   . HOH J 5 .   ? 20.541  -2.679  -5.370  1.00 45.45 ? 516 HOH A O   1 
HETATM 1440 O  O   . HOH J 5 .   ? 1.160   -8.687  18.874  1.00 41.70 ? 517 HOH A O   1 
HETATM 1441 O  O   . HOH J 5 .   ? -8.708  -8.551  1.323   1.00 55.31 ? 518 HOH A O   1 
HETATM 1442 O  O   . HOH J 5 .   ? -13.361 -4.891  -0.228  1.00 54.54 ? 519 HOH A O   1 
HETATM 1443 O  O   . HOH J 5 .   ? -13.875 6.237   -4.404  1.00 38.65 ? 520 HOH A O   1 
HETATM 1444 O  O   . HOH J 5 .   ? -12.799 1.131   11.022  1.00 50.09 ? 521 HOH A O   1 
HETATM 1445 O  O   . HOH J 5 .   ? -9.362  -0.740  18.647  1.00 53.01 ? 522 HOH A O   1 
HETATM 1446 O  O   . HOH J 5 .   ? 2.065   4.477   -12.551 0.50 26.98 ? 523 HOH A O   1 
HETATM 1447 O  O   . HOH J 5 .   ? 11.943  4.877   16.926  1.00 27.73 ? 524 HOH A O   1 
HETATM 1448 O  O   . HOH J 5 .   ? 8.343   11.974  14.523  1.00 33.78 ? 525 HOH A O   1 
HETATM 1449 O  O   . HOH J 5 .   ? 19.961  1.956   -1.156  1.00 34.04 ? 526 HOH A O   1 
HETATM 1450 O  O   . HOH J 5 .   ? -14.645 2.275   -14.762 1.00 38.53 ? 527 HOH A O   1 
HETATM 1451 O  O   . HOH J 5 .   ? -2.886  -10.109 18.702  1.00 50.32 ? 528 HOH A O   1 
HETATM 1452 O  O   . HOH J 5 .   ? 22.208  -0.721  2.308   1.00 42.56 ? 529 HOH A O   1 
HETATM 1453 O  O   . HOH J 5 .   ? -7.379  -7.029  -18.844 1.00 43.28 ? 530 HOH A O   1 
HETATM 1454 O  O   . HOH J 5 .   ? 20.186  -10.483 -1.138  1.00 46.73 ? 531 HOH A O   1 
HETATM 1455 O  O   . HOH J 5 .   ? 17.403  -7.455  -10.250 1.00 44.25 ? 532 HOH A O   1 
HETATM 1456 O  O   . HOH J 5 .   ? -10.222 -4.439  24.692  1.00 52.02 ? 533 HOH A O   1 
HETATM 1457 O  O   . HOH J 5 .   ? 20.181  -7.256  2.272   1.00 45.54 ? 534 HOH A O   1 
HETATM 1458 O  O   . HOH J 5 .   ? 22.417  -11.182 -3.396  1.00 57.11 ? 535 HOH A O   1 
HETATM 1459 O  O   . HOH J 5 .   ? 19.236  -5.586  -10.339 1.00 50.89 ? 536 HOH A O   1 
HETATM 1460 O  O   . HOH J 5 .   ? 13.895  15.840  2.538   1.00 50.36 ? 537 HOH A O   1 
HETATM 1461 O  O   . HOH J 5 .   ? 16.049  7.956   10.803  1.00 47.60 ? 538 HOH A O   1 
HETATM 1462 O  O   . HOH J 5 .   ? 4.922   12.799  11.236  1.00 41.97 ? 539 HOH A O   1 
HETATM 1463 O  O   . HOH J 5 .   ? -18.465 -6.065  20.200  1.00 49.85 ? 540 HOH A O   1 
HETATM 1464 O  O   . HOH J 5 .   ? 5.959   14.708  1.987   1.00 51.24 ? 541 HOH A O   1 
HETATM 1465 O  O   . HOH J 5 .   ? 18.928  -0.073  -2.375  1.00 35.08 ? 542 HOH A O   1 
HETATM 1466 O  O   . HOH J 5 .   ? 12.008  -6.305  -5.440  1.00 32.00 ? 543 HOH A O   1 
HETATM 1467 O  O   . HOH J 5 .   ? 1.441   3.880   -15.110 1.00 39.76 ? 544 HOH A O   1 
HETATM 1468 O  O   . HOH J 5 .   ? 10.819  -10.809 1.132   1.00 38.81 ? 545 HOH A O   1 
HETATM 1469 O  O   . HOH J 5 .   ? -9.383  10.650  -6.747  1.00 13.71 ? 546 HOH A O   1 
HETATM 1470 O  O   . HOH J 5 .   ? 1.812   -6.018  15.553  1.00 24.01 ? 547 HOH A O   1 
HETATM 1471 O  O   . HOH J 5 .   ? 4.382   -4.979  16.814  1.00 33.21 ? 548 HOH A O   1 
HETATM 1472 O  O   . HOH J 5 .   ? -13.286 -2.226  7.757   1.00 21.31 ? 549 HOH A O   1 
HETATM 1473 O  O   . HOH J 5 .   ? -3.467  -15.288 7.952   1.00 46.11 ? 550 HOH A O   1 
HETATM 1474 O  O   . HOH J 5 .   ? 10.361  -12.434 -0.323  1.00 40.62 ? 551 HOH A O   1 
HETATM 1475 O  O   . HOH J 5 .   ? -13.628 -10.745 14.117  1.00 30.89 ? 552 HOH A O   1 
HETATM 1476 O  O   . HOH J 5 .   ? 17.368  1.293   -10.218 1.00 26.68 ? 553 HOH A O   1 
HETATM 1477 O  O   . HOH J 5 .   ? -5.233  -10.128 3.600   1.00 46.51 ? 554 HOH A O   1 
# 
